data_4RF6
#
_entry.id   4RF6
#
_cell.length_a   77.439
_cell.length_b   58.913
_cell.length_c   162.129
_cell.angle_alpha   90.00
_cell.angle_beta   90.96
_cell.angle_gamma   90.00
#
_symmetry.space_group_name_H-M   'P 1 21 1'
#
loop_
_entity.id
_entity.type
_entity.pdbx_description
1 polymer 'Arginine kinase'
2 water water
#
_entity_poly.entity_id   1
_entity_poly.type   'polypeptide(L)'
_entity_poly.pdbx_seq_one_letter_code
;GPHMADPETAAKFKSKNAFPDPLNDPKCNPKSLVKKYLTPKVFESLKNKKTKLGITLWDCINSGVVNLDSGVGVYAGDEE
SYTLFGPLFDAIIEDYHSPYKLATGHNSDMNPAHVKAPDLDPANRYIRSTRIRVARSLKGYGLAPGVTKAHRLEIEKKVV
GVLTSLTGDLAGKYYPLSGMDEKTRQQLVDDHFLFKKGDRFLEAAGINKEWPEGRGIYHNNDKTFLVWLNEEDHLRIISM
EKGSDIGSVFSRLCRAVNEIDKKLGFQHTKKHGYLTSCPSNLGTGMRASVHVKIPHAKEHPDFENILTKYHIQARGIHGE
HSESTGEDAGVYDISNRRRLGLSEVQCVQDMYDGVKALMELEKEAIAKKRSVFPEVLKNPEVKSLLRKYLTPELFDSLKD
KKTAKGISLYDCINSGVENLDSSCGVYAGDEECYTLFAPLFDKIVEDYHSPYKLANKHTSDMNPEKVDAPNLDPEGTYIR
STRIRVARNVKGYALTPGLTRNERLDIERKVVGVLSSLTGDLAGQYYPLTGMDEATRQKLVNDHFLFKKGDRFLEAAGVN
KLWPEGRGIFHNNDKTFLVWINEEDQLRIISMEKGSDIGSVFGRLCRAVNEIDKQLGFQHTDAHGYLSGCPTNLGTGMRA
SVHVKIPKASAHPDFQKICDEFHIQARGIHGEHSVSTGEDAGVFDISNRRRLGLSEVQCVQDMYNGVKKLLEIEKSTK
;
_entity_poly.pdbx_strand_id   A,B
#
# COMPACT_ATOMS: atom_id res chain seq x y z
N HIS A 3 -24.14 30.81 -68.06
CA HIS A 3 -23.11 30.45 -67.09
C HIS A 3 -22.83 31.61 -66.14
N MET A 4 -23.37 32.77 -66.50
CA MET A 4 -23.59 33.87 -65.58
C MET A 4 -25.02 34.31 -65.91
N ALA A 5 -25.64 35.12 -65.05
CA ALA A 5 -27.00 35.53 -65.31
C ALA A 5 -27.07 36.65 -66.35
N ASP A 6 -27.97 36.52 -67.32
CA ASP A 6 -28.22 37.57 -68.31
C ASP A 6 -29.67 38.04 -68.22
N PRO A 7 -30.01 38.78 -67.15
CA PRO A 7 -31.40 39.23 -66.96
C PRO A 7 -31.85 40.24 -68.03
N GLU A 8 -30.93 41.08 -68.49
CA GLU A 8 -31.26 42.12 -69.46
C GLU A 8 -31.85 41.57 -70.77
N THR A 9 -31.33 40.43 -71.21
CA THR A 9 -31.78 39.79 -72.44
C THR A 9 -33.14 39.11 -72.26
N ALA A 10 -33.34 38.47 -71.11
CA ALA A 10 -34.60 37.82 -70.81
C ALA A 10 -35.74 38.85 -70.73
N ALA A 11 -35.46 39.97 -70.09
CA ALA A 11 -36.45 41.04 -69.92
C ALA A 11 -37.06 41.54 -71.25
N LYS A 12 -36.24 41.60 -72.30
CA LYS A 12 -36.71 42.03 -73.61
C LYS A 12 -37.82 41.12 -74.14
N PHE A 13 -37.65 39.82 -73.94
CA PHE A 13 -38.64 38.85 -74.39
C PHE A 13 -39.84 38.82 -73.44
N LYS A 14 -39.55 38.91 -72.14
CA LYS A 14 -40.61 38.90 -71.13
C LYS A 14 -41.55 40.10 -71.26
N SER A 15 -40.98 41.28 -71.49
CA SER A 15 -41.79 42.49 -71.62
C SER A 15 -42.66 42.48 -72.88
N LYS A 16 -42.30 41.63 -73.84
CA LYS A 16 -43.07 41.48 -75.07
C LYS A 16 -43.96 40.25 -75.01
N ASN A 17 -43.80 39.47 -73.94
CA ASN A 17 -44.50 38.20 -73.77
C ASN A 17 -44.30 37.32 -74.99
N ALA A 18 -43.06 37.28 -75.47
CA ALA A 18 -42.71 36.50 -76.64
C ALA A 18 -41.91 35.26 -76.22
N PHE A 19 -41.87 34.25 -77.09
CA PHE A 19 -41.12 33.03 -76.81
C PHE A 19 -39.67 33.38 -76.50
N PRO A 20 -39.10 32.77 -75.45
CA PRO A 20 -37.72 33.11 -75.10
C PRO A 20 -36.72 32.46 -76.05
N ASP A 21 -36.36 33.19 -77.11
CA ASP A 21 -35.31 32.76 -78.05
C ASP A 21 -34.00 32.22 -77.44
N PRO A 22 -33.51 32.81 -76.32
CA PRO A 22 -32.27 32.29 -75.73
C PRO A 22 -32.31 30.80 -75.34
N LEU A 23 -33.48 30.19 -75.31
CA LEU A 23 -33.56 28.75 -75.07
C LEU A 23 -32.99 28.00 -76.29
N ASN A 24 -32.98 28.69 -77.42
CA ASN A 24 -32.34 28.19 -78.64
C ASN A 24 -30.91 28.71 -78.78
N ASP A 25 -30.38 29.29 -77.70
CA ASP A 25 -28.99 29.75 -77.72
C ASP A 25 -28.04 28.63 -77.36
N PRO A 26 -26.99 28.46 -78.17
CA PRO A 26 -25.98 27.40 -78.05
C PRO A 26 -25.43 27.31 -76.62
N LYS A 27 -25.42 28.43 -75.91
CA LYS A 27 -24.97 28.47 -74.51
C LYS A 27 -25.90 27.70 -73.58
N CYS A 28 -27.17 27.62 -73.95
CA CYS A 28 -28.17 26.96 -73.11
C CYS A 28 -27.80 25.50 -72.83
N ASN A 29 -28.01 25.06 -71.59
CA ASN A 29 -27.83 23.67 -71.22
C ASN A 29 -28.80 22.81 -72.00
N PRO A 30 -28.29 21.91 -72.86
CA PRO A 30 -29.15 21.06 -73.69
C PRO A 30 -29.93 20.06 -72.83
N LYS A 31 -29.59 20.01 -71.55
CA LYS A 31 -30.28 19.15 -70.57
C LYS A 31 -31.31 19.93 -69.77
N SER A 32 -31.42 21.23 -70.08
CA SER A 32 -32.40 22.08 -69.40
C SER A 32 -33.81 21.58 -69.63
N LEU A 33 -34.55 21.37 -68.54
CA LEU A 33 -35.91 20.86 -68.64
C LEU A 33 -36.86 21.90 -69.24
N VAL A 34 -36.63 23.17 -68.96
CA VAL A 34 -37.45 24.22 -69.56
C VAL A 34 -37.21 24.33 -71.06
N LYS A 35 -35.96 24.17 -71.48
CA LYS A 35 -35.63 24.17 -72.90
C LYS A 35 -36.29 22.97 -73.57
N LYS A 36 -36.23 21.85 -72.87
CA LYS A 36 -36.75 20.59 -73.39
C LYS A 36 -38.27 20.60 -73.58
N TYR A 37 -38.98 21.31 -72.70
CA TYR A 37 -40.44 21.23 -72.71
C TYR A 37 -41.21 22.53 -72.95
N LEU A 38 -40.53 23.67 -72.92
CA LEU A 38 -41.17 24.89 -73.38
C LEU A 38 -40.99 25.02 -74.88
N THR A 39 -41.88 24.39 -75.63
CA THR A 39 -41.90 24.45 -77.08
C THR A 39 -42.77 25.65 -77.48
N PRO A 40 -42.59 26.16 -78.72
CA PRO A 40 -43.35 27.34 -79.17
C PRO A 40 -44.85 27.18 -79.01
N LYS A 41 -45.34 25.96 -79.18
CA LYS A 41 -46.77 25.69 -79.05
C LYS A 41 -47.24 25.68 -77.59
N VAL A 42 -46.42 25.11 -76.71
CA VAL A 42 -46.67 25.19 -75.28
C VAL A 42 -46.71 26.65 -74.87
N PHE A 43 -45.75 27.44 -75.37
CA PHE A 43 -45.70 28.86 -75.08
C PHE A 43 -46.95 29.59 -75.58
N GLU A 44 -47.31 29.38 -76.84
CA GLU A 44 -48.50 30.00 -77.43
C GLU A 44 -49.77 29.67 -76.65
N SER A 45 -49.92 28.41 -76.26
CA SER A 45 -51.12 27.94 -75.57
C SER A 45 -51.29 28.56 -74.18
N LEU A 46 -50.18 28.91 -73.54
CA LEU A 46 -50.18 29.28 -72.12
C LEU A 46 -49.78 30.73 -71.82
N LYS A 47 -49.29 31.45 -72.83
CA LYS A 47 -48.71 32.78 -72.59
C LYS A 47 -49.68 33.85 -72.07
N ASN A 48 -50.98 33.63 -72.22
CA ASN A 48 -51.98 34.62 -71.80
C ASN A 48 -52.73 34.25 -70.53
N LYS A 49 -52.46 33.07 -69.99
CA LYS A 49 -53.12 32.59 -68.77
C LYS A 49 -52.45 33.14 -67.51
N LYS A 50 -53.26 33.46 -66.51
CA LYS A 50 -52.75 33.95 -65.23
C LYS A 50 -53.49 33.29 -64.06
N THR A 51 -52.75 32.93 -63.02
CA THR A 51 -53.35 32.35 -61.82
C THR A 51 -54.04 33.44 -61.01
N LYS A 52 -54.75 33.04 -59.95
CA LYS A 52 -55.43 34.00 -59.08
C LYS A 52 -54.45 34.99 -58.48
N LEU A 53 -53.20 34.55 -58.28
CA LEU A 53 -52.18 35.44 -57.71
C LEU A 53 -51.52 36.29 -58.79
N GLY A 54 -51.97 36.11 -60.03
CA GLY A 54 -51.43 36.87 -61.14
C GLY A 54 -50.17 36.26 -61.72
N ILE A 55 -49.90 35.01 -61.36
CA ILE A 55 -48.70 34.33 -61.83
C ILE A 55 -48.83 33.95 -63.31
N THR A 56 -47.87 34.36 -64.13
CA THR A 56 -47.88 34.07 -65.55
C THR A 56 -46.88 32.96 -65.86
N LEU A 57 -46.95 32.45 -67.09
CA LEU A 57 -46.01 31.43 -67.56
C LEU A 57 -44.60 32.01 -67.54
N TRP A 58 -44.47 33.25 -68.00
CA TRP A 58 -43.17 33.93 -68.01
C TRP A 58 -42.57 34.04 -66.60
N ASP A 59 -43.41 34.32 -65.61
CA ASP A 59 -42.95 34.37 -64.23
C ASP A 59 -42.33 33.05 -63.83
N CYS A 60 -42.93 31.96 -64.30
CA CYS A 60 -42.48 30.62 -63.96
C CYS A 60 -41.19 30.22 -64.66
N ILE A 61 -41.04 30.62 -65.91
CA ILE A 61 -39.89 30.19 -66.69
C ILE A 61 -38.72 31.16 -66.63
N ASN A 62 -38.92 32.30 -65.98
CA ASN A 62 -37.93 33.38 -66.03
C ASN A 62 -36.52 32.98 -65.63
N SER A 63 -36.38 32.23 -64.54
CA SER A 63 -35.05 31.87 -64.04
C SER A 63 -34.29 31.01 -65.05
N GLY A 64 -35.01 30.13 -65.73
CA GLY A 64 -34.41 29.24 -66.71
C GLY A 64 -33.96 29.93 -67.99
N VAL A 65 -34.48 31.13 -68.24
CA VAL A 65 -34.06 31.91 -69.40
C VAL A 65 -32.92 32.85 -69.01
N VAL A 66 -33.05 33.46 -67.83
CA VAL A 66 -31.99 34.31 -67.28
C VAL A 66 -30.72 33.48 -67.07
N ASN A 67 -30.91 32.30 -66.48
CA ASN A 67 -29.80 31.38 -66.24
C ASN A 67 -29.88 30.19 -67.19
N LEU A 68 -29.32 30.36 -68.38
CA LEU A 68 -29.41 29.35 -69.44
C LEU A 68 -28.76 28.02 -69.07
N ASP A 69 -27.87 28.05 -68.07
CA ASP A 69 -27.18 26.85 -67.62
C ASP A 69 -28.03 26.01 -66.65
N SER A 70 -29.27 26.42 -66.43
CA SER A 70 -30.17 25.76 -65.47
C SER A 70 -30.37 24.28 -65.79
N GLY A 71 -30.52 23.48 -64.75
CA GLY A 71 -30.87 22.08 -64.91
C GLY A 71 -32.36 21.94 -65.17
N VAL A 72 -33.15 22.57 -64.31
CA VAL A 72 -34.61 22.55 -64.41
C VAL A 72 -35.12 23.81 -65.10
N GLY A 73 -35.01 24.95 -64.42
CA GLY A 73 -35.30 26.24 -65.03
C GLY A 73 -36.71 26.79 -64.92
N VAL A 74 -37.56 26.16 -64.10
CA VAL A 74 -38.86 26.75 -63.77
C VAL A 74 -39.11 26.72 -62.27
N TYR A 75 -39.88 27.70 -61.79
CA TYR A 75 -40.37 27.71 -60.42
C TYR A 75 -41.87 27.99 -60.47
N ALA A 76 -42.62 27.40 -59.53
CA ALA A 76 -44.06 27.66 -59.44
C ALA A 76 -44.35 28.77 -58.45
N GLY A 77 -45.09 29.79 -58.89
CA GLY A 77 -45.38 30.91 -58.02
C GLY A 77 -46.44 30.56 -57.01
N ASP A 78 -47.24 29.54 -57.34
CA ASP A 78 -48.30 29.06 -56.47
C ASP A 78 -48.72 27.65 -56.86
N GLU A 79 -49.62 27.07 -56.08
CA GLU A 79 -50.13 25.73 -56.35
C GLU A 79 -50.84 25.68 -57.69
N GLU A 80 -51.61 26.73 -57.98
CA GLU A 80 -52.39 26.79 -59.21
C GLU A 80 -51.49 26.72 -60.44
N SER A 81 -50.28 27.28 -60.33
CA SER A 81 -49.31 27.25 -61.42
C SER A 81 -49.05 25.82 -61.93
N TYR A 82 -49.02 24.87 -61.00
CA TYR A 82 -48.75 23.48 -61.37
C TYR A 82 -49.83 22.89 -62.27
N THR A 83 -51.04 23.45 -62.18
CA THR A 83 -52.16 22.97 -62.99
C THR A 83 -52.39 23.86 -64.19
N LEU A 84 -52.43 25.17 -63.97
CA LEU A 84 -52.72 26.10 -65.05
C LEU A 84 -51.62 26.02 -66.12
N PHE A 85 -50.39 25.81 -65.67
CA PHE A 85 -49.26 25.63 -66.59
C PHE A 85 -48.82 24.17 -66.61
N GLY A 86 -49.78 23.28 -66.38
CA GLY A 86 -49.57 21.84 -66.41
C GLY A 86 -48.82 21.25 -67.60
N PRO A 87 -49.20 21.64 -68.83
CA PRO A 87 -48.51 21.11 -70.02
C PRO A 87 -46.99 21.30 -69.96
N LEU A 88 -46.55 22.31 -69.22
CA LEU A 88 -45.12 22.52 -69.00
C LEU A 88 -44.63 21.72 -67.78
N PHE A 89 -45.21 22.01 -66.62
CA PHE A 89 -44.79 21.36 -65.37
C PHE A 89 -44.89 19.84 -65.37
N ASP A 90 -45.97 19.30 -65.94
CA ASP A 90 -46.17 17.84 -65.95
C ASP A 90 -45.01 17.11 -66.63
N ALA A 91 -44.63 17.62 -67.80
CA ALA A 91 -43.54 17.03 -68.56
C ALA A 91 -42.23 17.15 -67.77
N ILE A 92 -41.99 18.33 -67.21
CA ILE A 92 -40.80 18.57 -66.42
C ILE A 92 -40.73 17.62 -65.21
N ILE A 93 -41.84 17.50 -64.50
CA ILE A 93 -41.91 16.64 -63.32
C ILE A 93 -41.61 15.18 -63.68
N GLU A 94 -42.34 14.66 -64.66
CA GLU A 94 -42.20 13.25 -65.03
C GLU A 94 -40.83 12.92 -65.63
N ASP A 95 -40.13 13.93 -66.14
CA ASP A 95 -38.75 13.76 -66.59
C ASP A 95 -37.83 13.68 -65.38
N TYR A 96 -37.74 14.78 -64.63
CA TYR A 96 -36.85 14.87 -63.47
C TYR A 96 -37.07 13.73 -62.49
N HIS A 97 -38.34 13.36 -62.27
CA HIS A 97 -38.69 12.39 -61.26
C HIS A 97 -38.96 10.99 -61.81
N SER A 98 -38.54 10.73 -63.04
CA SER A 98 -38.77 9.41 -63.65
C SER A 98 -38.18 8.33 -62.75
N PRO A 99 -38.88 7.18 -62.63
CA PRO A 99 -40.03 6.77 -63.43
C PRO A 99 -41.39 7.19 -62.88
N TYR A 100 -41.45 8.17 -61.97
CA TYR A 100 -42.74 8.55 -61.39
C TYR A 100 -43.73 9.07 -62.43
N LYS A 101 -44.97 8.61 -62.32
CA LYS A 101 -46.07 9.10 -63.16
C LYS A 101 -47.11 9.78 -62.29
N LEU A 102 -47.48 11.02 -62.65
CA LEU A 102 -48.46 11.79 -61.90
C LEU A 102 -49.77 11.02 -61.72
N ALA A 103 -50.14 10.23 -62.72
CA ALA A 103 -51.33 9.40 -62.67
C ALA A 103 -51.31 8.38 -61.52
N THR A 104 -50.11 7.90 -61.20
CA THR A 104 -49.92 6.90 -60.15
C THR A 104 -50.31 7.44 -58.77
N GLY A 105 -49.95 8.70 -58.51
CA GLY A 105 -50.26 9.32 -57.24
C GLY A 105 -49.12 9.14 -56.25
N HIS A 106 -49.15 9.92 -55.17
CA HIS A 106 -48.08 9.90 -54.18
C HIS A 106 -48.64 9.72 -52.76
N ASN A 107 -47.99 8.89 -51.95
CA ASN A 107 -48.39 8.76 -50.56
C ASN A 107 -47.34 9.29 -49.58
N SER A 108 -47.78 10.20 -48.70
CA SER A 108 -46.92 10.76 -47.67
C SER A 108 -46.99 9.91 -46.42
N ASP A 109 -45.92 9.89 -45.64
CA ASP A 109 -45.90 9.16 -44.36
C ASP A 109 -44.81 9.73 -43.46
N MET A 110 -45.25 10.50 -42.48
CA MET A 110 -44.34 11.15 -41.54
C MET A 110 -44.51 10.56 -40.13
N ASN A 111 -44.80 9.26 -40.06
CA ASN A 111 -44.83 8.55 -38.78
C ASN A 111 -43.54 7.78 -38.57
N PRO A 112 -42.65 8.32 -37.72
CA PRO A 112 -41.32 7.75 -37.47
C PRO A 112 -41.38 6.35 -36.89
N ALA A 113 -42.50 5.97 -36.28
CA ALA A 113 -42.67 4.63 -35.72
C ALA A 113 -42.77 3.56 -36.82
N HIS A 114 -43.00 4.00 -38.05
CA HIS A 114 -43.07 3.07 -39.18
C HIS A 114 -41.67 2.71 -39.68
N VAL A 115 -40.67 3.43 -39.16
CA VAL A 115 -39.29 3.17 -39.51
C VAL A 115 -38.65 2.22 -38.49
N LYS A 116 -37.98 1.19 -38.99
CA LYS A 116 -37.29 0.25 -38.12
C LYS A 116 -35.79 0.43 -38.33
N ALA A 117 -35.16 1.17 -37.43
CA ALA A 117 -33.75 1.54 -37.62
C ALA A 117 -32.94 1.49 -36.33
N PRO A 118 -32.57 0.29 -35.90
CA PRO A 118 -31.63 0.17 -34.78
C PRO A 118 -30.31 0.81 -35.16
N ASP A 119 -29.72 1.62 -34.27
CA ASP A 119 -28.52 2.40 -34.59
C ASP A 119 -27.39 1.56 -35.23
N LEU A 120 -27.05 1.91 -36.47
CA LEU A 120 -26.11 1.12 -37.29
C LEU A 120 -24.69 1.06 -36.72
N ASP A 121 -24.20 2.20 -36.24
CA ASP A 121 -22.77 2.35 -36.00
C ASP A 121 -22.49 3.30 -34.83
N PRO A 122 -22.86 2.88 -33.60
CA PRO A 122 -22.68 3.73 -32.42
C PRO A 122 -21.21 3.97 -32.12
N ALA A 123 -20.36 3.02 -32.51
CA ALA A 123 -18.92 3.11 -32.27
C ALA A 123 -18.25 4.01 -33.30
N ASN A 124 -19.04 4.44 -34.28
CA ASN A 124 -18.57 5.37 -35.32
C ASN A 124 -17.37 4.86 -36.10
N ARG A 125 -17.39 3.57 -36.41
CA ARG A 125 -16.32 2.93 -37.16
C ARG A 125 -16.37 3.26 -38.65
N TYR A 126 -17.55 3.67 -39.13
CA TYR A 126 -17.76 3.90 -40.55
C TYR A 126 -18.52 5.19 -40.87
N ILE A 127 -19.67 5.36 -40.22
CA ILE A 127 -20.56 6.48 -40.51
C ILE A 127 -20.13 7.70 -39.70
N ARG A 128 -20.13 8.87 -40.35
CA ARG A 128 -19.62 10.07 -39.71
C ARG A 128 -20.74 11.04 -39.35
N SER A 129 -21.78 11.10 -40.16
CA SER A 129 -22.86 12.05 -39.92
C SER A 129 -24.12 11.66 -40.67
N THR A 130 -25.25 12.16 -40.17
CA THR A 130 -26.57 11.84 -40.70
C THR A 130 -27.39 13.13 -40.76
N ARG A 131 -28.14 13.32 -41.84
CA ARG A 131 -28.87 14.56 -42.06
C ARG A 131 -30.16 14.28 -42.83
N ILE A 132 -31.26 14.85 -42.36
CA ILE A 132 -32.52 14.74 -43.11
C ILE A 132 -33.17 16.12 -43.20
N ARG A 133 -33.52 16.50 -44.42
CA ARG A 133 -34.10 17.81 -44.69
CA ARG A 133 -34.10 17.81 -44.70
C ARG A 133 -35.40 17.64 -45.46
N VAL A 134 -36.40 18.46 -45.14
CA VAL A 134 -37.64 18.50 -45.90
C VAL A 134 -38.04 19.95 -46.17
N ALA A 135 -38.64 20.16 -47.34
CA ALA A 135 -39.19 21.47 -47.70
C ALA A 135 -40.70 21.41 -47.52
N ARG A 136 -41.29 22.46 -46.98
CA ARG A 136 -42.74 22.52 -46.79
C ARG A 136 -43.23 23.95 -47.05
N SER A 137 -44.49 24.08 -47.43
CA SER A 137 -45.11 25.39 -47.57
C SER A 137 -46.44 25.37 -46.83
N LEU A 138 -46.80 26.49 -46.20
CA LEU A 138 -48.03 26.57 -45.41
C LEU A 138 -49.29 26.71 -46.28
N LYS A 139 -50.35 26.02 -45.89
CA LYS A 139 -51.65 26.18 -46.52
C LYS A 139 -52.10 27.64 -46.52
N GLY A 140 -52.75 28.06 -47.60
CA GLY A 140 -53.38 29.36 -47.65
C GLY A 140 -52.58 30.50 -48.27
N TYR A 141 -51.40 30.18 -48.82
CA TYR A 141 -50.54 31.20 -49.42
C TYR A 141 -49.97 30.77 -50.76
N GLY A 142 -49.44 31.72 -51.52
CA GLY A 142 -48.65 31.37 -52.69
C GLY A 142 -47.34 30.78 -52.25
N LEU A 143 -46.62 30.16 -53.17
CA LEU A 143 -45.30 29.66 -52.84
C LEU A 143 -44.33 30.84 -52.81
N ALA A 144 -43.07 30.57 -52.46
CA ALA A 144 -42.08 31.64 -52.32
C ALA A 144 -41.93 32.60 -53.52
N PRO A 145 -42.03 32.10 -54.77
CA PRO A 145 -41.89 33.07 -55.87
C PRO A 145 -43.10 33.98 -56.05
N GLY A 146 -44.25 33.63 -55.46
CA GLY A 146 -45.46 34.43 -55.66
C GLY A 146 -46.11 34.99 -54.40
N VAL A 147 -45.61 34.58 -53.24
CA VAL A 147 -46.16 35.04 -51.97
C VAL A 147 -46.11 36.58 -51.85
N THR A 148 -47.15 37.19 -51.32
CA THR A 148 -47.18 38.64 -51.13
C THR A 148 -46.35 39.05 -49.91
N LYS A 149 -45.98 40.33 -49.87
CA LYS A 149 -45.19 40.91 -48.80
C LYS A 149 -45.84 40.69 -47.44
N ALA A 150 -47.15 40.92 -47.36
CA ALA A 150 -47.92 40.78 -46.13
C ALA A 150 -48.00 39.32 -45.68
N HIS A 151 -48.18 38.42 -46.64
CA HIS A 151 -48.34 37.01 -46.31
C HIS A 151 -47.03 36.36 -45.86
N ARG A 152 -45.91 36.81 -46.41
CA ARG A 152 -44.61 36.33 -45.96
C ARG A 152 -44.42 36.64 -44.47
N LEU A 153 -44.90 37.81 -44.07
CA LEU A 153 -44.81 38.25 -42.69
C LEU A 153 -45.74 37.44 -41.79
N GLU A 154 -46.92 37.14 -42.30
CA GLU A 154 -47.89 36.34 -41.57
C GLU A 154 -47.38 34.91 -41.40
N ILE A 155 -46.69 34.41 -42.42
CA ILE A 155 -46.09 33.08 -42.36
C ILE A 155 -44.99 33.02 -41.30
N GLU A 156 -44.07 33.98 -41.33
CA GLU A 156 -43.00 34.05 -40.34
C GLU A 156 -43.60 34.04 -38.94
N LYS A 157 -44.62 34.87 -38.75
CA LYS A 157 -45.26 35.02 -37.44
C LYS A 157 -45.91 33.73 -36.96
N LYS A 158 -46.64 33.06 -37.85
CA LYS A 158 -47.30 31.81 -37.50
C LYS A 158 -46.29 30.73 -37.18
N VAL A 159 -45.24 30.64 -38.01
CA VAL A 159 -44.22 29.61 -37.83
C VAL A 159 -43.48 29.80 -36.52
N VAL A 160 -43.02 31.02 -36.27
CA VAL A 160 -42.29 31.34 -35.04
C VAL A 160 -43.10 30.99 -33.79
N GLY A 161 -44.40 31.26 -33.83
CA GLY A 161 -45.30 30.91 -32.75
C GLY A 161 -45.29 29.43 -32.42
N VAL A 162 -45.21 28.58 -33.44
CA VAL A 162 -45.12 27.14 -33.23
C VAL A 162 -43.72 26.77 -32.76
N LEU A 163 -42.71 27.30 -33.45
CA LEU A 163 -41.32 26.93 -33.14
C LEU A 163 -40.93 27.27 -31.71
N THR A 164 -41.26 28.48 -31.26
CA THR A 164 -40.94 28.89 -29.88
C THR A 164 -41.79 28.18 -28.82
N SER A 165 -42.70 27.33 -29.27
CA SER A 165 -43.52 26.54 -28.34
C SER A 165 -42.89 25.17 -28.10
N LEU A 166 -41.97 24.78 -28.97
CA LEU A 166 -41.33 23.47 -28.91
C LEU A 166 -40.61 23.23 -27.59
N THR A 167 -40.69 22.00 -27.08
CA THR A 167 -40.12 21.64 -25.79
C THR A 167 -39.03 20.58 -25.91
N GLY A 168 -38.31 20.35 -24.81
CA GLY A 168 -37.30 19.31 -24.77
C GLY A 168 -36.11 19.58 -25.68
N ASP A 169 -35.72 18.58 -26.46
CA ASP A 169 -34.56 18.72 -27.33
C ASP A 169 -34.83 19.64 -28.52
N LEU A 170 -36.10 19.90 -28.80
CA LEU A 170 -36.46 20.81 -29.90
C LEU A 170 -36.50 22.27 -29.46
N ALA A 171 -36.43 22.49 -28.16
CA ALA A 171 -36.40 23.86 -27.62
C ALA A 171 -35.18 24.60 -28.12
N GLY A 172 -35.36 25.88 -28.45
CA GLY A 172 -34.30 26.70 -28.99
C GLY A 172 -34.76 28.12 -29.21
N LYS A 173 -34.10 28.83 -30.14
CA LYS A 173 -34.30 30.27 -30.31
C LYS A 173 -34.50 30.63 -31.77
N TYR A 174 -35.29 31.68 -32.02
CA TYR A 174 -35.49 32.19 -33.37
C TYR A 174 -34.69 33.48 -33.60
N TYR A 175 -34.07 33.59 -34.78
CA TYR A 175 -33.33 34.78 -35.18
C TYR A 175 -33.84 35.30 -36.51
N PRO A 176 -34.61 36.39 -36.50
CA PRO A 176 -35.02 36.99 -37.77
C PRO A 176 -33.81 37.58 -38.49
N LEU A 177 -33.77 37.50 -39.82
CA LEU A 177 -32.68 38.15 -40.56
C LEU A 177 -32.78 39.67 -40.43
N SER A 178 -33.99 40.18 -40.46
CA SER A 178 -34.22 41.60 -40.29
CA SER A 178 -34.24 41.60 -40.30
C SER A 178 -33.94 42.03 -38.86
N GLY A 179 -32.97 42.94 -38.70
CA GLY A 179 -32.60 43.42 -37.38
C GLY A 179 -31.48 42.63 -36.75
N MET A 180 -30.99 41.60 -37.45
CA MET A 180 -29.93 40.77 -36.89
C MET A 180 -28.63 41.55 -36.74
N ASP A 181 -28.08 41.56 -35.52
CA ASP A 181 -26.82 42.26 -35.28
C ASP A 181 -25.61 41.45 -35.78
N GLU A 182 -24.46 42.10 -35.86
CA GLU A 182 -23.25 41.48 -36.39
C GLU A 182 -22.79 40.28 -35.57
N LYS A 183 -22.91 40.41 -34.25
CA LYS A 183 -22.51 39.35 -33.34
C LYS A 183 -23.24 38.04 -33.63
N THR A 184 -24.56 38.14 -33.79
CA THR A 184 -25.41 36.99 -34.08
C THR A 184 -25.10 36.39 -35.45
N ARG A 185 -24.93 37.27 -36.43
CA ARG A 185 -24.59 36.88 -37.78
C ARG A 185 -23.32 36.02 -37.75
N GLN A 186 -22.31 36.51 -37.04
CA GLN A 186 -21.03 35.81 -36.90
C GLN A 186 -21.20 34.42 -36.32
N GLN A 187 -22.01 34.33 -35.27
CA GLN A 187 -22.29 33.07 -34.60
C GLN A 187 -22.91 32.05 -35.54
N LEU A 188 -23.96 32.49 -36.25
CA LEU A 188 -24.68 31.61 -37.17
C LEU A 188 -23.81 31.17 -38.35
N VAL A 189 -22.88 32.02 -38.78
CA VAL A 189 -21.90 31.64 -39.80
C VAL A 189 -20.99 30.55 -39.23
N ASP A 190 -20.52 30.77 -38.00
CA ASP A 190 -19.66 29.81 -37.32
C ASP A 190 -20.31 28.42 -37.18
N ASP A 191 -21.63 28.41 -37.00
CA ASP A 191 -22.36 27.15 -36.90
C ASP A 191 -22.77 26.64 -38.28
N HIS A 192 -22.51 27.44 -39.30
CA HIS A 192 -22.96 27.16 -40.67
C HIS A 192 -24.49 27.07 -40.74
N PHE A 193 -25.16 27.96 -40.02
CA PHE A 193 -26.62 28.00 -39.98
C PHE A 193 -27.19 29.15 -40.82
N LEU A 194 -26.32 30.09 -41.16
CA LEU A 194 -26.75 31.29 -41.88
C LEU A 194 -27.07 31.01 -43.34
N PHE A 195 -28.08 31.72 -43.86
CA PHE A 195 -28.26 31.83 -45.30
C PHE A 195 -28.29 33.30 -45.69
N LYS A 196 -27.92 33.60 -46.93
CA LYS A 196 -27.85 34.97 -47.40
C LYS A 196 -28.84 35.18 -48.54
N LYS A 197 -28.86 36.40 -49.10
CA LYS A 197 -29.72 36.71 -50.23
C LYS A 197 -29.53 35.66 -51.30
N GLY A 198 -30.64 35.23 -51.91
CA GLY A 198 -30.63 34.11 -52.84
C GLY A 198 -29.76 34.39 -54.05
N ASP A 199 -29.20 33.35 -54.64
CA ASP A 199 -28.32 33.51 -55.80
C ASP A 199 -29.08 33.93 -57.07
N ARG A 200 -28.37 33.96 -58.19
CA ARG A 200 -28.95 34.40 -59.47
C ARG A 200 -30.19 33.59 -59.86
N PHE A 201 -30.24 32.33 -59.44
CA PHE A 201 -31.37 31.47 -59.76
C PHE A 201 -32.64 31.90 -59.00
N LEU A 202 -32.49 32.14 -57.70
CA LEU A 202 -33.61 32.59 -56.87
C LEU A 202 -34.01 34.02 -57.21
N GLU A 203 -33.00 34.84 -57.47
CA GLU A 203 -33.22 36.21 -57.91
C GLU A 203 -34.16 36.26 -59.12
N ALA A 204 -33.82 35.53 -60.16
CA ALA A 204 -34.60 35.53 -61.41
C ALA A 204 -35.97 34.88 -61.23
N ALA A 205 -36.11 34.05 -60.20
CA ALA A 205 -37.36 33.36 -59.91
C ALA A 205 -38.37 34.27 -59.22
N GLY A 206 -37.89 35.41 -58.73
CA GLY A 206 -38.71 36.36 -58.00
C GLY A 206 -38.73 36.07 -56.52
N ILE A 207 -37.89 35.14 -56.09
CA ILE A 207 -37.88 34.65 -54.71
C ILE A 207 -37.25 35.65 -53.73
N ASN A 208 -36.35 36.48 -54.23
CA ASN A 208 -35.65 37.47 -53.41
C ASN A 208 -36.45 38.70 -53.02
N LYS A 209 -37.69 38.82 -53.50
CA LYS A 209 -38.50 40.02 -53.24
C LYS A 209 -38.57 40.38 -51.75
N GLU A 210 -38.48 41.66 -51.47
CA GLU A 210 -38.49 42.23 -50.11
C GLU A 210 -37.37 41.75 -49.19
N TRP A 211 -36.27 41.23 -49.74
CA TRP A 211 -35.17 40.74 -48.90
C TRP A 211 -34.69 41.80 -47.89
N PRO A 212 -34.47 41.40 -46.63
CA PRO A 212 -34.58 40.07 -46.02
C PRO A 212 -35.81 39.94 -45.13
N GLU A 213 -36.82 40.76 -45.40
CA GLU A 213 -38.04 40.76 -44.60
C GLU A 213 -38.69 39.37 -44.51
N GLY A 214 -39.07 38.96 -43.30
CA GLY A 214 -39.80 37.72 -43.12
C GLY A 214 -38.95 36.47 -43.17
N ARG A 215 -37.65 36.63 -43.42
CA ARG A 215 -36.71 35.51 -43.41
C ARG A 215 -36.15 35.34 -42.00
N GLY A 216 -35.89 34.09 -41.61
CA GLY A 216 -35.40 33.82 -40.29
C GLY A 216 -34.79 32.45 -40.12
N ILE A 217 -34.12 32.27 -38.99
CA ILE A 217 -33.43 31.02 -38.69
C ILE A 217 -33.77 30.57 -37.26
N TYR A 218 -34.21 29.32 -37.13
CA TYR A 218 -34.43 28.71 -35.82
C TYR A 218 -33.54 27.50 -35.66
N HIS A 219 -32.94 27.35 -34.48
CA HIS A 219 -32.23 26.11 -34.17
C HIS A 219 -32.44 25.71 -32.71
N ASN A 220 -32.43 24.41 -32.43
CA ASN A 220 -32.55 23.96 -31.06
C ASN A 220 -31.22 24.17 -30.32
N ASN A 221 -31.24 24.06 -28.99
CA ASN A 221 -30.05 24.31 -28.21
C ASN A 221 -28.91 23.32 -28.52
N ASP A 222 -29.26 22.06 -28.76
CA ASP A 222 -28.29 21.03 -29.13
C ASP A 222 -27.69 21.26 -30.52
N LYS A 223 -28.30 22.18 -31.28
CA LYS A 223 -27.90 22.45 -32.67
C LYS A 223 -27.97 21.19 -33.52
N THR A 224 -29.06 20.43 -33.35
CA THR A 224 -29.27 19.23 -34.12
C THR A 224 -30.58 19.36 -34.90
N PHE A 225 -31.14 20.56 -34.85
CA PHE A 225 -32.39 20.87 -35.53
C PHE A 225 -32.32 22.30 -36.01
N LEU A 226 -32.59 22.52 -37.30
CA LEU A 226 -32.44 23.83 -37.91
C LEU A 226 -33.59 24.09 -38.88
N VAL A 227 -34.14 25.30 -38.80
CA VAL A 227 -35.20 25.71 -39.73
C VAL A 227 -34.78 26.98 -40.47
N TRP A 228 -34.84 26.95 -41.79
CA TRP A 228 -34.75 28.19 -42.57
C TRP A 228 -36.15 28.63 -42.93
N LEU A 229 -36.46 29.87 -42.61
CA LEU A 229 -37.81 30.38 -42.78
C LEU A 229 -37.86 31.33 -43.97
N ASN A 230 -38.70 30.99 -44.95
CA ASN A 230 -38.95 31.85 -46.11
C ASN A 230 -37.73 32.10 -47.00
N GLU A 231 -36.87 31.11 -47.12
CA GLU A 231 -35.79 31.16 -48.11
C GLU A 231 -36.37 30.78 -49.47
N GLU A 232 -36.13 29.55 -49.93
CA GLU A 232 -36.63 29.12 -51.23
C GLU A 232 -38.07 28.58 -51.12
N ASP A 233 -38.39 28.00 -49.97
CA ASP A 233 -39.76 27.64 -49.65
C ASP A 233 -40.10 28.28 -48.30
N HIS A 234 -41.36 28.23 -47.89
CA HIS A 234 -41.74 28.80 -46.60
C HIS A 234 -40.88 28.19 -45.49
N LEU A 235 -40.65 26.89 -45.59
CA LEU A 235 -39.89 26.17 -44.59
C LEU A 235 -38.87 25.24 -45.22
N ARG A 236 -37.64 25.32 -44.72
CA ARG A 236 -36.66 24.29 -44.95
C ARG A 236 -36.26 23.76 -43.57
N ILE A 237 -36.65 22.53 -43.29
CA ILE A 237 -36.52 21.96 -41.96
C ILE A 237 -35.49 20.83 -41.96
N ILE A 238 -34.45 20.98 -41.14
CA ILE A 238 -33.34 20.03 -41.14
C ILE A 238 -33.09 19.45 -39.77
N SER A 239 -32.96 18.12 -39.71
CA SER A 239 -32.54 17.46 -38.49
C SER A 239 -31.21 16.79 -38.80
N MET A 240 -30.22 16.98 -37.94
CA MET A 240 -28.87 16.47 -38.23
C MET A 240 -28.02 16.29 -36.98
N GLU A 241 -27.08 15.36 -37.05
CA GLU A 241 -26.13 15.16 -35.97
C GLU A 241 -24.96 14.33 -36.49
N LYS A 242 -23.89 14.27 -35.72
CA LYS A 242 -22.79 13.36 -36.06
C LYS A 242 -23.21 11.94 -35.72
N GLY A 243 -22.56 10.96 -36.34
CA GLY A 243 -22.88 9.57 -36.06
C GLY A 243 -23.90 8.99 -37.03
N SER A 244 -24.51 7.87 -36.64
CA SER A 244 -25.28 7.04 -37.57
C SER A 244 -26.78 6.97 -37.28
N ASP A 245 -27.22 7.56 -36.19
CA ASP A 245 -28.57 7.29 -35.68
C ASP A 245 -29.68 7.96 -36.49
N ILE A 246 -29.89 7.50 -37.72
CA ILE A 246 -30.90 8.10 -38.59
C ILE A 246 -32.31 7.95 -38.01
N GLY A 247 -32.51 6.92 -37.18
CA GLY A 247 -33.79 6.74 -36.51
C GLY A 247 -34.13 7.91 -35.61
N SER A 248 -33.16 8.30 -34.78
CA SER A 248 -33.33 9.44 -33.87
C SER A 248 -33.46 10.76 -34.63
N VAL A 249 -32.71 10.89 -35.73
CA VAL A 249 -32.75 12.10 -36.55
C VAL A 249 -34.13 12.30 -37.18
N PHE A 250 -34.70 11.21 -37.70
CA PHE A 250 -36.01 11.25 -38.35
C PHE A 250 -37.12 11.45 -37.33
N SER A 251 -36.95 10.86 -36.16
CA SER A 251 -37.91 11.03 -35.06
C SER A 251 -38.01 12.51 -34.67
N ARG A 252 -36.86 13.15 -34.46
CA ARG A 252 -36.78 14.56 -34.12
C ARG A 252 -37.39 15.42 -35.23
N LEU A 253 -37.08 15.08 -36.48
CA LEU A 253 -37.64 15.78 -37.63
C LEU A 253 -39.16 15.71 -37.61
N CYS A 254 -39.68 14.48 -37.52
CA CYS A 254 -41.12 14.25 -37.54
C CYS A 254 -41.84 14.98 -36.42
N ARG A 255 -41.30 14.89 -35.21
CA ARG A 255 -41.86 15.58 -34.06
C ARG A 255 -42.13 17.06 -34.35
N ALA A 256 -41.16 17.73 -34.94
CA ALA A 256 -41.30 19.15 -35.25
C ALA A 256 -42.25 19.41 -36.41
N VAL A 257 -42.11 18.64 -37.49
CA VAL A 257 -42.90 18.85 -38.69
C VAL A 257 -44.39 18.57 -38.46
N ASN A 258 -44.68 17.48 -37.76
CA ASN A 258 -46.06 17.13 -37.45
C ASN A 258 -46.75 18.19 -36.57
N GLU A 259 -46.00 18.78 -35.65
CA GLU A 259 -46.54 19.85 -34.80
C GLU A 259 -46.89 21.08 -35.63
N ILE A 260 -45.98 21.48 -36.52
CA ILE A 260 -46.25 22.57 -37.44
C ILE A 260 -47.46 22.21 -38.32
N ASP A 261 -47.48 20.99 -38.84
CA ASP A 261 -48.57 20.52 -39.67
C ASP A 261 -49.90 20.63 -38.92
N LYS A 262 -49.93 20.09 -37.71
CA LYS A 262 -51.11 20.14 -36.85
C LYS A 262 -51.65 21.57 -36.68
N LYS A 263 -50.77 22.49 -36.30
CA LYS A 263 -51.18 23.84 -35.98
C LYS A 263 -51.42 24.71 -37.21
N LEU A 264 -50.74 24.40 -38.31
CA LEU A 264 -50.74 25.31 -39.46
C LEU A 264 -51.25 24.71 -40.78
N GLY A 265 -50.91 23.46 -41.06
CA GLY A 265 -51.29 22.83 -42.32
C GLY A 265 -50.34 23.15 -43.46
N PHE A 266 -50.15 22.17 -44.36
CA PHE A 266 -49.18 22.28 -45.46
C PHE A 266 -49.84 22.19 -46.83
N GLN A 267 -49.25 22.83 -47.83
CA GLN A 267 -49.71 22.64 -49.21
C GLN A 267 -49.32 21.25 -49.67
N HIS A 268 -50.29 20.53 -50.25
CA HIS A 268 -50.19 19.09 -50.42
C HIS A 268 -51.31 18.59 -51.35
N THR A 269 -50.95 17.77 -52.35
CA THR A 269 -51.94 17.18 -53.28
C THR A 269 -51.63 15.69 -53.51
N LYS A 270 -52.64 14.90 -53.86
CA LYS A 270 -52.41 13.47 -54.10
C LYS A 270 -51.32 13.24 -55.15
N LYS A 271 -51.40 14.00 -56.23
CA LYS A 271 -50.50 13.85 -57.38
C LYS A 271 -49.07 14.33 -57.12
N HIS A 272 -48.93 15.44 -56.40
CA HIS A 272 -47.63 16.09 -56.24
C HIS A 272 -46.94 15.87 -54.90
N GLY A 273 -47.65 15.37 -53.90
CA GLY A 273 -47.07 15.34 -52.57
C GLY A 273 -47.02 16.76 -52.04
N TYR A 274 -46.03 17.08 -51.23
CA TYR A 274 -45.89 18.46 -50.76
C TYR A 274 -45.43 19.40 -51.88
N LEU A 275 -46.13 20.52 -52.00
CA LEU A 275 -45.83 21.51 -53.03
C LEU A 275 -44.65 22.36 -52.62
N THR A 276 -43.76 22.60 -53.58
CA THR A 276 -42.55 23.37 -53.34
C THR A 276 -42.34 24.31 -54.51
N SER A 277 -41.48 25.31 -54.34
CA SER A 277 -41.21 26.29 -55.38
C SER A 277 -40.60 25.65 -56.63
N CYS A 278 -39.58 24.83 -56.42
CA CYS A 278 -38.93 24.12 -57.51
C CYS A 278 -39.50 22.72 -57.60
N PRO A 279 -39.91 22.30 -58.82
CA PRO A 279 -40.50 20.97 -58.96
C PRO A 279 -39.55 19.83 -58.58
N SER A 280 -38.27 20.11 -58.38
CA SER A 280 -37.31 19.07 -58.01
C SER A 280 -37.58 18.58 -56.59
N ASN A 281 -38.27 19.43 -55.81
CA ASN A 281 -38.49 19.19 -54.39
C ASN A 281 -39.89 18.73 -54.03
N LEU A 282 -40.68 18.29 -55.03
CA LEU A 282 -42.04 17.85 -54.75
C LEU A 282 -42.03 16.48 -54.06
N GLY A 283 -43.23 15.98 -53.71
CA GLY A 283 -43.36 14.68 -53.09
C GLY A 283 -43.03 14.71 -51.61
N THR A 284 -41.96 14.03 -51.24
CA THR A 284 -41.48 14.04 -49.85
C THR A 284 -40.80 15.36 -49.56
N GLY A 285 -40.30 16.03 -50.60
CA GLY A 285 -39.53 17.24 -50.43
C GLY A 285 -38.26 17.00 -49.65
N MET A 286 -37.80 15.75 -49.65
CA MET A 286 -36.75 15.33 -48.73
C MET A 286 -35.40 15.13 -49.38
N ARG A 287 -34.34 15.61 -48.72
CA ARG A 287 -33.00 15.10 -48.99
C ARG A 287 -32.42 14.49 -47.72
N ALA A 288 -32.21 13.17 -47.75
CA ALA A 288 -31.58 12.44 -46.67
C ALA A 288 -30.14 12.17 -47.08
N SER A 289 -29.20 12.32 -46.14
CA SER A 289 -27.79 12.13 -46.48
CA SER A 289 -27.77 12.20 -46.47
C SER A 289 -26.97 11.61 -45.31
N VAL A 290 -26.16 10.59 -45.61
CA VAL A 290 -25.27 9.98 -44.63
C VAL A 290 -23.83 10.04 -45.15
N HIS A 291 -22.91 10.54 -44.34
CA HIS A 291 -21.50 10.47 -44.70
C HIS A 291 -20.88 9.20 -44.12
N VAL A 292 -20.33 8.36 -44.99
CA VAL A 292 -19.83 7.05 -44.57
C VAL A 292 -18.53 6.71 -45.29
N LYS A 293 -17.61 6.08 -44.57
CA LYS A 293 -16.31 5.73 -45.13
C LYS A 293 -16.33 4.29 -45.63
N ILE A 294 -16.40 4.13 -46.94
CA ILE A 294 -16.50 2.81 -47.55
C ILE A 294 -15.59 2.63 -48.78
N PRO A 295 -14.26 2.82 -48.60
CA PRO A 295 -13.39 2.70 -49.79
C PRO A 295 -13.32 1.27 -50.34
N HIS A 296 -13.56 0.28 -49.49
CA HIS A 296 -13.54 -1.11 -49.92
C HIS A 296 -14.81 -1.50 -50.67
N ALA A 297 -15.96 -1.11 -50.12
CA ALA A 297 -17.25 -1.43 -50.73
C ALA A 297 -17.38 -0.80 -52.12
N LYS A 298 -16.68 0.31 -52.32
CA LYS A 298 -16.66 1.03 -53.60
C LYS A 298 -16.12 0.16 -54.74
N GLU A 299 -15.13 -0.68 -54.41
CA GLU A 299 -14.48 -1.53 -55.40
C GLU A 299 -15.15 -2.90 -55.51
N HIS A 300 -16.22 -3.13 -54.75
CA HIS A 300 -16.97 -4.37 -54.82
C HIS A 300 -17.87 -4.36 -56.05
N PRO A 301 -18.04 -5.51 -56.71
CA PRO A 301 -18.84 -5.56 -57.94
C PRO A 301 -20.36 -5.47 -57.67
N ASP A 302 -20.74 -5.45 -56.40
CA ASP A 302 -22.15 -5.33 -56.03
C ASP A 302 -22.45 -3.92 -55.52
N PHE A 303 -21.48 -3.02 -55.67
CA PHE A 303 -21.63 -1.64 -55.21
C PHE A 303 -22.77 -0.90 -55.91
N GLU A 304 -22.70 -0.83 -57.24
CA GLU A 304 -23.71 -0.11 -58.02
C GLU A 304 -25.08 -0.80 -57.93
N ASN A 305 -25.07 -2.12 -57.74
CA ASN A 305 -26.31 -2.87 -57.56
C ASN A 305 -27.09 -2.46 -56.30
N ILE A 306 -26.36 -2.24 -55.21
CA ILE A 306 -26.98 -1.83 -53.96
C ILE A 306 -27.58 -0.43 -54.10
N LEU A 307 -26.80 0.48 -54.69
CA LEU A 307 -27.27 1.84 -54.95
C LEU A 307 -28.56 1.83 -55.75
N THR A 308 -28.55 1.07 -56.84
CA THR A 308 -29.72 0.94 -57.71
C THR A 308 -30.92 0.38 -56.95
N LYS A 309 -30.68 -0.69 -56.20
CA LYS A 309 -31.73 -1.36 -55.45
C LYS A 309 -32.47 -0.43 -54.49
N TYR A 310 -31.73 0.42 -53.78
CA TYR A 310 -32.34 1.30 -52.80
C TYR A 310 -32.60 2.72 -53.30
N HIS A 311 -32.34 2.94 -54.59
CA HIS A 311 -32.56 4.25 -55.23
C HIS A 311 -31.80 5.36 -54.52
N ILE A 312 -30.56 5.05 -54.15
CA ILE A 312 -29.68 6.03 -53.54
C ILE A 312 -28.50 6.29 -54.47
N GLN A 313 -27.67 7.28 -54.12
CA GLN A 313 -26.53 7.63 -54.96
C GLN A 313 -25.31 7.88 -54.07
N ALA A 314 -24.12 7.62 -54.59
CA ALA A 314 -22.89 7.85 -53.83
C ALA A 314 -21.99 8.87 -54.51
N ARG A 315 -21.66 9.94 -53.79
CA ARG A 315 -20.78 10.97 -54.30
C ARG A 315 -19.66 11.25 -53.31
N GLY A 316 -18.49 11.65 -53.82
CA GLY A 316 -17.42 12.10 -52.97
C GLY A 316 -17.88 13.27 -52.10
N ILE A 317 -17.22 13.46 -50.97
CA ILE A 317 -17.66 14.46 -49.99
C ILE A 317 -17.44 15.90 -50.47
N GLU A 327 -7.61 13.29 -45.00
CA GLU A 327 -8.49 12.97 -43.87
C GLU A 327 -9.77 12.28 -44.34
N ASP A 328 -10.21 12.60 -45.55
CA ASP A 328 -11.51 12.17 -46.02
C ASP A 328 -11.49 11.17 -47.17
N ALA A 329 -10.37 10.50 -47.38
CA ALA A 329 -10.29 9.45 -48.41
C ALA A 329 -11.25 8.33 -48.05
N GLY A 330 -12.00 7.86 -49.05
CA GLY A 330 -12.93 6.76 -48.85
C GLY A 330 -14.30 7.17 -48.33
N VAL A 331 -14.46 8.46 -48.00
CA VAL A 331 -15.73 8.95 -47.45
C VAL A 331 -16.70 9.35 -48.58
N TYR A 332 -17.94 8.84 -48.49
CA TYR A 332 -18.95 9.12 -49.50
C TYR A 332 -20.21 9.73 -48.90
N ASP A 333 -20.83 10.64 -49.64
CA ASP A 333 -22.13 11.18 -49.27
C ASP A 333 -23.18 10.30 -49.93
N ILE A 334 -23.88 9.50 -49.13
CA ILE A 334 -24.97 8.68 -49.65
C ILE A 334 -26.26 9.50 -49.54
N SER A 335 -27.00 9.63 -50.64
CA SER A 335 -28.25 10.40 -50.60
C SER A 335 -29.33 9.74 -51.42
N ASN A 336 -30.58 10.14 -51.20
CA ASN A 336 -31.69 9.60 -51.96
C ASN A 336 -31.76 10.22 -53.35
N ARG A 337 -32.19 9.44 -54.34
CA ARG A 337 -32.40 9.99 -55.68
C ARG A 337 -33.86 10.35 -55.92
N ARG A 338 -34.75 9.83 -55.07
CA ARG A 338 -36.19 9.90 -55.34
C ARG A 338 -37.00 10.65 -54.26
N ARG A 339 -38.07 11.32 -54.70
CA ARG A 339 -38.94 12.08 -53.79
C ARG A 339 -40.42 11.89 -54.12
N LEU A 340 -40.70 11.50 -55.36
CA LEU A 340 -42.07 11.24 -55.79
C LEU A 340 -42.29 9.75 -55.98
N GLY A 341 -43.30 9.20 -55.31
CA GLY A 341 -43.64 7.80 -55.50
C GLY A 341 -43.20 6.93 -54.33
N LEU A 342 -42.58 7.55 -53.34
CA LEU A 342 -42.23 6.86 -52.10
C LEU A 342 -42.45 7.79 -50.93
N SER A 343 -42.81 7.25 -49.78
CA SER A 343 -43.10 8.08 -48.63
C SER A 343 -41.81 8.53 -47.95
N GLU A 344 -41.92 9.50 -47.04
CA GLU A 344 -40.77 9.92 -46.25
C GLU A 344 -40.23 8.74 -45.45
N VAL A 345 -41.15 7.95 -44.91
CA VAL A 345 -40.79 6.73 -44.18
C VAL A 345 -40.01 5.77 -45.07
N GLN A 346 -40.49 5.57 -46.29
CA GLN A 346 -39.84 4.67 -47.24
C GLN A 346 -38.45 5.16 -47.64
N CYS A 347 -38.34 6.47 -47.84
CA CYS A 347 -37.05 7.07 -48.17
C CYS A 347 -36.02 6.79 -47.06
N VAL A 348 -36.41 7.02 -45.82
CA VAL A 348 -35.55 6.77 -44.67
C VAL A 348 -35.18 5.28 -44.54
N GLN A 349 -36.15 4.40 -44.75
CA GLN A 349 -35.91 2.97 -44.61
C GLN A 349 -34.95 2.48 -45.69
N ASP A 350 -35.14 2.96 -46.92
CA ASP A 350 -34.22 2.63 -48.01
C ASP A 350 -32.81 3.15 -47.68
N MET A 351 -32.78 4.34 -47.10
CA MET A 351 -31.53 4.99 -46.72
C MET A 351 -30.80 4.14 -45.68
N TYR A 352 -31.57 3.69 -44.69
CA TYR A 352 -31.05 2.86 -43.63
C TYR A 352 -30.59 1.49 -44.15
N ASP A 353 -31.46 0.84 -44.93
CA ASP A 353 -31.17 -0.48 -45.44
C ASP A 353 -30.00 -0.42 -46.42
N GLY A 354 -29.98 0.62 -47.24
CA GLY A 354 -28.92 0.82 -48.22
C GLY A 354 -27.55 1.04 -47.60
N VAL A 355 -27.46 2.00 -46.67
CA VAL A 355 -26.21 2.27 -45.97
C VAL A 355 -25.75 1.03 -45.21
N LYS A 356 -26.70 0.32 -44.60
CA LYS A 356 -26.39 -0.92 -43.89
C LYS A 356 -25.73 -1.95 -44.81
N ALA A 357 -26.31 -2.14 -45.99
CA ALA A 357 -25.76 -3.09 -46.96
C ALA A 357 -24.35 -2.67 -47.37
N LEU A 358 -24.17 -1.38 -47.64
CA LEU A 358 -22.86 -0.83 -47.97
C LEU A 358 -21.88 -0.98 -46.80
N MET A 359 -22.38 -0.80 -45.58
CA MET A 359 -21.53 -0.94 -44.40
C MET A 359 -21.09 -2.40 -44.20
N GLU A 360 -22.03 -3.34 -44.38
CA GLU A 360 -21.71 -4.75 -44.23
C GLU A 360 -20.68 -5.23 -45.26
N LEU A 361 -20.67 -4.58 -46.43
CA LEU A 361 -19.66 -4.83 -47.44
C LEU A 361 -18.28 -4.38 -46.97
N GLU A 362 -18.20 -3.17 -46.42
CA GLU A 362 -16.96 -2.66 -45.87
C GLU A 362 -16.46 -3.56 -44.74
N LYS A 363 -17.39 -4.01 -43.90
CA LYS A 363 -17.05 -4.86 -42.75
C LYS A 363 -16.51 -6.24 -43.18
N GLU A 364 -17.12 -6.80 -44.23
CA GLU A 364 -16.68 -8.09 -44.77
C GLU A 364 -15.25 -7.98 -45.26
N ALA A 365 -14.97 -6.89 -45.97
CA ALA A 365 -13.65 -6.64 -46.54
C ALA A 365 -12.61 -6.50 -45.44
N ILE A 366 -12.99 -5.80 -44.37
CA ILE A 366 -12.08 -5.56 -43.24
C ILE A 366 -11.86 -6.79 -42.36
N ALA A 367 -12.92 -7.51 -42.02
CA ALA A 367 -12.80 -8.74 -41.24
C ALA A 367 -11.92 -9.77 -41.96
N LYS A 368 -12.00 -9.77 -43.29
CA LYS A 368 -11.20 -10.66 -44.11
C LYS A 368 -9.71 -10.34 -43.97
N LYS A 369 -9.36 -9.07 -44.11
CA LYS A 369 -7.97 -8.62 -44.03
C LYS A 369 -7.42 -8.72 -42.59
N ARG A 370 -8.32 -8.62 -41.61
CA ARG A 370 -7.93 -8.73 -40.21
C ARG A 370 -7.89 -10.19 -39.74
N SER A 371 -8.37 -11.11 -40.58
CA SER A 371 -8.45 -12.52 -40.24
C SER A 371 -7.07 -13.18 -40.24
N VAL A 372 -6.08 -12.44 -40.72
CA VAL A 372 -4.74 -12.97 -40.95
C VAL A 372 -3.68 -12.17 -40.18
N PHE A 373 -2.63 -12.86 -39.71
CA PHE A 373 -1.52 -12.19 -39.04
C PHE A 373 -0.98 -11.04 -39.87
N PRO A 374 -0.78 -9.87 -39.24
CA PRO A 374 -0.32 -8.68 -39.96
C PRO A 374 1.07 -8.92 -40.55
N GLU A 375 1.13 -9.21 -41.85
CA GLU A 375 2.39 -9.54 -42.52
C GLU A 375 3.46 -8.46 -42.37
N VAL A 376 3.04 -7.20 -42.27
CA VAL A 376 3.97 -6.08 -42.16
C VAL A 376 4.86 -6.18 -40.92
N LEU A 377 4.40 -6.92 -39.92
CA LEU A 377 5.15 -7.09 -38.67
C LEU A 377 6.34 -8.03 -38.86
N LYS A 378 6.27 -8.87 -39.89
CA LYS A 378 7.33 -9.85 -40.15
C LYS A 378 8.66 -9.18 -40.54
N ASN A 379 8.57 -7.95 -41.04
CA ASN A 379 9.74 -7.15 -41.38
C ASN A 379 10.69 -6.98 -40.21
N PRO A 380 11.97 -7.36 -40.40
CA PRO A 380 13.05 -7.26 -39.42
C PRO A 380 13.22 -5.88 -38.78
N GLU A 381 13.32 -4.82 -39.57
CA GLU A 381 13.63 -3.50 -39.02
C GLU A 381 12.47 -2.77 -38.32
N VAL A 382 11.36 -3.47 -38.12
CA VAL A 382 10.28 -2.96 -37.29
C VAL A 382 10.55 -3.33 -35.83
N LYS A 383 10.62 -2.31 -34.96
CA LYS A 383 11.06 -2.52 -33.59
C LYS A 383 10.04 -2.13 -32.52
N SER A 384 8.76 -2.05 -32.91
CA SER A 384 7.70 -1.77 -31.95
C SER A 384 7.56 -2.92 -30.94
N LEU A 385 7.04 -2.61 -29.76
CA LEU A 385 6.77 -3.65 -28.75
C LEU A 385 5.69 -4.59 -29.26
N LEU A 386 4.84 -4.08 -30.15
CA LEU A 386 3.82 -4.88 -30.81
C LEU A 386 4.46 -6.06 -31.54
N ARG A 387 5.44 -5.76 -32.38
CA ARG A 387 6.14 -6.77 -33.14
C ARG A 387 6.87 -7.72 -32.20
N LYS A 388 7.48 -7.16 -31.16
CA LYS A 388 8.28 -7.92 -30.22
C LYS A 388 7.46 -9.03 -29.54
N TYR A 389 6.20 -8.74 -29.23
CA TYR A 389 5.40 -9.63 -28.39
C TYR A 389 4.24 -10.35 -29.09
N LEU A 390 3.76 -9.80 -30.20
CA LEU A 390 2.65 -10.42 -30.91
C LEU A 390 3.13 -11.57 -31.81
N THR A 391 3.24 -12.76 -31.25
CA THR A 391 3.54 -13.95 -32.04
C THR A 391 2.29 -14.38 -32.78
N PRO A 392 2.44 -15.13 -33.90
CA PRO A 392 1.27 -15.63 -34.62
C PRO A 392 0.39 -16.57 -33.78
N GLU A 393 0.99 -17.37 -32.90
CA GLU A 393 0.22 -18.24 -32.01
C GLU A 393 -0.64 -17.41 -31.06
N LEU A 394 -0.01 -16.38 -30.48
CA LEU A 394 -0.71 -15.46 -29.61
C LEU A 394 -1.83 -14.76 -30.38
N PHE A 395 -1.51 -14.33 -31.59
CA PHE A 395 -2.49 -13.71 -32.47
C PHE A 395 -3.67 -14.64 -32.71
N ASP A 396 -3.38 -15.91 -33.01
CA ASP A 396 -4.42 -16.88 -33.27
C ASP A 396 -5.31 -17.16 -32.05
N SER A 397 -4.70 -17.20 -30.87
CA SER A 397 -5.44 -17.49 -29.64
C SER A 397 -6.36 -16.34 -29.23
N LEU A 398 -6.10 -15.14 -29.74
CA LEU A 398 -6.85 -13.95 -29.31
C LEU A 398 -7.69 -13.26 -30.40
N LYS A 399 -7.37 -13.49 -31.67
CA LYS A 399 -7.94 -12.71 -32.76
C LYS A 399 -9.48 -12.71 -32.86
N ASP A 400 -10.12 -13.67 -32.23
CA ASP A 400 -11.57 -13.83 -32.36
C ASP A 400 -12.32 -13.38 -31.11
N LYS A 401 -11.59 -13.18 -30.02
CA LYS A 401 -12.18 -12.73 -28.76
C LYS A 401 -12.50 -11.24 -28.82
N LYS A 402 -13.58 -10.84 -28.18
CA LYS A 402 -13.98 -9.43 -28.15
C LYS A 402 -14.50 -9.05 -26.77
N THR A 403 -14.26 -7.80 -26.39
CA THR A 403 -14.73 -7.28 -25.12
C THR A 403 -16.24 -7.04 -25.19
N ALA A 404 -16.86 -6.82 -24.03
CA ALA A 404 -18.29 -6.52 -23.97
C ALA A 404 -18.64 -5.28 -24.79
N LYS A 405 -17.70 -4.36 -24.92
CA LYS A 405 -17.92 -3.13 -25.68
C LYS A 405 -17.57 -3.28 -27.16
N GLY A 406 -17.19 -4.49 -27.56
CA GLY A 406 -16.95 -4.80 -28.96
C GLY A 406 -15.52 -4.61 -29.47
N ILE A 407 -14.58 -4.47 -28.54
CA ILE A 407 -13.19 -4.22 -28.91
C ILE A 407 -12.45 -5.52 -29.25
N SER A 408 -11.84 -5.59 -30.42
CA SER A 408 -11.05 -6.76 -30.80
C SER A 408 -9.56 -6.54 -30.55
N LEU A 409 -8.78 -7.61 -30.65
CA LEU A 409 -7.33 -7.49 -30.59
C LEU A 409 -6.83 -6.58 -31.70
N TYR A 410 -7.40 -6.73 -32.89
CA TYR A 410 -6.94 -5.96 -34.04
C TYR A 410 -7.25 -4.47 -33.84
N ASP A 411 -8.38 -4.16 -33.20
CA ASP A 411 -8.65 -2.79 -32.80
C ASP A 411 -7.48 -2.25 -31.98
N CYS A 412 -7.02 -3.05 -31.02
CA CYS A 412 -5.97 -2.60 -30.10
C CYS A 412 -4.62 -2.40 -30.77
N ILE A 413 -4.31 -3.24 -31.76
CA ILE A 413 -2.99 -3.21 -32.38
C ILE A 413 -2.96 -2.38 -33.65
N ASN A 414 -4.12 -1.91 -34.09
CA ASN A 414 -4.25 -1.26 -35.40
C ASN A 414 -3.25 -0.11 -35.64
N SER A 415 -3.08 0.77 -34.66
CA SER A 415 -2.19 1.91 -34.83
C SER A 415 -0.74 1.47 -35.05
N GLY A 416 -0.35 0.37 -34.42
CA GLY A 416 1.01 -0.15 -34.59
C GLY A 416 1.17 -0.91 -35.89
N VAL A 417 0.05 -1.40 -36.42
CA VAL A 417 0.05 -2.04 -37.73
C VAL A 417 0.06 -0.98 -38.84
N GLU A 418 -0.70 0.10 -38.66
CA GLU A 418 -0.71 1.20 -39.64
C GLU A 418 0.53 2.09 -39.55
N ASN A 419 1.06 2.24 -38.35
CA ASN A 419 2.26 3.03 -38.14
C ASN A 419 3.44 2.17 -37.69
N LEU A 420 4.13 1.58 -38.66
CA LEU A 420 5.22 0.63 -38.41
C LEU A 420 6.31 1.20 -37.50
N ASP A 421 6.43 2.53 -37.49
CA ASP A 421 7.47 3.21 -36.73
C ASP A 421 7.01 3.59 -35.32
N SER A 422 5.91 3.00 -34.86
CA SER A 422 5.43 3.25 -33.51
C SER A 422 6.41 2.62 -32.51
N SER A 423 6.46 3.16 -31.30
CA SER A 423 7.28 2.57 -30.24
C SER A 423 6.54 1.42 -29.59
N CYS A 424 5.32 1.69 -29.17
CA CYS A 424 4.47 0.68 -28.53
CA CYS A 424 4.48 0.68 -28.53
C CYS A 424 3.60 0.01 -29.59
N GLY A 425 2.59 0.75 -30.06
CA GLY A 425 1.75 0.26 -31.12
C GLY A 425 0.48 -0.40 -30.64
N VAL A 426 0.23 -0.33 -29.33
CA VAL A 426 -0.96 -0.95 -28.76
C VAL A 426 -1.76 0.03 -27.89
N TYR A 427 -3.04 0.14 -28.19
CA TYR A 427 -3.93 0.98 -27.41
C TYR A 427 -5.04 0.10 -26.87
N ALA A 428 -5.53 0.39 -25.67
CA ALA A 428 -6.69 -0.34 -25.13
C ALA A 428 -7.97 0.43 -25.43
N GLY A 429 -8.98 -0.25 -25.95
CA GLY A 429 -10.25 0.39 -26.25
C GLY A 429 -11.13 0.48 -25.01
N ASP A 430 -10.85 -0.37 -24.04
CA ASP A 430 -11.59 -0.36 -22.77
C ASP A 430 -10.81 -1.10 -21.70
N GLU A 431 -11.29 -1.04 -20.46
CA GLU A 431 -10.64 -1.72 -19.33
C GLU A 431 -10.47 -3.22 -19.59
N GLU A 432 -11.47 -3.83 -20.21
CA GLU A 432 -11.47 -5.28 -20.41
C GLU A 432 -10.31 -5.75 -21.27
N CYS A 433 -9.87 -4.89 -22.19
CA CYS A 433 -8.72 -5.20 -23.05
C CYS A 433 -7.49 -5.63 -22.26
N TYR A 434 -7.24 -4.99 -21.13
CA TYR A 434 -6.05 -5.29 -20.33
C TYR A 434 -6.13 -6.67 -19.71
N THR A 435 -7.34 -7.21 -19.59
CA THR A 435 -7.53 -8.56 -19.05
C THR A 435 -7.73 -9.57 -20.17
N LEU A 436 -8.62 -9.26 -21.11
CA LEU A 436 -8.94 -10.18 -22.19
C LEU A 436 -7.75 -10.40 -23.11
N PHE A 437 -6.98 -9.33 -23.36
CA PHE A 437 -5.79 -9.47 -24.21
C PHE A 437 -4.51 -9.35 -23.38
N ALA A 438 -4.60 -9.73 -22.11
CA ALA A 438 -3.45 -9.75 -21.20
C ALA A 438 -2.17 -10.40 -21.74
N PRO A 439 -2.29 -11.57 -22.42
CA PRO A 439 -1.05 -12.17 -22.95
C PRO A 439 -0.24 -11.20 -23.80
N LEU A 440 -0.89 -10.22 -24.42
CA LEU A 440 -0.17 -9.18 -25.14
C LEU A 440 0.12 -7.95 -24.27
N PHE A 441 -0.91 -7.43 -23.61
CA PHE A 441 -0.79 -6.21 -22.82
C PHE A 441 0.18 -6.34 -21.63
N ASP A 442 0.18 -7.49 -20.96
CA ASP A 442 1.09 -7.68 -19.81
C ASP A 442 2.54 -7.47 -20.23
N LYS A 443 2.89 -8.05 -21.38
CA LYS A 443 4.25 -7.98 -21.88
C LYS A 443 4.66 -6.55 -22.27
N ILE A 444 3.73 -5.80 -22.84
CA ILE A 444 4.01 -4.41 -23.22
C ILE A 444 4.09 -3.51 -22.00
N VAL A 445 3.16 -3.70 -21.05
CA VAL A 445 3.19 -2.93 -19.81
C VAL A 445 4.52 -3.12 -19.05
N GLU A 446 4.92 -4.38 -18.89
CA GLU A 446 6.11 -4.70 -18.11
C GLU A 446 7.39 -4.36 -18.87
N ASP A 447 7.29 -4.21 -20.18
CA ASP A 447 8.44 -3.78 -20.96
C ASP A 447 8.64 -2.28 -20.82
N TYR A 448 7.61 -1.51 -21.15
CA TYR A 448 7.70 -0.06 -21.09
C TYR A 448 7.88 0.44 -19.67
N HIS A 449 7.25 -0.22 -18.71
CA HIS A 449 7.30 0.23 -17.33
C HIS A 449 8.29 -0.57 -16.49
N SER A 450 9.20 -1.27 -17.16
CA SER A 450 10.30 -1.96 -16.50
C SER A 450 10.94 -0.99 -15.50
N PRO A 451 11.22 -1.43 -14.28
CA PRO A 451 11.20 -2.81 -13.75
C PRO A 451 9.89 -3.25 -13.08
N TYR A 452 8.82 -2.47 -13.20
CA TYR A 452 7.53 -2.87 -12.60
C TYR A 452 7.02 -4.24 -13.06
N LYS A 453 6.50 -5.01 -12.11
CA LYS A 453 5.84 -6.27 -12.42
C LYS A 453 4.38 -6.16 -11.99
N LEU A 454 3.46 -6.59 -12.85
CA LEU A 454 2.03 -6.52 -12.55
C LEU A 454 1.66 -7.27 -11.28
N ALA A 455 2.43 -8.32 -10.96
CA ALA A 455 2.24 -9.05 -9.71
C ALA A 455 2.46 -8.16 -8.48
N ASN A 456 3.33 -7.16 -8.60
CA ASN A 456 3.57 -6.23 -7.49
C ASN A 456 2.33 -5.42 -7.13
N LYS A 457 1.54 -5.13 -8.16
CA LYS A 457 0.39 -4.24 -8.05
C LYS A 457 0.80 -2.81 -7.68
N HIS A 458 -0.16 -1.90 -7.76
CA HIS A 458 0.12 -0.48 -7.70
C HIS A 458 -0.74 0.17 -6.62
N THR A 459 -0.16 1.15 -5.92
CA THR A 459 -0.90 1.90 -4.91
C THR A 459 -1.07 3.37 -5.30
N SER A 460 -2.31 3.83 -5.44
CA SER A 460 -2.56 5.24 -5.72
C SER A 460 -2.65 6.02 -4.40
N ASP A 461 -2.22 7.27 -4.41
CA ASP A 461 -2.24 8.10 -3.20
C ASP A 461 -2.30 9.58 -3.55
N MET A 462 -3.50 10.15 -3.43
CA MET A 462 -3.67 11.57 -3.72
C MET A 462 -3.91 12.40 -2.46
N ASN A 463 -3.17 12.09 -1.38
CA ASN A 463 -3.19 12.91 -0.17
C ASN A 463 -1.97 13.82 -0.10
N PRO A 464 -2.14 15.11 -0.41
CA PRO A 464 -1.04 16.07 -0.43
C PRO A 464 -0.39 16.29 0.95
N GLU A 465 -1.06 15.89 2.02
CA GLU A 465 -0.48 16.09 3.36
C GLU A 465 0.60 15.04 3.64
N LYS A 466 0.69 14.03 2.77
CA LYS A 466 1.74 13.03 2.95
C LYS A 466 3.03 13.44 2.22
N VAL A 467 2.98 14.55 1.49
CA VAL A 467 4.19 15.13 0.91
C VAL A 467 4.80 16.21 1.82
N ASP A 468 6.07 16.04 2.16
CA ASP A 468 6.78 17.02 3.00
C ASP A 468 7.71 17.84 2.10
N ALA A 469 7.26 19.04 1.74
CA ALA A 469 7.99 19.85 0.75
C ALA A 469 8.06 21.34 1.08
N PRO A 470 8.94 21.72 2.02
CA PRO A 470 9.18 23.15 2.26
C PRO A 470 9.72 23.81 0.99
N ASN A 471 9.20 24.97 0.61
CA ASN A 471 9.52 25.58 -0.68
C ASN A 471 11.02 25.76 -0.96
N LEU A 472 11.48 25.18 -2.07
CA LEU A 472 12.91 25.09 -2.37
C LEU A 472 13.59 26.41 -2.71
N ASP A 473 12.99 27.15 -3.64
CA ASP A 473 13.64 28.32 -4.22
C ASP A 473 12.69 29.51 -4.33
N PRO A 474 12.28 30.09 -3.19
CA PRO A 474 11.35 31.23 -3.13
C PRO A 474 11.69 32.39 -4.08
N GLU A 475 12.95 32.57 -4.42
CA GLU A 475 13.38 33.68 -5.27
C GLU A 475 13.27 33.34 -6.77
N GLY A 476 13.17 32.05 -7.08
CA GLY A 476 13.12 31.61 -8.45
C GLY A 476 14.44 31.78 -9.18
N THR A 477 15.51 31.83 -8.41
CA THR A 477 16.86 32.00 -8.95
C THR A 477 17.23 30.81 -9.83
N TYR A 478 16.83 29.62 -9.39
CA TYR A 478 17.17 28.39 -10.08
C TYR A 478 15.93 27.70 -10.64
N ILE A 479 14.87 27.62 -9.82
CA ILE A 479 13.64 26.98 -10.27
C ILE A 479 12.67 27.99 -10.86
N ARG A 480 12.44 27.88 -12.17
CA ARG A 480 11.63 28.87 -12.89
C ARG A 480 10.13 28.54 -12.90
N SER A 481 9.80 27.25 -12.99
CA SER A 481 8.39 26.84 -13.01
C SER A 481 8.20 25.39 -12.54
N THR A 482 6.98 25.06 -12.10
CA THR A 482 6.67 23.74 -11.57
C THR A 482 5.33 23.28 -12.13
N ARG A 483 5.27 22.07 -12.66
CA ARG A 483 4.08 21.59 -13.36
C ARG A 483 3.82 20.13 -13.00
N ILE A 484 2.56 19.82 -12.69
CA ILE A 484 2.19 18.42 -12.46
C ILE A 484 0.90 18.08 -13.19
N ARG A 485 0.97 17.07 -14.05
CA ARG A 485 -0.16 16.65 -14.86
C ARG A 485 -0.54 15.21 -14.52
N VAL A 486 -1.84 14.91 -14.52
CA VAL A 486 -2.28 13.51 -14.46
C VAL A 486 -3.28 13.23 -15.58
N ALA A 487 -3.18 12.05 -16.17
CA ALA A 487 -4.19 11.58 -17.11
C ALA A 487 -5.19 10.75 -16.32
N ARG A 488 -6.48 10.93 -16.60
CA ARG A 488 -7.50 10.12 -15.94
C ARG A 488 -8.59 9.78 -16.94
N ASN A 489 -9.25 8.63 -16.74
CA ASN A 489 -10.43 8.32 -17.53
C ASN A 489 -11.62 8.05 -16.61
N VAL A 490 -12.81 8.42 -17.08
CA VAL A 490 -14.02 8.38 -16.22
C VAL A 490 -14.60 6.98 -16.12
N LYS A 491 -14.86 6.54 -14.88
CA LYS A 491 -15.35 5.19 -14.64
C LYS A 491 -16.72 4.99 -15.27
N GLY A 492 -16.94 3.80 -15.83
CA GLY A 492 -18.24 3.47 -16.39
C GLY A 492 -18.29 3.58 -17.90
N TYR A 493 -17.16 3.96 -18.51
CA TYR A 493 -17.11 4.13 -19.95
C TYR A 493 -15.99 3.30 -20.57
N ALA A 494 -15.99 3.21 -21.90
CA ALA A 494 -14.84 2.66 -22.60
C ALA A 494 -13.67 3.60 -22.38
N LEU A 495 -12.49 3.25 -22.88
CA LEU A 495 -11.41 4.23 -22.88
C LEU A 495 -11.57 5.02 -24.17
N THR A 496 -10.78 6.08 -24.34
CA THR A 496 -10.89 6.94 -25.51
C THR A 496 -10.97 6.23 -26.88
N PRO A 497 -10.12 5.19 -27.11
CA PRO A 497 -10.17 4.58 -28.44
C PRO A 497 -11.46 3.82 -28.72
N GLY A 498 -12.19 3.43 -27.67
CA GLY A 498 -13.36 2.60 -27.85
C GLY A 498 -14.68 3.33 -27.63
N LEU A 499 -14.60 4.63 -27.37
CA LEU A 499 -15.78 5.44 -27.06
C LEU A 499 -16.81 5.46 -28.17
N THR A 500 -18.09 5.36 -27.80
CA THR A 500 -19.18 5.59 -28.73
C THR A 500 -19.51 7.09 -28.70
N ARG A 501 -20.31 7.55 -29.65
CA ARG A 501 -20.67 8.96 -29.70
C ARG A 501 -21.32 9.44 -28.41
N ASN A 502 -22.30 8.69 -27.93
CA ASN A 502 -23.05 9.09 -26.74
C ASN A 502 -22.22 9.07 -25.46
N GLU A 503 -21.34 8.08 -25.33
CA GLU A 503 -20.40 8.05 -24.19
C GLU A 503 -19.56 9.33 -24.13
N ARG A 504 -18.96 9.70 -25.25
CA ARG A 504 -18.08 10.88 -25.29
C ARG A 504 -18.85 12.14 -24.89
N LEU A 505 -20.07 12.27 -25.40
CA LEU A 505 -20.94 13.38 -25.06
C LEU A 505 -21.34 13.36 -23.58
N ASP A 506 -21.60 12.16 -23.05
CA ASP A 506 -21.94 12.03 -21.64
C ASP A 506 -20.77 12.44 -20.75
N ILE A 507 -19.58 12.01 -21.14
CA ILE A 507 -18.36 12.36 -20.43
C ILE A 507 -18.15 13.88 -20.40
N GLU A 508 -18.24 14.52 -21.57
CA GLU A 508 -18.08 15.97 -21.63
C GLU A 508 -19.07 16.66 -20.70
N ARG A 509 -20.33 16.22 -20.76
CA ARG A 509 -21.39 16.81 -19.96
C ARG A 509 -21.12 16.69 -18.46
N LYS A 510 -20.71 15.50 -18.02
CA LYS A 510 -20.50 15.27 -16.60
C LYS A 510 -19.23 15.93 -16.05
N VAL A 511 -18.17 15.95 -16.86
CA VAL A 511 -16.94 16.63 -16.45
C VAL A 511 -17.14 18.13 -16.33
N VAL A 512 -17.72 18.74 -17.37
CA VAL A 512 -18.06 20.18 -17.35
C VAL A 512 -18.90 20.52 -16.13
N GLY A 513 -19.87 19.66 -15.82
CA GLY A 513 -20.68 19.82 -14.62
C GLY A 513 -19.86 19.97 -13.35
N VAL A 514 -18.97 19.00 -13.12
CA VAL A 514 -18.09 19.05 -11.95
C VAL A 514 -17.20 20.29 -12.00
N LEU A 515 -16.59 20.55 -13.15
CA LEU A 515 -15.64 21.65 -13.28
C LEU A 515 -16.29 23.01 -13.02
N SER A 516 -17.52 23.19 -13.48
CA SER A 516 -18.24 24.45 -13.32
C SER A 516 -18.63 24.68 -11.85
N SER A 517 -18.62 23.62 -11.05
CA SER A 517 -19.01 23.70 -9.65
C SER A 517 -17.81 24.02 -8.76
N LEU A 518 -16.62 24.02 -9.35
CA LEU A 518 -15.40 24.25 -8.58
C LEU A 518 -15.32 25.69 -8.06
N THR A 519 -14.95 25.83 -6.79
CA THR A 519 -14.90 27.13 -6.13
C THR A 519 -13.47 27.50 -5.75
N GLY A 520 -13.32 28.68 -5.15
CA GLY A 520 -12.00 29.13 -4.71
C GLY A 520 -11.09 29.40 -5.89
N ASP A 521 -9.82 29.02 -5.76
CA ASP A 521 -8.84 29.26 -6.80
C ASP A 521 -9.01 28.29 -7.97
N LEU A 522 -9.94 27.35 -7.84
CA LEU A 522 -10.22 26.38 -8.90
C LEU A 522 -11.36 26.81 -9.83
N ALA A 523 -12.08 27.87 -9.45
CA ALA A 523 -13.18 28.39 -10.26
C ALA A 523 -12.66 28.86 -11.62
N GLY A 524 -13.43 28.61 -12.67
CA GLY A 524 -13.01 28.97 -14.01
C GLY A 524 -14.09 28.78 -15.05
N GLN A 525 -13.68 28.77 -16.32
CA GLN A 525 -14.63 28.68 -17.41
C GLN A 525 -14.26 27.59 -18.42
N TYR A 526 -15.28 27.06 -19.09
CA TYR A 526 -15.11 26.00 -20.06
C TYR A 526 -15.16 26.54 -21.48
N TYR A 527 -14.38 25.94 -22.38
CA TYR A 527 -14.38 26.32 -23.77
C TYR A 527 -14.45 25.08 -24.65
N PRO A 528 -15.66 24.74 -25.12
CA PRO A 528 -15.78 23.60 -26.04
C PRO A 528 -15.07 23.93 -27.34
N LEU A 529 -14.47 22.93 -27.97
CA LEU A 529 -13.87 23.13 -29.29
C LEU A 529 -14.93 23.33 -30.35
N THR A 530 -16.04 22.59 -30.22
CA THR A 530 -17.14 22.68 -31.16
C THR A 530 -17.71 24.08 -31.14
N GLY A 531 -17.65 24.74 -32.29
CA GLY A 531 -18.17 26.09 -32.41
C GLY A 531 -17.31 27.16 -31.76
N MET A 532 -16.03 26.88 -31.57
CA MET A 532 -15.12 27.88 -31.01
C MET A 532 -14.83 28.98 -32.02
N ASP A 533 -14.92 30.25 -31.59
CA ASP A 533 -14.67 31.38 -32.48
C ASP A 533 -13.17 31.72 -32.58
N GLU A 534 -12.83 32.54 -33.56
CA GLU A 534 -11.43 32.93 -33.82
C GLU A 534 -10.73 33.56 -32.61
N ALA A 535 -11.43 34.46 -31.92
CA ALA A 535 -10.84 35.22 -30.81
C ALA A 535 -10.63 34.39 -29.54
N THR A 536 -11.57 33.49 -29.27
CA THR A 536 -11.45 32.57 -28.13
C THR A 536 -10.23 31.66 -28.36
N ARG A 537 -10.14 31.15 -29.57
CA ARG A 537 -9.05 30.29 -29.98
C ARG A 537 -7.72 30.99 -29.78
N GLN A 538 -7.54 32.13 -30.45
CA GLN A 538 -6.31 32.90 -30.38
C GLN A 538 -5.86 33.14 -28.94
N LYS A 539 -6.82 33.51 -28.11
CA LYS A 539 -6.57 33.72 -26.69
C LYS A 539 -6.00 32.46 -26.04
N LEU A 540 -6.63 31.32 -26.34
CA LEU A 540 -6.19 30.04 -25.81
C LEU A 540 -4.80 29.65 -26.32
N VAL A 541 -4.54 29.89 -27.60
CA VAL A 541 -3.22 29.61 -28.18
C VAL A 541 -2.14 30.42 -27.47
N ASN A 542 -2.44 31.69 -27.20
CA ASN A 542 -1.49 32.59 -26.55
C ASN A 542 -1.11 32.13 -25.15
N ASP A 543 -2.05 31.51 -24.44
CA ASP A 543 -1.76 30.95 -23.12
C ASP A 543 -1.20 29.52 -23.22
N HIS A 544 -1.11 29.01 -24.45
CA HIS A 544 -0.67 27.64 -24.72
C HIS A 544 -1.65 26.58 -24.17
N PHE A 545 -2.95 26.89 -24.20
CA PHE A 545 -3.97 26.05 -23.60
C PHE A 545 -4.74 25.22 -24.63
N LEU A 546 -4.59 25.57 -25.90
CA LEU A 546 -5.34 24.93 -26.97
C LEU A 546 -4.72 23.59 -27.36
N PHE A 547 -5.57 22.60 -27.65
CA PHE A 547 -5.09 21.36 -28.25
C PHE A 547 -5.76 21.14 -29.59
N LYS A 548 -5.17 20.31 -30.43
CA LYS A 548 -5.70 20.07 -31.77
C LYS A 548 -5.99 18.60 -32.02
N LYS A 549 -6.48 18.28 -33.22
CA LYS A 549 -6.80 16.89 -33.58
C LYS A 549 -5.57 16.00 -33.41
N GLY A 550 -5.78 14.75 -33.02
CA GLY A 550 -4.66 13.87 -32.70
C GLY A 550 -3.84 13.52 -33.92
N ASP A 551 -2.59 13.13 -33.70
CA ASP A 551 -1.73 12.74 -34.80
C ASP A 551 -2.10 11.40 -35.41
N ARG A 552 -1.29 10.91 -36.36
CA ARG A 552 -1.60 9.67 -37.08
C ARG A 552 -1.65 8.44 -36.16
N PHE A 553 -0.97 8.51 -35.01
CA PHE A 553 -0.97 7.38 -34.09
C PHE A 553 -2.33 7.31 -33.41
N LEU A 554 -2.83 8.46 -32.97
CA LEU A 554 -4.16 8.57 -32.40
C LEU A 554 -5.26 8.32 -33.43
N GLU A 555 -5.08 8.86 -34.63
CA GLU A 555 -6.02 8.64 -35.72
C GLU A 555 -6.24 7.14 -35.96
N ALA A 556 -5.15 6.39 -36.05
CA ALA A 556 -5.25 4.97 -36.36
C ALA A 556 -5.76 4.16 -35.16
N ALA A 557 -5.63 4.73 -33.97
CA ALA A 557 -6.08 4.06 -32.75
C ALA A 557 -7.58 4.24 -32.56
N GLY A 558 -8.18 5.15 -33.31
CA GLY A 558 -9.61 5.41 -33.21
C GLY A 558 -9.93 6.54 -32.26
N VAL A 559 -8.90 7.27 -31.84
CA VAL A 559 -9.04 8.34 -30.85
C VAL A 559 -9.69 9.61 -31.42
N ASN A 560 -9.52 9.85 -32.71
CA ASN A 560 -9.98 11.12 -33.30
C ASN A 560 -11.44 11.15 -33.77
N LYS A 561 -12.19 10.11 -33.46
CA LYS A 561 -13.55 9.94 -34.00
C LYS A 561 -14.45 11.14 -33.72
N LEU A 562 -15.16 11.59 -34.75
CA LEU A 562 -16.14 12.67 -34.64
C LEU A 562 -15.55 14.01 -34.18
N TRP A 563 -14.26 14.23 -34.46
CA TRP A 563 -13.60 15.47 -34.09
C TRP A 563 -14.37 16.68 -34.60
N PRO A 564 -14.54 17.71 -33.75
CA PRO A 564 -14.09 17.88 -32.36
C PRO A 564 -15.22 17.71 -31.34
N GLU A 565 -16.26 16.97 -31.70
CA GLU A 565 -17.42 16.82 -30.83
C GLU A 565 -17.03 16.24 -29.47
N GLY A 566 -17.49 16.88 -28.40
CA GLY A 566 -17.25 16.35 -27.07
C GLY A 566 -15.93 16.80 -26.46
N ARG A 567 -15.15 17.55 -27.24
CA ARG A 567 -13.83 18.00 -26.82
C ARG A 567 -13.89 19.43 -26.30
N GLY A 568 -13.13 19.72 -25.25
CA GLY A 568 -13.11 21.07 -24.71
C GLY A 568 -11.98 21.38 -23.75
N ILE A 569 -11.92 22.64 -23.34
CA ILE A 569 -10.83 23.13 -22.50
C ILE A 569 -11.38 23.95 -21.32
N PHE A 570 -10.88 23.67 -20.13
CA PHE A 570 -11.22 24.43 -18.95
C PHE A 570 -9.93 24.95 -18.31
N HIS A 571 -9.96 26.18 -17.82
CA HIS A 571 -8.83 26.68 -17.04
C HIS A 571 -9.32 27.66 -15.98
N ASN A 572 -8.61 27.73 -14.85
CA ASN A 572 -9.00 28.64 -13.78
C ASN A 572 -8.61 30.10 -14.08
N ASN A 573 -9.09 31.01 -13.25
CA ASN A 573 -8.82 32.42 -13.47
C ASN A 573 -7.36 32.79 -13.25
N ASP A 574 -6.70 32.09 -12.32
CA ASP A 574 -5.29 32.34 -12.03
C ASP A 574 -4.37 31.73 -13.09
N LYS A 575 -4.94 30.91 -13.97
CA LYS A 575 -4.17 30.19 -15.00
C LYS A 575 -3.14 29.26 -14.37
N THR A 576 -3.47 28.70 -13.21
CA THR A 576 -2.63 27.71 -12.54
C THR A 576 -3.27 26.32 -12.59
N PHE A 577 -4.41 26.22 -13.27
CA PHE A 577 -5.12 24.96 -13.36
C PHE A 577 -5.76 24.81 -14.74
N LEU A 578 -5.47 23.69 -15.40
CA LEU A 578 -5.91 23.48 -16.77
C LEU A 578 -6.42 22.05 -16.96
N VAL A 579 -7.54 21.92 -17.65
CA VAL A 579 -8.08 20.60 -17.98
C VAL A 579 -8.37 20.50 -19.47
N TRP A 580 -7.90 19.41 -20.08
CA TRP A 580 -8.31 19.09 -21.44
C TRP A 580 -9.31 17.95 -21.37
N ILE A 581 -10.44 18.10 -22.07
CA ILE A 581 -11.49 17.09 -22.05
C ILE A 581 -11.56 16.33 -23.37
N ASN A 582 -11.45 15.00 -23.27
CA ASN A 582 -11.55 14.10 -24.42
C ASN A 582 -10.50 14.34 -25.50
N GLU A 583 -9.32 14.76 -25.10
CA GLU A 583 -8.18 14.84 -26.01
C GLU A 583 -7.66 13.43 -26.29
N GLU A 584 -6.51 13.06 -25.72
CA GLU A 584 -5.98 11.70 -25.86
C GLU A 584 -6.58 10.78 -24.80
N ASP A 585 -6.66 11.29 -23.57
CA ASP A 585 -7.45 10.66 -22.53
C ASP A 585 -8.68 11.53 -22.30
N GLN A 586 -9.64 10.99 -21.55
CA GLN A 586 -10.87 11.72 -21.31
C GLN A 586 -10.57 12.95 -20.47
N LEU A 587 -9.62 12.80 -19.55
CA LEU A 587 -9.17 13.91 -18.71
C LEU A 587 -7.65 14.04 -18.70
N ARG A 588 -7.16 15.23 -19.04
CA ARG A 588 -5.77 15.59 -18.76
C ARG A 588 -5.80 16.78 -17.82
N ILE A 589 -5.27 16.58 -16.62
CA ILE A 589 -5.46 17.53 -15.54
C ILE A 589 -4.10 18.09 -15.12
N ILE A 590 -3.96 19.42 -15.18
CA ILE A 590 -2.65 20.05 -15.03
C ILE A 590 -2.63 21.21 -14.02
N SER A 591 -1.74 21.11 -13.03
CA SER A 591 -1.52 22.18 -12.07
C SER A 591 -0.14 22.79 -12.32
N MET A 592 -0.05 24.11 -12.27
CA MET A 592 1.13 24.82 -12.79
C MET A 592 1.41 26.14 -12.06
N GLU A 593 2.69 26.41 -11.80
CA GLU A 593 3.10 27.68 -11.18
C GLU A 593 4.44 28.16 -11.70
N LYS A 594 4.67 29.47 -11.62
CA LYS A 594 6.01 30.01 -11.74
C LYS A 594 6.66 29.71 -10.40
N GLY A 595 7.98 29.54 -10.39
CA GLY A 595 8.67 29.33 -9.13
C GLY A 595 8.74 27.87 -8.74
N SER A 596 8.94 27.62 -7.45
CA SER A 596 9.47 26.35 -6.98
C SER A 596 8.53 25.50 -6.13
N ASP A 597 7.32 25.97 -5.89
CA ASP A 597 6.51 25.35 -4.84
C ASP A 597 5.73 24.12 -5.30
N ILE A 598 6.38 22.97 -5.29
CA ILE A 598 5.76 21.71 -5.72
C ILE A 598 4.60 21.31 -4.82
N GLY A 599 4.73 21.56 -3.53
CA GLY A 599 3.71 21.19 -2.56
C GLY A 599 2.39 21.89 -2.81
N SER A 600 2.48 23.16 -3.19
CA SER A 600 1.30 23.94 -3.51
C SER A 600 0.65 23.46 -4.81
N VAL A 601 1.49 23.27 -5.84
CA VAL A 601 1.01 22.76 -7.13
C VAL A 601 0.30 21.42 -6.94
N PHE A 602 0.92 20.52 -6.18
CA PHE A 602 0.34 19.21 -5.92
C PHE A 602 -0.90 19.30 -5.03
N GLY A 603 -0.88 20.23 -4.07
CA GLY A 603 -2.03 20.43 -3.22
C GLY A 603 -3.24 20.90 -4.02
N ARG A 604 -2.99 21.81 -4.96
CA ARG A 604 -4.06 22.28 -5.84
C ARG A 604 -4.54 21.15 -6.74
N LEU A 605 -3.60 20.38 -7.29
CA LEU A 605 -3.94 19.25 -8.15
C LEU A 605 -4.85 18.24 -7.44
N CYS A 606 -4.48 17.90 -6.20
CA CYS A 606 -5.22 16.92 -5.42
C CYS A 606 -6.63 17.39 -5.09
N ARG A 607 -6.76 18.66 -4.71
CA ARG A 607 -8.08 19.23 -4.42
C ARG A 607 -9.03 19.08 -5.61
N ALA A 608 -8.51 19.37 -6.80
CA ALA A 608 -9.31 19.27 -8.01
C ALA A 608 -9.58 17.82 -8.42
N VAL A 609 -8.55 16.99 -8.41
CA VAL A 609 -8.72 15.61 -8.86
C VAL A 609 -9.59 14.79 -7.91
N ASN A 610 -9.41 14.99 -6.61
CA ASN A 610 -10.20 14.26 -5.63
C ASN A 610 -11.69 14.61 -5.69
N GLU A 611 -12.00 15.87 -5.96
CA GLU A 611 -13.38 16.30 -6.10
C GLU A 611 -14.04 15.62 -7.31
N ILE A 612 -13.31 15.58 -8.42
CA ILE A 612 -13.80 14.93 -9.64
C ILE A 612 -13.98 13.44 -9.39
N ASP A 613 -13.02 12.85 -8.68
CA ASP A 613 -13.05 11.42 -8.35
C ASP A 613 -14.31 11.11 -7.54
N LYS A 614 -14.53 11.88 -6.49
CA LYS A 614 -15.69 11.71 -5.63
C LYS A 614 -17.01 11.81 -6.42
N GLN A 615 -17.08 12.74 -7.37
CA GLN A 615 -18.30 12.92 -8.15
C GLN A 615 -18.49 11.90 -9.29
N LEU A 616 -17.40 11.53 -9.94
CA LEU A 616 -17.49 10.73 -11.16
C LEU A 616 -16.88 9.33 -11.08
N GLY A 617 -15.78 9.21 -10.33
CA GLY A 617 -15.02 7.97 -10.31
C GLY A 617 -14.09 7.86 -11.51
N PHE A 618 -12.95 7.19 -11.31
CA PHE A 618 -11.97 6.98 -12.38
C PHE A 618 -11.82 5.49 -12.69
N GLN A 619 -11.38 5.18 -13.91
CA GLN A 619 -11.04 3.81 -14.27
C GLN A 619 -9.70 3.44 -13.64
N HIS A 620 -9.67 2.29 -12.96
CA HIS A 620 -8.56 1.96 -12.06
C HIS A 620 -8.57 0.47 -11.78
N THR A 621 -7.40 -0.17 -11.77
CA THR A 621 -7.28 -1.53 -11.27
C THR A 621 -6.13 -1.61 -10.28
N ASP A 622 -6.07 -2.68 -9.49
CA ASP A 622 -4.96 -2.85 -8.56
C ASP A 622 -3.64 -3.07 -9.31
N ALA A 623 -3.70 -3.79 -10.42
CA ALA A 623 -2.48 -4.12 -11.17
C ALA A 623 -1.96 -2.98 -12.06
N HIS A 624 -2.86 -2.19 -12.63
CA HIS A 624 -2.48 -1.14 -13.60
C HIS A 624 -2.59 0.29 -13.08
N GLY A 625 -3.14 0.47 -11.88
CA GLY A 625 -3.42 1.82 -11.40
C GLY A 625 -4.48 2.47 -12.27
N TYR A 626 -4.40 3.78 -12.47
CA TYR A 626 -5.39 4.43 -13.33
C TYR A 626 -5.23 4.01 -14.78
N LEU A 627 -6.34 3.65 -15.40
CA LEU A 627 -6.32 3.11 -16.75
C LEU A 627 -6.32 4.20 -17.81
N SER A 628 -5.65 3.90 -18.91
CA SER A 628 -5.56 4.82 -20.03
C SER A 628 -5.58 3.99 -21.29
N GLY A 629 -6.02 4.60 -22.40
CA GLY A 629 -6.01 3.92 -23.68
C GLY A 629 -4.57 3.65 -24.09
N CYS A 630 -3.67 4.51 -23.63
N CYS A 630 -3.66 4.53 -23.69
CA CYS A 630 -2.25 4.36 -23.87
CA CYS A 630 -2.24 4.32 -23.95
C CYS A 630 -1.59 3.75 -22.65
C CYS A 630 -1.57 3.76 -22.69
N PRO A 631 -1.02 2.55 -22.80
CA PRO A 631 -0.37 1.86 -21.68
C PRO A 631 0.82 2.62 -21.08
N THR A 632 1.32 3.63 -21.77
CA THR A 632 2.38 4.47 -21.22
C THR A 632 1.87 5.38 -20.11
N ASN A 633 0.56 5.62 -20.10
CA ASN A 633 -0.04 6.51 -19.12
C ASN A 633 -0.70 5.81 -17.94
N LEU A 634 -0.36 4.54 -17.72
CA LEU A 634 -0.92 3.78 -16.60
C LEU A 634 -0.32 4.22 -15.26
N GLY A 635 -0.78 3.59 -14.18
CA GLY A 635 -0.27 3.86 -12.84
C GLY A 635 -0.77 5.17 -12.25
N THR A 636 0.16 6.10 -12.03
CA THR A 636 -0.16 7.44 -11.61
C THR A 636 -0.68 8.29 -12.77
N GLY A 637 -0.37 7.86 -13.99
CA GLY A 637 -0.67 8.64 -15.19
C GLY A 637 -0.07 10.04 -15.11
N MET A 638 0.98 10.16 -14.31
CA MET A 638 1.49 11.47 -13.91
C MET A 638 2.73 11.89 -14.69
N ARG A 639 2.80 13.16 -15.06
CA ARG A 639 4.08 13.76 -15.40
C ARG A 639 4.32 14.97 -14.52
N ALA A 640 5.31 14.87 -13.64
CA ALA A 640 5.71 16.00 -12.81
C ALA A 640 6.92 16.67 -13.47
N SER A 641 6.87 17.98 -13.63
CA SER A 641 7.92 18.69 -14.37
C SER A 641 8.43 19.89 -13.59
N VAL A 642 9.75 20.04 -13.52
CA VAL A 642 10.36 21.19 -12.88
C VAL A 642 11.38 21.81 -13.83
N HIS A 643 11.20 23.09 -14.14
CA HIS A 643 12.11 23.82 -15.01
C HIS A 643 13.17 24.50 -14.15
N VAL A 644 14.42 24.08 -14.29
CA VAL A 644 15.46 24.54 -13.35
C VAL A 644 16.84 24.73 -14.03
N LYS A 645 17.56 25.77 -13.58
CA LYS A 645 18.87 26.09 -14.15
C LYS A 645 19.98 25.44 -13.35
N ILE A 646 20.58 24.39 -13.90
CA ILE A 646 21.51 23.57 -13.13
C ILE A 646 22.82 23.24 -13.89
N PRO A 647 23.59 24.28 -14.28
CA PRO A 647 24.86 24.01 -15.00
C PRO A 647 25.89 23.29 -14.12
N LYS A 648 26.07 23.76 -12.89
CA LYS A 648 27.02 23.13 -11.97
C LYS A 648 26.71 21.64 -11.72
N ALA A 649 25.49 21.33 -11.27
CA ALA A 649 25.18 19.95 -10.92
C ALA A 649 25.00 19.01 -12.13
N SER A 650 24.63 19.55 -13.29
CA SER A 650 24.56 18.71 -14.50
C SER A 650 25.95 18.17 -14.88
N ALA A 651 26.99 18.88 -14.46
CA ALA A 651 28.38 18.46 -14.67
C ALA A 651 28.95 17.75 -13.45
N HIS A 652 28.25 17.84 -12.32
CA HIS A 652 28.66 17.16 -11.09
C HIS A 652 28.56 15.65 -11.26
N PRO A 653 29.44 14.89 -10.60
CA PRO A 653 29.37 13.42 -10.72
C PRO A 653 28.40 12.74 -9.75
N ASP A 654 27.69 13.52 -8.94
CA ASP A 654 26.62 12.94 -8.13
C ASP A 654 25.30 13.05 -8.90
N PHE A 655 25.36 13.77 -10.02
CA PHE A 655 24.21 14.00 -10.88
C PHE A 655 23.53 12.71 -11.30
N GLN A 656 24.30 11.81 -11.92
CA GLN A 656 23.82 10.49 -12.31
C GLN A 656 23.20 9.75 -11.13
N LYS A 657 23.92 9.75 -10.00
CA LYS A 657 23.49 9.05 -8.79
C LYS A 657 22.14 9.58 -8.30
N ILE A 658 22.00 10.91 -8.33
CA ILE A 658 20.78 11.58 -7.89
C ILE A 658 19.58 11.23 -8.77
N CYS A 659 19.74 11.38 -10.08
CA CYS A 659 18.68 11.06 -11.03
C CYS A 659 18.26 9.60 -10.94
N ASP A 660 19.23 8.72 -10.68
CA ASP A 660 18.96 7.30 -10.60
C ASP A 660 18.27 6.91 -9.29
N GLU A 661 18.73 7.45 -8.17
CA GLU A 661 18.11 7.16 -6.89
C GLU A 661 16.65 7.62 -6.87
N PHE A 662 16.40 8.81 -7.41
CA PHE A 662 15.08 9.41 -7.31
C PHE A 662 14.21 9.26 -8.56
N HIS A 663 14.71 8.45 -9.51
CA HIS A 663 13.95 8.09 -10.70
C HIS A 663 13.46 9.30 -11.48
N ILE A 664 14.34 10.30 -11.60
CA ILE A 664 14.05 11.50 -12.39
C ILE A 664 15.05 11.59 -13.54
N GLN A 665 14.71 12.41 -14.54
CA GLN A 665 15.56 12.59 -15.71
C GLN A 665 15.53 14.07 -16.09
N ALA A 666 16.64 14.59 -16.59
CA ALA A 666 16.71 15.99 -16.94
C ALA A 666 16.86 16.17 -18.42
N ARG A 667 16.02 17.03 -19.02
CA ARG A 667 16.15 17.36 -20.44
C ARG A 667 16.11 18.87 -20.65
N GLY A 668 16.77 19.33 -21.72
CA GLY A 668 17.06 20.75 -21.87
C GLY A 668 16.01 21.61 -22.55
N ILE A 669 16.04 22.90 -22.25
CA ILE A 669 15.19 23.88 -22.92
C ILE A 669 16.03 25.08 -23.37
N ASP A 680 14.67 31.67 -19.64
CA ASP A 680 15.43 31.14 -20.75
C ASP A 680 16.92 31.09 -20.41
N ALA A 681 17.53 29.92 -20.56
CA ALA A 681 18.90 29.70 -20.13
C ALA A 681 19.35 28.27 -20.40
N GLY A 682 20.18 27.78 -19.49
CA GLY A 682 20.34 26.35 -19.32
C GLY A 682 19.23 25.98 -18.35
N VAL A 683 17.99 26.20 -18.77
CA VAL A 683 16.84 25.70 -18.02
C VAL A 683 16.70 24.24 -18.41
N PHE A 684 16.60 23.38 -17.40
CA PHE A 684 16.45 21.96 -17.64
C PHE A 684 15.04 21.55 -17.24
N ASP A 685 14.43 20.67 -18.01
CA ASP A 685 13.19 20.05 -17.60
C ASP A 685 13.52 18.82 -16.78
N ILE A 686 13.19 18.85 -15.49
CA ILE A 686 13.33 17.68 -14.64
C ILE A 686 11.97 17.00 -14.56
N SER A 687 11.91 15.74 -14.97
CA SER A 687 10.64 15.01 -14.94
C SER A 687 10.79 13.63 -14.33
N ASN A 688 9.68 13.06 -13.88
CA ASN A 688 9.68 11.71 -13.32
C ASN A 688 9.86 10.65 -14.40
N ARG A 689 10.57 9.58 -14.09
CA ARG A 689 10.78 8.50 -15.04
C ARG A 689 9.72 7.40 -14.97
N ARG A 690 9.15 7.21 -13.78
CA ARG A 690 8.23 6.10 -13.56
C ARG A 690 6.80 6.53 -13.29
N ARG A 691 5.86 5.64 -13.61
CA ARG A 691 4.43 5.86 -13.39
C ARG A 691 3.77 4.70 -12.67
N LEU A 692 4.30 3.49 -12.84
CA LEU A 692 3.79 2.31 -12.14
C LEU A 692 4.71 1.86 -11.02
N GLY A 693 4.13 1.48 -9.88
CA GLY A 693 4.91 0.94 -8.78
C GLY A 693 5.22 1.95 -7.68
N LEU A 694 4.84 3.20 -7.92
CA LEU A 694 4.98 4.25 -6.92
C LEU A 694 3.71 5.09 -6.96
N SER A 695 3.32 5.64 -5.81
CA SER A 695 2.10 6.42 -5.75
C SER A 695 2.35 7.84 -6.22
N GLU A 696 1.29 8.62 -6.41
CA GLU A 696 1.43 10.02 -6.80
C GLU A 696 2.20 10.79 -5.75
N VAL A 697 1.89 10.52 -4.48
CA VAL A 697 2.60 11.11 -3.35
C VAL A 697 4.08 10.81 -3.40
N GLN A 698 4.42 9.55 -3.68
CA GLN A 698 5.81 9.13 -3.71
C GLN A 698 6.56 9.78 -4.86
N CYS A 699 5.88 9.90 -5.99
CA CYS A 699 6.45 10.52 -7.17
C CYS A 699 6.79 11.99 -6.90
N VAL A 700 5.85 12.71 -6.30
CA VAL A 700 6.06 14.12 -5.99
C VAL A 700 7.16 14.28 -4.92
N GLN A 701 7.14 13.40 -3.93
CA GLN A 701 8.17 13.45 -2.89
C GLN A 701 9.55 13.17 -3.49
N ASP A 702 9.62 12.18 -4.38
CA ASP A 702 10.86 11.86 -5.08
C ASP A 702 11.39 13.06 -5.87
N MET A 703 10.48 13.74 -6.55
CA MET A 703 10.85 14.90 -7.36
C MET A 703 11.39 16.00 -6.46
N TYR A 704 10.72 16.22 -5.33
CA TYR A 704 11.16 17.23 -4.38
C TYR A 704 12.55 16.88 -3.85
N ASN A 705 12.73 15.63 -3.45
CA ASN A 705 13.98 15.20 -2.85
C ASN A 705 15.15 15.32 -3.82
N GLY A 706 14.93 14.87 -5.06
CA GLY A 706 15.93 14.94 -6.11
C GLY A 706 16.33 16.36 -6.45
N VAL A 707 15.35 17.20 -6.73
CA VAL A 707 15.59 18.61 -7.04
C VAL A 707 16.29 19.34 -5.89
N LYS A 708 15.93 18.97 -4.66
CA LYS A 708 16.55 19.55 -3.48
C LYS A 708 18.06 19.33 -3.50
N LYS A 709 18.46 18.10 -3.80
CA LYS A 709 19.88 17.77 -3.87
C LYS A 709 20.59 18.45 -5.04
N LEU A 710 19.89 18.61 -6.16
CA LEU A 710 20.43 19.33 -7.30
C LEU A 710 20.64 20.80 -6.92
N LEU A 711 19.72 21.34 -6.12
CA LEU A 711 19.82 22.72 -5.67
C LEU A 711 20.98 22.92 -4.71
N GLU A 712 21.20 21.93 -3.85
CA GLU A 712 22.28 22.03 -2.85
C GLU A 712 23.65 22.12 -3.51
N ILE A 713 23.80 21.49 -4.67
CA ILE A 713 25.04 21.56 -5.44
C ILE A 713 25.12 22.87 -6.22
N GLU A 714 24.02 23.30 -6.82
CA GLU A 714 24.00 24.56 -7.57
C GLU A 714 24.19 25.77 -6.65
N LYS A 715 24.00 25.59 -5.36
CA LYS A 715 24.02 26.67 -4.39
C LYS A 715 25.26 26.69 -3.48
N SER A 716 26.06 25.62 -3.51
CA SER A 716 27.30 25.60 -2.74
C SER A 716 28.31 26.62 -3.25
N THR A 717 29.07 27.19 -2.33
CA THR A 717 29.99 28.30 -2.64
C THR A 717 31.45 27.85 -2.64
N HIS B 3 45.64 -32.05 56.09
CA HIS B 3 44.78 -32.82 56.97
C HIS B 3 44.35 -31.99 58.17
N MET B 4 43.24 -31.28 57.99
CA MET B 4 42.63 -30.51 59.07
C MET B 4 41.93 -31.49 60.00
N ALA B 5 41.55 -32.64 59.45
CA ALA B 5 40.89 -33.70 60.22
C ALA B 5 41.92 -34.60 60.89
N ASP B 6 41.70 -34.88 62.18
CA ASP B 6 42.55 -35.82 62.91
C ASP B 6 41.65 -36.81 63.66
N PRO B 7 41.14 -37.82 62.94
CA PRO B 7 40.24 -38.85 63.47
C PRO B 7 40.91 -39.71 64.53
N GLU B 8 42.18 -40.02 64.30
CA GLU B 8 42.92 -40.94 65.17
C GLU B 8 43.10 -40.39 66.59
N THR B 9 43.45 -39.10 66.70
CA THR B 9 43.61 -38.48 68.02
C THR B 9 42.28 -38.47 68.76
N ALA B 10 41.22 -38.09 68.08
CA ALA B 10 39.90 -38.05 68.70
C ALA B 10 39.45 -39.43 69.18
N ALA B 11 39.71 -40.45 68.36
CA ALA B 11 39.28 -41.81 68.68
C ALA B 11 39.89 -42.28 70.00
N LYS B 12 41.12 -41.85 70.29
CA LYS B 12 41.79 -42.25 71.51
C LYS B 12 41.03 -41.78 72.74
N PHE B 13 40.54 -40.55 72.69
CA PHE B 13 39.79 -39.98 73.80
C PHE B 13 38.34 -40.48 73.82
N LYS B 14 37.73 -40.57 72.64
CA LYS B 14 36.39 -41.15 72.51
C LYS B 14 36.33 -42.59 73.02
N SER B 15 37.34 -43.38 72.68
CA SER B 15 37.41 -44.78 73.13
C SER B 15 37.35 -44.87 74.64
N LYS B 16 37.98 -43.90 75.30
CA LYS B 16 38.06 -43.89 76.76
C LYS B 16 36.90 -43.17 77.40
N ASN B 17 36.01 -42.63 76.58
CA ASN B 17 34.99 -41.70 77.05
C ASN B 17 35.63 -40.67 77.96
N ALA B 18 36.76 -40.13 77.51
CA ALA B 18 37.53 -39.18 78.30
C ALA B 18 37.32 -37.78 77.77
N PHE B 19 37.57 -36.77 78.60
CA PHE B 19 37.44 -35.39 78.14
C PHE B 19 38.32 -35.16 76.93
N PRO B 20 37.79 -34.50 75.90
CA PRO B 20 38.55 -34.33 74.66
C PRO B 20 39.64 -33.28 74.79
N ASP B 21 40.81 -33.69 75.27
CA ASP B 21 41.96 -32.80 75.38
C ASP B 21 42.34 -31.97 74.14
N PRO B 22 42.12 -32.49 72.91
CA PRO B 22 42.43 -31.65 71.74
C PRO B 22 41.71 -30.30 71.68
N LEU B 23 40.64 -30.10 72.45
CA LEU B 23 39.98 -28.79 72.50
C LEU B 23 40.82 -27.78 73.29
N ASN B 24 41.69 -28.29 74.16
CA ASN B 24 42.62 -27.47 74.93
C ASN B 24 43.82 -27.08 74.08
N ASP B 25 44.04 -27.82 72.99
CA ASP B 25 45.12 -27.52 72.06
C ASP B 25 44.93 -26.10 71.57
N PRO B 26 45.97 -25.27 71.74
CA PRO B 26 45.88 -23.87 71.33
C PRO B 26 45.60 -23.70 69.82
N LYS B 27 45.86 -24.74 69.06
CA LYS B 27 45.58 -24.71 67.61
C LYS B 27 44.08 -24.77 67.31
N CYS B 28 43.30 -25.23 68.30
CA CYS B 28 41.84 -25.26 68.15
C CYS B 28 41.31 -23.84 67.90
N ASN B 29 40.36 -23.72 66.98
CA ASN B 29 39.68 -22.46 66.73
C ASN B 29 39.25 -21.86 68.05
N PRO B 30 39.76 -20.65 68.38
CA PRO B 30 39.38 -20.04 69.66
C PRO B 30 37.91 -19.64 69.67
N LYS B 31 37.30 -19.58 68.48
CA LYS B 31 35.87 -19.26 68.36
C LYS B 31 35.00 -20.51 68.29
N SER B 32 35.63 -21.68 68.43
CA SER B 32 34.91 -22.96 68.46
C SER B 32 33.89 -23.00 69.60
N LEU B 33 32.61 -23.20 69.27
CA LEU B 33 31.55 -23.18 70.28
C LEU B 33 31.61 -24.41 71.22
N VAL B 34 32.01 -25.56 70.67
CA VAL B 34 32.16 -26.74 71.52
C VAL B 34 33.31 -26.55 72.50
N LYS B 35 34.42 -25.97 72.03
CA LYS B 35 35.53 -25.66 72.91
C LYS B 35 35.07 -24.72 74.01
N LYS B 36 34.35 -23.68 73.60
CA LYS B 36 33.92 -22.63 74.51
C LYS B 36 33.06 -23.16 75.65
N TYR B 37 32.14 -24.07 75.33
CA TYR B 37 31.15 -24.52 76.31
C TYR B 37 31.29 -25.96 76.83
N LEU B 38 32.15 -26.76 76.21
CA LEU B 38 32.39 -28.09 76.78
C LEU B 38 33.45 -28.00 77.87
N THR B 39 33.01 -27.64 79.08
CA THR B 39 33.90 -27.59 80.23
C THR B 39 34.01 -28.97 80.85
N PRO B 40 35.11 -29.23 81.59
CA PRO B 40 35.27 -30.47 82.33
C PRO B 40 34.04 -30.82 83.17
N LYS B 41 33.48 -29.87 83.91
CA LYS B 41 32.25 -30.09 84.64
C LYS B 41 31.10 -30.58 83.74
N VAL B 42 30.90 -29.87 82.65
CA VAL B 42 29.84 -30.20 81.70
C VAL B 42 30.06 -31.59 81.09
N PHE B 43 31.28 -31.86 80.61
CA PHE B 43 31.59 -33.15 80.02
C PHE B 43 31.34 -34.29 81.00
N GLU B 44 31.93 -34.18 82.19
CA GLU B 44 31.84 -35.21 83.19
C GLU B 44 30.40 -35.44 83.65
N SER B 45 29.57 -34.41 83.60
CA SER B 45 28.18 -34.54 84.02
C SER B 45 27.32 -35.24 82.97
N LEU B 46 27.76 -35.19 81.71
CA LEU B 46 26.97 -35.72 80.59
C LEU B 46 27.55 -37.00 79.98
N LYS B 47 28.82 -37.30 80.26
CA LYS B 47 29.54 -38.36 79.55
C LYS B 47 28.95 -39.76 79.66
N ASN B 48 28.11 -40.00 80.68
CA ASN B 48 27.51 -41.32 80.87
C ASN B 48 26.02 -41.37 80.52
N LYS B 49 25.49 -40.29 79.94
CA LYS B 49 24.09 -40.24 79.53
C LYS B 49 23.91 -40.69 78.08
N LYS B 50 22.78 -41.34 77.79
CA LYS B 50 22.49 -41.81 76.45
C LYS B 50 21.01 -41.61 76.14
N THR B 51 20.70 -41.21 74.90
CA THR B 51 19.32 -41.08 74.48
C THR B 51 18.75 -42.47 74.18
N LYS B 52 17.44 -42.54 73.92
CA LYS B 52 16.81 -43.83 73.61
C LYS B 52 17.36 -44.45 72.33
N LEU B 53 17.96 -43.64 71.46
CA LEU B 53 18.59 -44.14 70.24
C LEU B 53 20.07 -44.45 70.49
N GLY B 54 20.53 -44.23 71.72
CA GLY B 54 21.88 -44.54 72.09
C GLY B 54 22.90 -43.47 71.76
N ILE B 55 22.43 -42.28 71.42
CA ILE B 55 23.32 -41.15 71.14
C ILE B 55 24.00 -40.72 72.43
N THR B 56 25.31 -40.54 72.39
CA THR B 56 26.07 -40.10 73.55
C THR B 56 26.59 -38.69 73.35
N LEU B 57 27.17 -38.11 74.40
CA LEU B 57 27.77 -36.78 74.31
C LEU B 57 28.92 -36.80 73.32
N TRP B 58 29.73 -37.86 73.37
CA TRP B 58 30.86 -37.99 72.46
C TRP B 58 30.43 -38.11 70.99
N ASP B 59 29.31 -38.80 70.74
CA ASP B 59 28.77 -38.85 69.37
C ASP B 59 28.53 -37.45 68.84
N CYS B 60 27.99 -36.60 69.72
CA CYS B 60 27.60 -35.25 69.33
C CYS B 60 28.81 -34.33 69.12
N ILE B 61 29.81 -34.44 69.99
CA ILE B 61 30.94 -33.52 69.95
C ILE B 61 32.04 -33.96 68.98
N ASN B 62 31.93 -35.19 68.49
CA ASN B 62 33.02 -35.82 67.74
C ASN B 62 33.56 -34.98 66.56
N SER B 63 32.66 -34.44 65.75
CA SER B 63 33.09 -33.65 64.59
C SER B 63 33.94 -32.45 65.00
N GLY B 64 33.60 -31.84 66.13
CA GLY B 64 34.34 -30.66 66.61
C GLY B 64 35.70 -31.01 67.22
N VAL B 65 35.83 -32.26 67.67
CA VAL B 65 37.10 -32.73 68.21
C VAL B 65 37.98 -33.23 67.07
N VAL B 66 37.35 -33.92 66.12
CA VAL B 66 38.05 -34.41 64.93
C VAL B 66 38.52 -33.25 64.05
N ASN B 67 37.62 -32.28 63.87
CA ASN B 67 37.93 -31.09 63.07
C ASN B 67 38.05 -29.87 63.98
N LEU B 68 39.26 -29.63 64.50
CA LEU B 68 39.48 -28.56 65.47
C LEU B 68 39.17 -27.15 64.95
N ASP B 69 39.15 -26.99 63.63
CA ASP B 69 38.85 -25.68 63.05
C ASP B 69 37.34 -25.39 62.98
N SER B 70 36.53 -26.30 63.52
CA SER B 70 35.07 -26.15 63.52
C SER B 70 34.63 -24.84 64.18
N GLY B 71 33.62 -24.20 63.61
CA GLY B 71 33.01 -23.04 64.23
C GLY B 71 31.99 -23.45 65.30
N VAL B 72 31.14 -24.41 64.95
CA VAL B 72 30.13 -24.90 65.89
C VAL B 72 30.66 -26.13 66.63
N GLY B 73 30.87 -27.22 65.88
CA GLY B 73 31.56 -28.38 66.42
C GLY B 73 30.70 -29.44 67.09
N VAL B 74 29.39 -29.34 66.93
CA VAL B 74 28.50 -30.39 67.45
C VAL B 74 27.39 -30.67 66.44
N TYR B 75 26.90 -31.91 66.46
CA TYR B 75 25.69 -32.28 65.74
C TYR B 75 24.80 -33.05 66.71
N ALA B 76 23.49 -32.91 66.57
CA ALA B 76 22.56 -33.66 67.40
C ALA B 76 22.18 -34.95 66.70
N GLY B 77 22.29 -36.07 67.41
CA GLY B 77 21.92 -37.35 66.84
C GLY B 77 20.42 -37.57 66.76
N ASP B 78 19.69 -36.91 67.65
CA ASP B 78 18.22 -37.01 67.65
C ASP B 78 17.62 -35.83 68.41
N GLU B 79 16.30 -35.75 68.45
CA GLU B 79 15.62 -34.70 69.20
C GLU B 79 16.05 -34.70 70.66
N GLU B 80 16.06 -35.88 71.28
CA GLU B 80 16.39 -36.02 72.69
C GLU B 80 17.76 -35.42 73.04
N SER B 81 18.69 -35.43 72.09
CA SER B 81 20.04 -34.90 72.31
C SER B 81 20.01 -33.44 72.77
N TYR B 82 19.08 -32.67 72.21
CA TYR B 82 18.98 -31.25 72.51
C TYR B 82 18.58 -30.98 73.96
N THR B 83 17.92 -31.94 74.58
CA THR B 83 17.50 -31.81 75.98
C THR B 83 18.48 -32.54 76.92
N LEU B 84 18.74 -33.80 76.63
CA LEU B 84 19.63 -34.62 77.45
C LEU B 84 21.02 -33.98 77.57
N PHE B 85 21.50 -33.42 76.47
CA PHE B 85 22.80 -32.75 76.45
C PHE B 85 22.62 -31.23 76.39
N GLY B 86 21.44 -30.78 76.82
CA GLY B 86 21.13 -29.36 76.95
C GLY B 86 22.18 -28.47 77.60
N PRO B 87 22.76 -28.91 78.74
CA PRO B 87 23.78 -28.05 79.36
C PRO B 87 24.91 -27.67 78.41
N LEU B 88 25.12 -28.47 77.35
CA LEU B 88 26.06 -28.10 76.30
C LEU B 88 25.35 -27.38 75.14
N PHE B 89 24.33 -28.03 74.58
CA PHE B 89 23.64 -27.50 73.42
C PHE B 89 22.98 -26.13 73.62
N ASP B 90 22.37 -25.92 74.79
CA ASP B 90 21.68 -24.66 75.06
C ASP B 90 22.63 -23.48 74.92
N ALA B 91 23.84 -23.64 75.43
CA ALA B 91 24.82 -22.56 75.42
C ALA B 91 25.33 -22.28 74.01
N ILE B 92 25.65 -23.33 73.27
CA ILE B 92 26.12 -23.22 71.89
C ILE B 92 25.06 -22.56 71.01
N ILE B 93 23.80 -22.97 71.20
CA ILE B 93 22.68 -22.43 70.45
C ILE B 93 22.52 -20.93 70.72
N GLU B 94 22.52 -20.56 72.00
CA GLU B 94 22.27 -19.16 72.34
C GLU B 94 23.45 -18.25 72.00
N ASP B 95 24.62 -18.84 71.77
CA ASP B 95 25.77 -18.07 71.31
C ASP B 95 25.65 -17.86 69.81
N TYR B 96 25.51 -18.95 69.05
CA TYR B 96 25.39 -18.87 67.60
C TYR B 96 24.21 -18.02 67.17
N HIS B 97 23.09 -18.19 67.89
CA HIS B 97 21.85 -17.54 67.49
C HIS B 97 21.54 -16.29 68.33
N SER B 98 22.55 -15.75 68.99
CA SER B 98 22.41 -14.51 69.76
C SER B 98 21.69 -13.47 68.90
N PRO B 99 20.72 -12.73 69.50
CA PRO B 99 20.41 -12.65 70.92
C PRO B 99 19.27 -13.57 71.37
N TYR B 100 18.89 -14.55 70.55
CA TYR B 100 17.79 -15.44 70.92
C TYR B 100 18.10 -16.23 72.18
N LYS B 101 17.08 -16.45 73.01
CA LYS B 101 17.19 -17.31 74.18
C LYS B 101 16.12 -18.38 74.09
N LEU B 102 16.47 -19.61 74.44
CA LEU B 102 15.53 -20.72 74.35
C LEU B 102 14.31 -20.52 75.25
N ALA B 103 14.50 -19.87 76.39
CA ALA B 103 13.38 -19.62 77.31
C ALA B 103 12.30 -18.72 76.68
N THR B 104 12.69 -17.90 75.71
CA THR B 104 11.75 -17.05 74.99
C THR B 104 10.75 -17.88 74.19
N GLY B 105 11.25 -18.94 73.54
CA GLY B 105 10.42 -19.75 72.67
C GLY B 105 10.41 -19.22 71.25
N HIS B 106 10.19 -20.12 70.29
CA HIS B 106 10.22 -19.75 68.88
C HIS B 106 8.84 -19.97 68.26
N ASN B 107 8.43 -19.08 67.36
CA ASN B 107 7.18 -19.30 66.64
C ASN B 107 7.40 -19.48 65.14
N SER B 108 6.81 -20.54 64.60
CA SER B 108 6.87 -20.84 63.17
C SER B 108 5.63 -20.30 62.45
N ASP B 109 5.79 -20.02 61.16
CA ASP B 109 4.69 -19.57 60.32
C ASP B 109 5.04 -19.81 58.85
N MET B 110 4.41 -20.82 58.26
CA MET B 110 4.63 -21.16 56.86
C MET B 110 3.42 -20.81 56.01
N ASN B 111 2.73 -19.73 56.36
CA ASN B 111 1.62 -19.23 55.55
C ASN B 111 2.05 -18.05 54.67
N PRO B 112 2.20 -18.30 53.35
CA PRO B 112 2.69 -17.30 52.41
C PRO B 112 1.78 -16.08 52.31
N ALA B 113 0.52 -16.25 52.68
CA ALA B 113 -0.46 -15.15 52.60
C ALA B 113 -0.14 -14.07 53.61
N HIS B 114 0.63 -14.41 54.65
CA HIS B 114 1.04 -13.46 55.67
C HIS B 114 2.18 -12.56 55.20
N VAL B 115 2.80 -12.93 54.07
CA VAL B 115 3.83 -12.11 53.45
C VAL B 115 3.19 -11.09 52.53
N LYS B 116 3.58 -9.83 52.69
CA LYS B 116 3.08 -8.75 51.84
C LYS B 116 4.23 -8.29 50.95
N ALA B 117 4.31 -8.87 49.76
CA ALA B 117 5.46 -8.66 48.89
C ALA B 117 5.10 -8.39 47.43
N PRO B 118 4.52 -7.21 47.13
CA PRO B 118 4.31 -6.88 45.72
C PRO B 118 5.66 -6.81 45.03
N ASP B 119 5.80 -7.47 43.88
CA ASP B 119 7.10 -7.68 43.24
C ASP B 119 7.94 -6.40 43.14
N LEU B 120 9.16 -6.46 43.69
CA LEU B 120 10.02 -5.27 43.81
C LEU B 120 10.57 -4.73 42.50
N ASP B 121 11.01 -5.64 41.63
CA ASP B 121 11.79 -5.23 40.46
C ASP B 121 11.48 -6.12 39.25
N PRO B 122 10.22 -6.09 38.77
CA PRO B 122 9.89 -6.89 37.58
C PRO B 122 10.71 -6.50 36.36
N ALA B 123 11.12 -5.24 36.29
CA ALA B 123 11.91 -4.75 35.16
C ALA B 123 13.37 -5.20 35.26
N ASN B 124 13.72 -5.82 36.38
CA ASN B 124 15.06 -6.33 36.62
C ASN B 124 16.16 -5.28 36.49
N ARG B 125 15.88 -4.07 36.97
CA ARG B 125 16.85 -2.98 36.91
C ARG B 125 17.96 -3.15 37.94
N TYR B 126 17.69 -3.92 39.00
CA TYR B 126 18.63 -4.03 40.13
C TYR B 126 18.82 -5.47 40.61
N ILE B 127 17.70 -6.14 40.86
CA ILE B 127 17.72 -7.48 41.42
C ILE B 127 17.92 -8.54 40.33
N ARG B 128 18.78 -9.53 40.60
CA ARG B 128 19.07 -10.55 39.60
C ARG B 128 18.45 -11.93 39.89
N SER B 129 18.27 -12.26 41.16
CA SER B 129 17.83 -13.61 41.52
C SER B 129 17.41 -13.70 42.98
N THR B 130 16.52 -14.64 43.27
CA THR B 130 15.99 -14.81 44.61
C THR B 130 15.97 -16.30 44.97
N ARG B 131 16.34 -16.63 46.20
CA ARG B 131 16.47 -18.04 46.59
C ARG B 131 16.06 -18.20 48.05
N ILE B 132 15.24 -19.21 48.33
CA ILE B 132 14.87 -19.53 49.71
C ILE B 132 15.06 -21.01 50.00
N ARG B 133 15.85 -21.31 51.02
CA ARG B 133 16.14 -22.68 51.42
CA ARG B 133 16.16 -22.68 51.42
C ARG B 133 15.69 -22.92 52.86
N VAL B 134 15.08 -24.09 53.11
CA VAL B 134 14.80 -24.52 54.49
C VAL B 134 15.25 -25.96 54.72
N ALA B 135 15.62 -26.27 55.96
CA ALA B 135 15.97 -27.63 56.35
C ALA B 135 14.86 -28.18 57.25
N ARG B 136 14.51 -29.45 57.08
CA ARG B 136 13.47 -30.09 57.89
C ARG B 136 13.84 -31.55 58.14
N SER B 137 13.30 -32.12 59.23
CA SER B 137 13.41 -33.56 59.46
C SER B 137 12.04 -34.12 59.80
N LEU B 138 11.80 -35.38 59.44
CA LEU B 138 10.49 -36.00 59.62
C LEU B 138 10.28 -36.49 61.05
N LYS B 139 9.03 -36.46 61.51
CA LYS B 139 8.65 -37.00 62.81
C LYS B 139 8.91 -38.50 62.85
N GLY B 140 9.37 -38.99 63.99
CA GLY B 140 9.41 -40.42 64.25
C GLY B 140 10.78 -41.07 64.09
N TYR B 141 11.77 -40.27 63.74
CA TYR B 141 13.09 -40.80 63.43
C TYR B 141 14.19 -40.01 64.12
N GLY B 142 15.37 -40.60 64.21
CA GLY B 142 16.53 -39.84 64.63
C GLY B 142 16.85 -38.80 63.58
N LEU B 143 17.75 -37.89 63.91
CA LEU B 143 18.23 -36.91 62.94
C LEU B 143 19.30 -37.61 62.12
N ALA B 144 19.78 -36.95 61.06
CA ALA B 144 20.75 -37.57 60.15
C ALA B 144 21.94 -38.28 60.81
N PRO B 145 22.50 -37.73 61.91
CA PRO B 145 23.66 -38.45 62.44
C PRO B 145 23.29 -39.70 63.24
N GLY B 146 22.01 -39.85 63.60
CA GLY B 146 21.60 -40.99 64.42
C GLY B 146 20.56 -41.89 63.78
N VAL B 147 20.03 -41.50 62.63
CA VAL B 147 18.98 -42.27 61.96
C VAL B 147 19.48 -43.68 61.65
N THR B 148 18.62 -44.68 61.85
CA THR B 148 19.01 -46.07 61.56
C THR B 148 18.99 -46.33 60.06
N LYS B 149 19.63 -47.42 59.66
CA LYS B 149 19.69 -47.84 58.27
C LYS B 149 18.27 -48.00 57.72
N ALA B 150 17.45 -48.78 58.42
CA ALA B 150 16.07 -49.02 58.01
C ALA B 150 15.26 -47.73 57.91
N HIS B 151 15.39 -46.87 58.91
CA HIS B 151 14.62 -45.63 58.94
C HIS B 151 15.01 -44.65 57.84
N ARG B 152 16.29 -44.62 57.48
CA ARG B 152 16.71 -43.75 56.38
C ARG B 152 15.99 -44.14 55.10
N LEU B 153 15.91 -45.44 54.84
CA LEU B 153 15.21 -45.97 53.66
C LEU B 153 13.72 -45.65 53.71
N GLU B 154 13.13 -45.75 54.90
CA GLU B 154 11.73 -45.43 55.08
C GLU B 154 11.46 -43.96 54.81
N ILE B 155 12.32 -43.10 55.35
CA ILE B 155 12.24 -41.66 55.09
C ILE B 155 12.28 -41.39 53.58
N GLU B 156 13.20 -42.04 52.89
CA GLU B 156 13.29 -41.84 51.43
C GLU B 156 11.98 -42.25 50.78
N LYS B 157 11.46 -43.41 51.19
CA LYS B 157 10.22 -43.93 50.61
C LYS B 157 9.04 -42.98 50.80
N LYS B 158 8.85 -42.51 52.03
CA LYS B 158 7.71 -41.63 52.34
C LYS B 158 7.82 -40.27 51.67
N VAL B 159 9.01 -39.69 51.65
CA VAL B 159 9.22 -38.40 51.00
C VAL B 159 8.93 -38.50 49.50
N VAL B 160 9.49 -39.51 48.85
CA VAL B 160 9.32 -39.68 47.41
C VAL B 160 7.85 -39.88 47.03
N GLY B 161 7.11 -40.58 47.89
CA GLY B 161 5.68 -40.75 47.70
C GLY B 161 4.95 -39.42 47.59
N VAL B 162 5.35 -38.48 48.46
CA VAL B 162 4.76 -37.15 48.46
C VAL B 162 5.25 -36.34 47.27
N LEU B 163 6.57 -36.30 47.08
CA LEU B 163 7.15 -35.50 45.99
C LEU B 163 6.66 -35.89 44.60
N THR B 164 6.57 -37.19 44.34
CA THR B 164 6.13 -37.66 43.03
C THR B 164 4.63 -37.44 42.80
N SER B 165 3.91 -37.08 43.87
CA SER B 165 2.48 -36.81 43.77
C SER B 165 2.22 -35.33 43.55
N LEU B 166 3.29 -34.52 43.57
CA LEU B 166 3.16 -33.08 43.34
C LEU B 166 2.75 -32.78 41.91
N THR B 167 1.87 -31.80 41.76
CA THR B 167 1.33 -31.42 40.46
C THR B 167 1.65 -29.97 40.13
N GLY B 168 1.21 -29.52 38.97
CA GLY B 168 1.41 -28.13 38.57
C GLY B 168 2.87 -27.74 38.45
N ASP B 169 3.23 -26.58 38.98
CA ASP B 169 4.60 -26.08 38.81
C ASP B 169 5.59 -26.79 39.73
N LEU B 170 5.07 -27.66 40.60
CA LEU B 170 5.92 -28.41 41.52
C LEU B 170 6.14 -29.83 41.00
N ALA B 171 5.51 -30.15 39.88
CA ALA B 171 5.64 -31.48 39.28
C ALA B 171 7.06 -31.67 38.78
N GLY B 172 7.63 -32.85 38.98
CA GLY B 172 8.99 -33.12 38.55
C GLY B 172 9.41 -34.57 38.69
N LYS B 173 10.71 -34.79 38.85
CA LYS B 173 11.29 -36.14 38.84
C LYS B 173 12.22 -36.36 40.02
N TYR B 174 12.28 -37.59 40.52
CA TYR B 174 13.19 -37.94 41.60
C TYR B 174 14.35 -38.81 41.10
N TYR B 175 15.56 -38.53 41.58
CA TYR B 175 16.74 -39.31 41.21
C TYR B 175 17.43 -39.84 42.46
N PRO B 176 17.32 -41.15 42.74
CA PRO B 176 18.08 -41.66 43.88
C PRO B 176 19.58 -41.67 43.55
N LEU B 177 20.44 -41.44 44.52
CA LEU B 177 21.88 -41.51 44.28
C LEU B 177 22.28 -42.96 44.02
N SER B 178 21.67 -43.88 44.76
CA SER B 178 21.94 -45.30 44.58
CA SER B 178 21.94 -45.31 44.59
C SER B 178 21.43 -45.77 43.23
N GLY B 179 22.34 -46.24 42.39
CA GLY B 179 21.98 -46.75 41.08
C GLY B 179 22.02 -45.72 39.97
N MET B 180 22.36 -44.48 40.33
CA MET B 180 22.42 -43.39 39.36
C MET B 180 23.45 -43.64 38.27
N ASP B 181 23.02 -43.60 37.01
CA ASP B 181 23.95 -43.77 35.88
C ASP B 181 24.79 -42.52 35.67
N GLU B 182 25.81 -42.62 34.83
CA GLU B 182 26.76 -41.52 34.65
C GLU B 182 26.19 -40.30 33.94
N LYS B 183 25.28 -40.53 33.00
CA LYS B 183 24.69 -39.41 32.25
C LYS B 183 23.82 -38.54 33.16
N THR B 184 22.88 -39.18 33.85
CA THR B 184 22.00 -38.51 34.81
C THR B 184 22.80 -37.70 35.82
N ARG B 185 23.92 -38.27 36.26
CA ARG B 185 24.81 -37.60 37.18
C ARG B 185 25.38 -36.31 36.59
N GLN B 186 25.85 -36.39 35.35
CA GLN B 186 26.47 -35.24 34.69
C GLN B 186 25.48 -34.10 34.49
N GLN B 187 24.23 -34.44 34.17
CA GLN B 187 23.21 -33.41 33.97
C GLN B 187 22.86 -32.72 35.29
N LEU B 188 22.85 -33.48 36.38
CA LEU B 188 22.61 -32.90 37.70
C LEU B 188 23.77 -32.01 38.12
N VAL B 189 24.99 -32.41 37.76
CA VAL B 189 26.17 -31.57 37.97
C VAL B 189 26.02 -30.26 37.20
N ASP B 190 25.65 -30.37 35.92
CA ASP B 190 25.48 -29.20 35.06
C ASP B 190 24.42 -28.23 35.58
N ASP B 191 23.42 -28.76 36.26
CA ASP B 191 22.36 -27.92 36.82
C ASP B 191 22.71 -27.43 38.22
N HIS B 192 23.90 -27.83 38.70
CA HIS B 192 24.35 -27.54 40.06
C HIS B 192 23.38 -28.12 41.08
N PHE B 193 22.82 -29.29 40.76
CA PHE B 193 21.82 -29.93 41.61
C PHE B 193 22.39 -31.09 42.43
N LEU B 194 23.50 -31.65 41.98
CA LEU B 194 24.03 -32.87 42.59
C LEU B 194 24.73 -32.59 43.91
N PHE B 195 24.56 -33.49 44.89
CA PHE B 195 25.44 -33.47 46.05
C PHE B 195 26.21 -34.78 46.12
N LYS B 196 27.33 -34.77 46.82
CA LYS B 196 28.19 -35.94 46.92
C LYS B 196 28.38 -36.34 48.38
N LYS B 197 29.20 -37.37 48.59
CA LYS B 197 29.48 -37.87 49.93
C LYS B 197 29.90 -36.74 50.85
N GLY B 198 29.40 -36.76 52.08
CA GLY B 198 29.69 -35.67 53.02
C GLY B 198 31.17 -35.46 53.26
N ASP B 199 31.54 -34.21 53.51
CA ASP B 199 32.93 -33.87 53.77
C ASP B 199 33.39 -34.33 55.16
N ARG B 200 34.54 -33.85 55.62
CA ARG B 200 35.12 -34.31 56.88
C ARG B 200 34.27 -33.98 58.11
N PHE B 201 33.51 -32.89 58.06
CA PHE B 201 32.62 -32.54 59.17
C PHE B 201 31.43 -33.49 59.25
N LEU B 202 30.80 -33.77 58.10
CA LEU B 202 29.71 -34.73 58.07
C LEU B 202 30.19 -36.14 58.39
N GLU B 203 31.35 -36.51 57.84
CA GLU B 203 31.95 -37.82 58.11
C GLU B 203 32.16 -38.05 59.61
N ALA B 204 32.77 -37.08 60.28
CA ALA B 204 33.06 -37.22 61.71
C ALA B 204 31.78 -37.14 62.54
N ALA B 205 30.72 -36.57 61.95
CA ALA B 205 29.43 -36.47 62.62
C ALA B 205 28.69 -37.81 62.59
N GLY B 206 29.14 -38.72 61.73
CA GLY B 206 28.44 -39.98 61.52
C GLY B 206 27.34 -39.91 60.45
N ILE B 207 27.30 -38.79 59.74
CA ILE B 207 26.24 -38.55 58.75
C ILE B 207 26.40 -39.37 57.45
N ASN B 208 27.63 -39.78 57.15
CA ASN B 208 27.90 -40.55 55.93
C ASN B 208 27.62 -42.05 56.02
N LYS B 209 27.09 -42.52 57.14
CA LYS B 209 26.77 -43.94 57.28
C LYS B 209 25.87 -44.45 56.15
N GLU B 210 26.20 -45.65 55.66
CA GLU B 210 25.47 -46.31 54.57
C GLU B 210 25.46 -45.59 53.23
N TRP B 211 26.34 -44.59 53.05
CA TRP B 211 26.40 -43.85 51.79
C TRP B 211 26.48 -44.78 50.57
N PRO B 212 25.67 -44.51 49.53
CA PRO B 212 24.70 -43.42 49.34
C PRO B 212 23.26 -43.89 49.51
N GLU B 213 23.06 -45.01 50.19
CA GLU B 213 21.71 -45.55 50.40
C GLU B 213 20.74 -44.51 50.97
N GLY B 214 19.57 -44.37 50.34
CA GLY B 214 18.54 -43.48 50.87
C GLY B 214 18.68 -42.02 50.48
N ARG B 215 19.79 -41.67 49.82
CA ARG B 215 19.99 -40.29 49.38
C ARG B 215 19.42 -40.08 47.98
N GLY B 216 19.00 -38.85 47.69
CA GLY B 216 18.45 -38.58 46.39
C GLY B 216 18.13 -37.12 46.17
N ILE B 217 17.72 -36.80 44.95
CA ILE B 217 17.48 -35.42 44.53
C ILE B 217 16.14 -35.36 43.80
N TYR B 218 15.35 -34.33 44.10
CA TYR B 218 14.13 -34.10 43.36
C TYR B 218 14.14 -32.67 42.87
N HIS B 219 13.64 -32.45 41.66
CA HIS B 219 13.50 -31.10 41.15
C HIS B 219 12.27 -31.04 40.26
N ASN B 220 11.66 -29.85 40.18
CA ASN B 220 10.49 -29.69 39.35
C ASN B 220 10.92 -29.44 37.91
N ASN B 221 10.01 -29.56 36.96
CA ASN B 221 10.37 -29.41 35.56
C ASN B 221 10.95 -28.03 35.23
N ASP B 222 10.45 -26.99 35.90
CA ASP B 222 10.92 -25.63 35.66
C ASP B 222 12.31 -25.37 36.25
N LYS B 223 12.75 -26.28 37.11
CA LYS B 223 14.02 -26.14 37.83
C LYS B 223 14.04 -24.86 38.68
N THR B 224 12.94 -24.66 39.40
CA THR B 224 12.80 -23.54 40.32
C THR B 224 12.51 -24.09 41.71
N PHE B 225 12.65 -25.41 41.83
CA PHE B 225 12.37 -26.10 43.08
C PHE B 225 13.25 -27.34 43.18
N LEU B 226 14.02 -27.44 44.25
CA LEU B 226 15.01 -28.50 44.40
C LEU B 226 14.97 -29.10 45.81
N VAL B 227 15.00 -30.42 45.91
CA VAL B 227 15.06 -31.09 47.20
C VAL B 227 16.25 -32.04 47.27
N TRP B 228 17.06 -31.89 48.33
CA TRP B 228 18.06 -32.89 48.70
C TRP B 228 17.51 -33.77 49.80
N LEU B 229 17.43 -35.06 49.56
CA LEU B 229 16.86 -36.01 50.52
C LEU B 229 17.98 -36.74 51.24
N ASN B 230 17.99 -36.66 52.56
CA ASN B 230 18.90 -37.42 53.42
C ASN B 230 20.39 -37.10 53.27
N GLU B 231 20.70 -35.84 53.01
CA GLU B 231 22.08 -35.40 53.05
C GLU B 231 22.45 -35.09 54.51
N GLU B 232 22.53 -33.80 54.85
CA GLU B 232 22.88 -33.39 56.22
C GLU B 232 21.65 -33.42 57.13
N ASP B 233 20.48 -33.20 56.54
CA ASP B 233 19.21 -33.41 57.22
C ASP B 233 18.34 -34.29 56.34
N HIS B 234 17.19 -34.74 56.85
CA HIS B 234 16.28 -35.55 56.04
C HIS B 234 15.91 -34.78 54.79
N LEU B 235 15.64 -33.49 54.96
CA LEU B 235 15.21 -32.64 53.86
C LEU B 235 15.96 -31.33 53.80
N ARG B 236 16.44 -31.00 52.60
CA ARG B 236 16.92 -29.65 52.32
C ARG B 236 16.13 -29.19 51.10
N ILE B 237 15.28 -28.17 51.30
CA ILE B 237 14.29 -27.80 50.29
C ILE B 237 14.50 -26.37 49.82
N ILE B 238 14.65 -26.18 48.50
CA ILE B 238 15.02 -24.89 47.95
C ILE B 238 14.06 -24.43 46.86
N SER B 239 13.65 -23.17 46.93
CA SER B 239 12.84 -22.56 45.88
C SER B 239 13.68 -21.38 45.37
N MET B 240 13.85 -21.28 44.05
CA MET B 240 14.75 -20.27 43.50
C MET B 240 14.39 -19.89 42.09
N GLU B 241 14.63 -18.64 41.72
CA GLU B 241 14.46 -18.21 40.34
C GLU B 241 15.19 -16.89 40.09
N LYS B 242 15.41 -16.57 38.82
CA LYS B 242 15.92 -15.25 38.47
C LYS B 242 14.88 -14.20 38.84
N GLY B 243 15.30 -12.95 38.95
CA GLY B 243 14.36 -11.89 39.25
C GLY B 243 14.11 -11.68 40.73
N SER B 244 13.06 -10.92 41.04
CA SER B 244 12.87 -10.34 42.37
C SER B 244 11.66 -10.85 43.14
N ASP B 245 10.85 -11.72 42.54
CA ASP B 245 9.56 -12.06 43.12
C ASP B 245 9.67 -13.02 44.31
N ILE B 246 10.17 -12.52 45.44
CA ILE B 246 10.38 -13.36 46.62
C ILE B 246 9.05 -13.91 47.16
N GLY B 247 7.96 -13.21 46.93
CA GLY B 247 6.65 -13.68 47.34
C GLY B 247 6.26 -14.96 46.62
N SER B 248 6.55 -15.01 45.32
CA SER B 248 6.25 -16.19 44.52
C SER B 248 7.18 -17.35 44.92
N VAL B 249 8.45 -17.03 45.09
CA VAL B 249 9.43 -18.02 45.55
C VAL B 249 9.00 -18.68 46.87
N PHE B 250 8.56 -17.87 47.83
CA PHE B 250 8.16 -18.37 49.14
C PHE B 250 6.86 -19.14 49.05
N SER B 251 5.94 -18.67 48.20
CA SER B 251 4.66 -19.34 48.01
C SER B 251 4.87 -20.76 47.48
N ARG B 252 5.73 -20.89 46.49
CA ARG B 252 6.04 -22.19 45.90
C ARG B 252 6.72 -23.09 46.93
N LEU B 253 7.66 -22.51 47.68
CA LEU B 253 8.32 -23.26 48.75
C LEU B 253 7.30 -23.79 49.75
N CYS B 254 6.41 -22.92 50.20
CA CYS B 254 5.43 -23.31 51.23
C CYS B 254 4.46 -24.36 50.75
N ARG B 255 4.06 -24.27 49.48
CA ARG B 255 3.08 -25.21 48.95
C ARG B 255 3.62 -26.65 49.02
N ALA B 256 4.91 -26.80 48.71
CA ALA B 256 5.57 -28.11 48.82
C ALA B 256 5.79 -28.54 50.27
N VAL B 257 6.38 -27.66 51.06
CA VAL B 257 6.75 -27.96 52.44
C VAL B 257 5.52 -28.28 53.30
N ASN B 258 4.44 -27.53 53.08
CA ASN B 258 3.20 -27.76 53.83
C ASN B 258 2.52 -29.06 53.43
N GLU B 259 2.70 -29.49 52.19
CA GLU B 259 2.13 -30.77 51.76
C GLU B 259 2.88 -31.91 52.44
N ILE B 260 4.21 -31.82 52.43
CA ILE B 260 5.05 -32.78 53.13
C ILE B 260 4.68 -32.82 54.61
N ASP B 261 4.53 -31.64 55.20
CA ASP B 261 4.17 -31.51 56.61
C ASP B 261 2.83 -32.21 56.89
N LYS B 262 1.86 -31.99 55.99
CA LYS B 262 0.53 -32.56 56.13
C LYS B 262 0.57 -34.09 56.13
N LYS B 263 1.34 -34.66 55.20
CA LYS B 263 1.41 -36.12 55.02
C LYS B 263 2.31 -36.85 56.04
N LEU B 264 3.42 -36.22 56.43
CA LEU B 264 4.45 -36.93 57.20
C LEU B 264 4.80 -36.30 58.56
N GLY B 265 4.66 -34.98 58.68
CA GLY B 265 5.00 -34.28 59.91
C GLY B 265 6.50 -34.03 60.10
N PHE B 266 6.84 -32.95 60.80
CA PHE B 266 8.23 -32.56 61.04
C PHE B 266 8.60 -32.57 62.52
N GLN B 267 9.89 -32.76 62.81
CA GLN B 267 10.40 -32.63 64.17
C GLN B 267 10.47 -31.17 64.55
N HIS B 268 9.84 -30.80 65.66
CA HIS B 268 9.62 -29.40 65.97
C HIS B 268 9.35 -29.25 67.46
N THR B 269 9.98 -28.25 68.07
CA THR B 269 9.67 -27.93 69.46
C THR B 269 9.41 -26.44 69.65
N LYS B 270 8.85 -26.10 70.80
CA LYS B 270 8.56 -24.72 71.16
C LYS B 270 9.83 -23.87 71.23
N LYS B 271 10.90 -24.42 71.81
CA LYS B 271 12.12 -23.61 72.01
C LYS B 271 13.11 -23.65 70.85
N HIS B 272 13.07 -24.72 70.06
CA HIS B 272 14.04 -24.90 68.97
C HIS B 272 13.47 -24.64 67.59
N GLY B 273 12.14 -24.54 67.50
CA GLY B 273 11.50 -24.53 66.19
C GLY B 273 11.80 -25.86 65.53
N TYR B 274 12.13 -25.84 64.24
CA TYR B 274 12.42 -27.08 63.52
C TYR B 274 13.81 -27.64 63.85
N LEU B 275 13.83 -28.92 64.20
CA LEU B 275 15.04 -29.60 64.62
C LEU B 275 15.87 -30.03 63.42
N THR B 276 17.19 -29.81 63.52
CA THR B 276 18.11 -30.07 62.42
C THR B 276 19.37 -30.68 63.03
N SER B 277 20.20 -31.33 62.20
CA SER B 277 21.40 -31.98 62.70
C SER B 277 22.39 -30.98 63.30
N CYS B 278 22.63 -29.89 62.58
CA CYS B 278 23.50 -28.84 63.08
C CYS B 278 22.67 -27.76 63.78
N PRO B 279 23.10 -27.34 64.98
CA PRO B 279 22.37 -26.31 65.74
C PRO B 279 22.22 -24.99 64.98
N SER B 280 23.05 -24.77 63.98
CA SER B 280 23.01 -23.53 63.20
C SER B 280 21.73 -23.42 62.36
N ASN B 281 21.09 -24.57 62.09
CA ASN B 281 19.92 -24.59 61.23
C ASN B 281 18.58 -24.69 61.98
N LEU B 282 18.60 -24.50 63.30
CA LEU B 282 17.37 -24.60 64.07
C LEU B 282 16.41 -23.45 63.75
N GLY B 283 15.23 -23.49 64.35
CA GLY B 283 14.26 -22.41 64.19
C GLY B 283 13.52 -22.49 62.87
N THR B 284 13.79 -21.53 61.98
CA THR B 284 13.20 -21.53 60.64
C THR B 284 13.90 -22.53 59.72
N GLY B 285 15.15 -22.86 60.05
CA GLY B 285 15.99 -23.64 59.16
C GLY B 285 16.27 -22.93 57.85
N MET B 286 16.07 -21.61 57.85
CA MET B 286 15.99 -20.87 56.59
C MET B 286 17.25 -20.09 56.21
N ARG B 287 17.65 -20.22 54.95
CA ARG B 287 18.54 -19.23 54.34
C ARG B 287 17.82 -18.60 53.16
N ALA B 288 17.57 -17.29 53.26
CA ALA B 288 16.99 -16.53 52.16
C ALA B 288 18.10 -15.68 51.58
N SER B 289 18.17 -15.58 50.26
CA SER B 289 19.23 -14.80 49.62
CA SER B 289 19.24 -14.85 49.58
C SER B 289 18.74 -14.12 48.34
N VAL B 290 19.18 -12.88 48.16
CA VAL B 290 18.81 -12.09 46.99
C VAL B 290 20.08 -11.46 46.43
N HIS B 291 20.34 -11.69 45.15
CA HIS B 291 21.45 -11.01 44.48
C HIS B 291 20.94 -9.70 43.87
N VAL B 292 21.57 -8.59 44.25
CA VAL B 292 21.11 -7.28 43.79
C VAL B 292 22.30 -6.36 43.56
N LYS B 293 22.20 -5.52 42.55
CA LYS B 293 23.28 -4.61 42.20
C LYS B 293 23.06 -3.25 42.83
N ILE B 294 23.82 -2.95 43.89
CA ILE B 294 23.62 -1.73 44.64
C ILE B 294 24.92 -0.99 44.96
N PRO B 295 25.73 -0.65 43.93
CA PRO B 295 27.02 -0.03 44.25
C PRO B 295 26.93 1.38 44.86
N HIS B 296 25.84 2.11 44.65
CA HIS B 296 25.71 3.43 45.25
C HIS B 296 25.24 3.33 46.71
N ALA B 297 24.32 2.41 46.96
CA ALA B 297 23.79 2.21 48.30
C ALA B 297 24.89 1.80 49.28
N LYS B 298 25.87 1.05 48.78
CA LYS B 298 26.97 0.58 49.61
C LYS B 298 27.65 1.75 50.31
N GLU B 299 27.94 2.79 49.53
CA GLU B 299 28.67 3.94 50.04
C GLU B 299 27.79 4.92 50.82
N HIS B 300 26.49 4.65 50.87
CA HIS B 300 25.55 5.52 51.57
C HIS B 300 25.64 5.34 53.08
N PRO B 301 25.49 6.44 53.83
CA PRO B 301 25.64 6.42 55.30
C PRO B 301 24.64 5.54 56.05
N ASP B 302 23.48 5.23 55.46
CA ASP B 302 22.48 4.42 56.14
C ASP B 302 22.54 2.93 55.77
N PHE B 303 23.47 2.58 54.88
CA PHE B 303 23.64 1.21 54.41
C PHE B 303 23.70 0.20 55.55
N GLU B 304 24.63 0.39 56.48
CA GLU B 304 24.80 -0.52 57.61
C GLU B 304 23.61 -0.52 58.56
N ASN B 305 23.00 0.66 58.74
CA ASN B 305 21.82 0.79 59.59
C ASN B 305 20.64 -0.03 59.06
N ILE B 306 20.49 -0.05 57.74
CA ILE B 306 19.43 -0.83 57.10
C ILE B 306 19.65 -2.33 57.31
N LEU B 307 20.89 -2.78 57.14
CA LEU B 307 21.23 -4.19 57.35
C LEU B 307 20.95 -4.61 58.79
N THR B 308 21.36 -3.75 59.73
CA THR B 308 21.16 -4.02 61.15
C THR B 308 19.69 -4.06 61.50
N LYS B 309 18.95 -3.09 60.98
CA LYS B 309 17.52 -2.97 61.24
C LYS B 309 16.75 -4.23 60.84
N TYR B 310 17.07 -4.77 59.66
CA TYR B 310 16.36 -5.96 59.18
C TYR B 310 17.10 -7.27 59.47
N HIS B 311 18.17 -7.20 60.26
CA HIS B 311 18.96 -8.38 60.62
C HIS B 311 19.39 -9.16 59.38
N ILE B 312 19.86 -8.44 58.37
CA ILE B 312 20.35 -9.06 57.15
C ILE B 312 21.82 -8.70 56.97
N GLN B 313 22.49 -9.36 56.03
CA GLN B 313 23.90 -9.09 55.78
C GLN B 313 24.14 -8.94 54.28
N ALA B 314 25.23 -8.27 53.93
CA ALA B 314 25.54 -8.04 52.53
C ALA B 314 26.94 -8.55 52.26
N ARG B 315 27.07 -9.38 51.24
CA ARG B 315 28.36 -9.98 50.91
C ARG B 315 28.50 -9.89 49.41
N GLY B 316 29.72 -9.74 48.91
CA GLY B 316 29.91 -9.81 47.47
C GLY B 316 29.51 -11.19 46.99
N ILE B 317 29.34 -11.35 45.68
CA ILE B 317 29.26 -12.69 45.15
C ILE B 317 30.70 -13.15 44.90
N HIS B 318 30.93 -14.45 45.04
CA HIS B 318 32.26 -15.08 45.03
C HIS B 318 33.00 -14.95 46.36
N GLY B 319 32.87 -13.81 47.03
CA GLY B 319 33.54 -13.59 48.31
C GLY B 319 32.93 -12.50 49.19
N GLU B 320 33.70 -12.05 50.18
CA GLU B 320 33.23 -11.06 51.16
C GLU B 320 32.84 -9.72 50.53
N HIS B 321 33.63 -9.24 49.59
CA HIS B 321 33.36 -7.94 48.98
C HIS B 321 32.90 -8.09 47.53
N SER B 322 32.07 -7.15 47.09
CA SER B 322 31.55 -7.17 45.72
C SER B 322 32.61 -6.79 44.71
N GLU B 323 32.51 -7.39 43.53
CA GLU B 323 33.43 -7.11 42.43
C GLU B 323 33.37 -5.64 42.04
N SER B 324 34.52 -5.08 41.68
CA SER B 324 34.61 -3.67 41.34
C SER B 324 34.35 -3.50 39.84
N THR B 325 34.61 -4.57 39.08
CA THR B 325 34.28 -4.61 37.65
C THR B 325 33.81 -6.01 37.21
N GLY B 326 33.44 -6.13 35.94
CA GLY B 326 33.01 -7.40 35.39
C GLY B 326 31.49 -7.51 35.30
N GLU B 327 31.00 -8.72 35.03
CA GLU B 327 29.57 -8.97 34.93
C GLU B 327 28.89 -8.89 36.29
N ASP B 328 29.69 -8.94 37.35
CA ASP B 328 29.18 -9.01 38.72
C ASP B 328 29.53 -7.79 39.58
N ALA B 329 29.89 -6.69 38.92
CA ALA B 329 30.30 -5.47 39.63
C ALA B 329 29.15 -4.81 40.39
N GLY B 330 29.38 -4.51 41.66
CA GLY B 330 28.38 -3.84 42.46
C GLY B 330 27.28 -4.77 42.96
N VAL B 331 27.38 -6.04 42.60
CA VAL B 331 26.34 -7.01 42.97
C VAL B 331 26.62 -7.58 44.35
N TYR B 332 25.60 -7.58 45.20
CA TYR B 332 25.71 -8.13 46.55
C TYR B 332 24.75 -9.28 46.77
N ASP B 333 25.19 -10.25 47.55
CA ASP B 333 24.32 -11.30 48.04
C ASP B 333 23.78 -10.83 49.39
N ILE B 334 22.50 -10.53 49.45
CA ILE B 334 21.86 -10.12 50.70
C ILE B 334 21.23 -11.36 51.34
N SER B 335 21.60 -11.69 52.57
CA SER B 335 21.03 -12.87 53.21
C SER B 335 20.61 -12.59 54.65
N ASN B 336 19.78 -13.49 55.20
CA ASN B 336 19.34 -13.34 56.57
C ASN B 336 20.40 -13.81 57.56
N ARG B 337 20.49 -13.12 58.69
CA ARG B 337 21.43 -13.52 59.74
C ARG B 337 20.76 -14.40 60.80
N ARG B 338 19.43 -14.34 60.90
CA ARG B 338 18.74 -14.99 62.01
C ARG B 338 17.80 -16.11 61.59
N ARG B 339 17.62 -17.08 62.49
CA ARG B 339 16.80 -18.26 62.24
C ARG B 339 15.91 -18.62 63.42
N LEU B 340 16.31 -18.19 64.61
CA LEU B 340 15.55 -18.46 65.83
C LEU B 340 14.97 -17.16 66.38
N GLY B 341 13.70 -17.17 66.77
CA GLY B 341 13.09 -15.98 67.33
C GLY B 341 12.31 -15.13 66.33
N LEU B 342 12.33 -15.55 65.07
CA LEU B 342 11.47 -14.93 64.06
C LEU B 342 10.89 -16.04 63.22
N SER B 343 9.72 -15.82 62.64
CA SER B 343 9.09 -16.88 61.87
C SER B 343 9.61 -16.85 60.43
N GLU B 344 9.31 -17.88 59.66
CA GLU B 344 9.69 -17.91 58.26
C GLU B 344 9.07 -16.71 57.53
N VAL B 345 7.79 -16.46 57.80
CA VAL B 345 7.11 -15.30 57.22
C VAL B 345 7.86 -14.00 57.54
N GLN B 346 8.23 -13.82 58.80
CA GLN B 346 8.91 -12.60 59.23
C GLN B 346 10.28 -12.44 58.60
N CYS B 347 10.97 -13.56 58.41
CA CYS B 347 12.28 -13.55 57.77
C CYS B 347 12.16 -13.05 56.33
N VAL B 348 11.20 -13.61 55.60
CA VAL B 348 10.92 -13.20 54.22
C VAL B 348 10.50 -11.73 54.16
N GLN B 349 9.70 -11.28 55.12
CA GLN B 349 9.29 -9.88 55.14
C GLN B 349 10.49 -8.96 55.40
N ASP B 350 11.38 -9.37 56.30
CA ASP B 350 12.59 -8.61 56.58
C ASP B 350 13.48 -8.53 55.33
N MET B 351 13.58 -9.64 54.60
CA MET B 351 14.39 -9.66 53.38
C MET B 351 13.79 -8.72 52.37
N TYR B 352 12.47 -8.82 52.19
CA TYR B 352 11.74 -7.97 51.26
C TYR B 352 11.91 -6.50 51.62
N ASP B 353 11.65 -6.17 52.89
CA ASP B 353 11.68 -4.78 53.34
C ASP B 353 13.11 -4.23 53.28
N GLY B 354 14.07 -5.08 53.65
CA GLY B 354 15.47 -4.69 53.64
C GLY B 354 15.98 -4.43 52.25
N VAL B 355 15.73 -5.37 51.34
CA VAL B 355 16.14 -5.20 49.95
C VAL B 355 15.42 -4.00 49.33
N LYS B 356 14.16 -3.81 49.69
CA LYS B 356 13.40 -2.66 49.18
C LYS B 356 14.09 -1.36 49.58
N ALA B 357 14.49 -1.27 50.85
CA ALA B 357 15.16 -0.08 51.36
C ALA B 357 16.51 0.17 50.69
N LEU B 358 17.29 -0.89 50.50
CA LEU B 358 18.57 -0.80 49.83
C LEU B 358 18.37 -0.36 48.37
N MET B 359 17.36 -0.91 47.72
CA MET B 359 17.09 -0.59 46.32
C MET B 359 16.71 0.88 46.13
N GLU B 360 16.03 1.45 47.13
CA GLU B 360 15.60 2.85 47.05
C GLU B 360 16.78 3.81 47.18
N LEU B 361 17.80 3.39 47.94
CA LEU B 361 19.03 4.17 48.04
C LEU B 361 19.71 4.22 46.69
N GLU B 362 19.79 3.05 46.05
CA GLU B 362 20.34 2.93 44.72
C GLU B 362 19.57 3.78 43.72
N LYS B 363 18.24 3.69 43.76
CA LYS B 363 17.37 4.49 42.89
C LYS B 363 17.59 5.99 43.06
N GLU B 364 17.78 6.43 44.29
CA GLU B 364 18.01 7.84 44.59
C GLU B 364 19.30 8.34 43.91
N ALA B 365 20.38 7.59 44.10
CA ALA B 365 21.68 7.98 43.57
C ALA B 365 21.67 7.99 42.04
N ILE B 366 20.97 7.02 41.44
CA ILE B 366 20.81 6.97 40.00
C ILE B 366 20.00 8.17 39.50
N ALA B 367 18.86 8.41 40.14
CA ALA B 367 18.02 9.56 39.80
C ALA B 367 18.81 10.87 39.84
N LYS B 368 19.67 11.00 40.85
CA LYS B 368 20.47 12.21 40.98
C LYS B 368 21.43 12.34 39.79
N LYS B 369 22.11 11.25 39.46
CA LYS B 369 23.02 11.24 38.33
C LYS B 369 22.31 11.54 37.01
N ARG B 370 21.05 11.09 36.89
CA ARG B 370 20.31 11.25 35.65
C ARG B 370 19.50 12.55 35.56
N SER B 371 19.62 13.42 36.56
CA SER B 371 18.82 14.64 36.59
C SER B 371 19.48 15.78 35.80
N VAL B 372 20.75 15.62 35.44
CA VAL B 372 21.45 16.65 34.68
C VAL B 372 21.83 16.15 33.29
N PHE B 373 21.94 17.09 32.35
CA PHE B 373 22.37 16.77 31.00
C PHE B 373 23.67 15.98 31.04
N PRO B 374 23.70 14.85 30.32
CA PRO B 374 24.88 14.00 30.31
C PRO B 374 26.15 14.75 29.91
N GLU B 375 27.00 15.00 30.90
CA GLU B 375 28.25 15.77 30.72
C GLU B 375 29.06 15.30 29.53
N VAL B 376 29.10 13.99 29.32
CA VAL B 376 29.90 13.39 28.27
C VAL B 376 29.45 13.77 26.85
N LEU B 377 28.19 14.20 26.71
CA LEU B 377 27.65 14.58 25.40
C LEU B 377 27.99 16.03 25.02
N LYS B 378 28.74 16.71 25.87
CA LYS B 378 29.17 18.08 25.57
C LYS B 378 30.30 18.06 24.54
N ASN B 379 30.99 16.93 24.48
CA ASN B 379 32.13 16.72 23.59
C ASN B 379 31.76 16.76 22.11
N PRO B 380 32.31 17.73 21.36
CA PRO B 380 32.04 17.82 19.91
C PRO B 380 32.77 16.73 19.11
N GLU B 381 33.59 15.92 19.77
CA GLU B 381 34.22 14.76 19.14
C GLU B 381 33.23 13.59 19.07
N VAL B 382 32.17 13.67 19.87
CA VAL B 382 31.11 12.66 19.89
C VAL B 382 30.21 12.86 18.67
N LYS B 383 30.15 11.85 17.80
CA LYS B 383 29.47 11.98 16.51
C LYS B 383 28.15 11.21 16.42
N SER B 384 27.60 10.79 17.55
CA SER B 384 26.35 10.04 17.54
C SER B 384 25.17 10.93 17.12
N LEU B 385 24.12 10.30 16.61
CA LEU B 385 22.88 11.01 16.32
C LEU B 385 22.30 11.52 17.64
N LEU B 386 22.52 10.74 18.70
CA LEU B 386 22.12 11.15 20.04
C LEU B 386 22.62 12.55 20.39
N ARG B 387 23.93 12.77 20.27
CA ARG B 387 24.48 14.11 20.56
C ARG B 387 24.04 15.14 19.53
N LYS B 388 23.83 14.70 18.30
CA LYS B 388 23.43 15.61 17.23
C LYS B 388 22.08 16.25 17.51
N TYR B 389 21.18 15.52 18.16
CA TYR B 389 19.81 16.00 18.34
C TYR B 389 19.38 16.25 19.79
N LEU B 390 20.03 15.59 20.75
CA LEU B 390 19.68 15.81 22.14
C LEU B 390 20.40 17.03 22.69
N THR B 391 19.80 18.20 22.52
CA THR B 391 20.31 19.43 23.11
C THR B 391 19.96 19.44 24.59
N PRO B 392 20.70 20.22 25.39
CA PRO B 392 20.33 20.36 26.81
C PRO B 392 18.90 20.85 26.98
N GLU B 393 18.47 21.75 26.08
CA GLU B 393 17.08 22.21 26.11
C GLU B 393 16.09 21.07 25.87
N LEU B 394 16.37 20.22 24.88
CA LEU B 394 15.47 19.11 24.58
C LEU B 394 15.46 18.11 25.74
N PHE B 395 16.64 17.84 26.29
CA PHE B 395 16.79 16.95 27.43
C PHE B 395 15.92 17.40 28.60
N ASP B 396 16.03 18.68 28.97
CA ASP B 396 15.27 19.21 30.10
C ASP B 396 13.76 19.11 29.90
N SER B 397 13.33 19.16 28.64
CA SER B 397 11.90 19.17 28.34
C SER B 397 11.28 17.76 28.40
N LEU B 398 12.11 16.72 28.38
CA LEU B 398 11.62 15.33 28.33
C LEU B 398 12.05 14.46 29.51
N LYS B 399 13.00 14.94 30.31
CA LYS B 399 13.68 14.09 31.30
C LYS B 399 12.83 13.64 32.49
N ASP B 400 11.71 14.32 32.74
CA ASP B 400 10.87 13.98 33.88
C ASP B 400 9.65 13.16 33.47
N LYS B 401 9.58 12.82 32.19
CA LYS B 401 8.47 12.05 31.66
C LYS B 401 8.78 10.55 31.68
N LYS B 402 7.74 9.73 31.83
CA LYS B 402 7.89 8.28 31.84
C LYS B 402 6.71 7.64 31.13
N THR B 403 6.97 6.61 30.33
CA THR B 403 5.89 5.89 29.66
C THR B 403 5.10 5.11 30.69
N ALA B 404 3.99 4.52 30.26
CA ALA B 404 3.16 3.73 31.15
C ALA B 404 3.90 2.52 31.71
N LYS B 405 4.96 2.09 31.01
CA LYS B 405 5.75 0.95 31.43
C LYS B 405 7.00 1.36 32.22
N GLY B 406 7.07 2.63 32.58
CA GLY B 406 8.15 3.13 33.43
C GLY B 406 9.42 3.55 32.71
N ILE B 407 9.38 3.61 31.37
CA ILE B 407 10.57 3.94 30.60
C ILE B 407 10.80 5.45 30.51
N SER B 408 12.00 5.90 30.88
CA SER B 408 12.36 7.31 30.80
C SER B 408 13.20 7.61 29.55
N LEU B 409 13.37 8.90 29.24
CA LEU B 409 14.26 9.31 28.17
C LEU B 409 15.67 8.82 28.44
N TYR B 410 16.10 8.89 29.69
CA TYR B 410 17.44 8.43 30.04
C TYR B 410 17.62 6.92 29.79
N ASP B 411 16.57 6.13 30.04
CA ASP B 411 16.64 4.71 29.71
C ASP B 411 16.94 4.55 28.23
N CYS B 412 16.29 5.39 27.42
CA CYS B 412 16.41 5.31 25.97
C CYS B 412 17.80 5.71 25.47
N ILE B 413 18.39 6.73 26.09
CA ILE B 413 19.65 7.26 25.57
C ILE B 413 20.87 6.65 26.26
N ASN B 414 20.64 5.81 27.26
CA ASN B 414 21.73 5.33 28.11
C ASN B 414 22.91 4.69 27.37
N SER B 415 22.61 3.87 26.37
CA SER B 415 23.65 3.19 25.61
C SER B 415 24.50 4.21 24.85
N GLY B 416 23.85 5.27 24.37
CA GLY B 416 24.57 6.31 23.67
C GLY B 416 25.40 7.17 24.62
N VAL B 417 24.98 7.22 25.87
CA VAL B 417 25.73 7.94 26.89
C VAL B 417 26.92 7.11 27.39
N GLU B 418 26.71 5.81 27.55
CA GLU B 418 27.77 4.91 28.03
C GLU B 418 28.78 4.58 26.93
N ASN B 419 28.29 4.45 25.71
CA ASN B 419 29.13 4.15 24.56
C ASN B 419 29.18 5.34 23.61
N LEU B 420 30.10 6.26 23.89
CA LEU B 420 30.15 7.53 23.16
C LEU B 420 30.44 7.34 21.67
N ASP B 421 31.03 6.20 21.32
CA ASP B 421 31.34 5.88 19.94
C ASP B 421 30.16 5.27 19.18
N SER B 422 28.98 5.32 19.78
CA SER B 422 27.77 4.79 19.14
C SER B 422 27.44 5.58 17.88
N SER B 423 26.85 4.92 16.88
CA SER B 423 26.42 5.63 15.69
C SER B 423 25.12 6.38 15.97
N CYS B 424 24.18 5.69 16.60
CA CYS B 424 22.87 6.24 16.92
C CYS B 424 22.80 6.55 18.42
N GLY B 425 22.79 5.49 19.23
CA GLY B 425 22.87 5.63 20.67
C GLY B 425 21.54 5.75 21.38
N VAL B 426 20.45 5.46 20.68
CA VAL B 426 19.12 5.56 21.27
C VAL B 426 18.28 4.31 21.00
N TYR B 427 17.71 3.75 22.06
CA TYR B 427 16.87 2.57 21.97
C TYR B 427 15.51 2.84 22.57
N ALA B 428 14.45 2.34 21.93
CA ALA B 428 13.10 2.48 22.48
C ALA B 428 12.80 1.32 23.42
N GLY B 429 12.31 1.62 24.62
CA GLY B 429 11.95 0.56 25.55
C GLY B 429 10.56 -0.02 25.31
N ASP B 430 9.69 0.79 24.71
CA ASP B 430 8.34 0.36 24.36
C ASP B 430 7.80 1.23 23.21
N GLU B 431 6.67 0.82 22.64
CA GLU B 431 6.03 1.59 21.56
C GLU B 431 5.79 3.04 21.94
N GLU B 432 5.37 3.26 23.19
CA GLU B 432 5.06 4.63 23.62
C GLU B 432 6.26 5.58 23.51
N CYS B 433 7.48 5.05 23.64
CA CYS B 433 8.67 5.89 23.54
C CYS B 433 8.73 6.66 22.22
N TYR B 434 8.23 6.04 21.15
CA TYR B 434 8.29 6.69 19.83
C TYR B 434 7.37 7.88 19.71
N THR B 435 6.41 8.01 20.64
CA THR B 435 5.50 9.15 20.67
C THR B 435 5.88 10.11 21.79
N LEU B 436 6.00 9.60 23.01
CA LEU B 436 6.33 10.45 24.15
C LEU B 436 7.69 11.12 23.96
N PHE B 437 8.63 10.41 23.34
CA PHE B 437 9.95 10.97 23.09
C PHE B 437 10.19 11.29 21.61
N ALA B 438 9.09 11.43 20.87
CA ALA B 438 9.16 11.80 19.45
C ALA B 438 10.06 12.98 19.08
N PRO B 439 10.11 14.04 19.91
CA PRO B 439 11.02 15.14 19.54
C PRO B 439 12.46 14.68 19.31
N LEU B 440 12.89 13.63 20.00
CA LEU B 440 14.19 13.02 19.74
C LEU B 440 14.11 11.92 18.67
N PHE B 441 13.22 10.95 18.87
CA PHE B 441 13.15 9.78 17.98
C PHE B 441 12.82 10.15 16.54
N ASP B 442 11.91 11.10 16.33
CA ASP B 442 11.56 11.53 14.98
C ASP B 442 12.81 11.95 14.22
N LYS B 443 13.64 12.75 14.88
CA LYS B 443 14.82 13.33 14.24
C LYS B 443 15.84 12.23 13.92
N ILE B 444 16.01 11.31 14.85
CA ILE B 444 16.92 10.18 14.64
C ILE B 444 16.44 9.29 13.50
N VAL B 445 15.12 9.00 13.49
CA VAL B 445 14.54 8.18 12.44
C VAL B 445 14.70 8.81 11.07
N GLU B 446 14.39 10.11 10.96
CA GLU B 446 14.47 10.78 9.67
C GLU B 446 15.89 11.04 9.20
N ASP B 447 16.85 11.03 10.13
CA ASP B 447 18.25 11.18 9.78
C ASP B 447 18.76 9.86 9.22
N TYR B 448 18.64 8.80 10.01
CA TYR B 448 19.19 7.50 9.60
C TYR B 448 18.49 6.95 8.37
N HIS B 449 17.17 7.16 8.28
CA HIS B 449 16.38 6.60 7.19
C HIS B 449 16.12 7.60 6.05
N SER B 450 16.91 8.66 5.99
CA SER B 450 16.84 9.59 4.87
C SER B 450 16.90 8.79 3.58
N PRO B 451 16.09 9.16 2.59
CA PRO B 451 15.25 10.36 2.51
C PRO B 451 13.84 10.21 3.07
N TYR B 452 13.53 9.10 3.75
CA TYR B 452 12.18 8.90 4.29
C TYR B 452 11.75 10.03 5.23
N LYS B 453 10.49 10.43 5.12
CA LYS B 453 9.90 11.40 6.04
C LYS B 453 8.67 10.77 6.67
N LEU B 454 8.53 10.91 7.99
CA LEU B 454 7.39 10.33 8.71
C LEU B 454 6.04 10.72 8.10
N ALA B 455 5.97 11.88 7.46
CA ALA B 455 4.74 12.31 6.81
C ALA B 455 4.36 11.40 5.66
N ASN B 456 5.35 10.77 5.02
CA ASN B 456 5.09 9.85 3.91
C ASN B 456 4.33 8.59 4.32
N LYS B 457 4.53 8.18 5.59
CA LYS B 457 4.04 6.90 6.11
C LYS B 457 4.66 5.70 5.39
N HIS B 458 4.42 4.51 5.94
CA HIS B 458 5.05 3.29 5.48
C HIS B 458 3.99 2.22 5.25
N THR B 459 4.15 1.44 4.18
CA THR B 459 3.24 0.33 3.89
C THR B 459 3.95 -1.02 4.04
N SER B 460 3.41 -1.89 4.88
CA SER B 460 3.95 -3.24 5.04
C SER B 460 3.28 -4.14 4.04
N ASP B 461 3.98 -5.17 3.56
CA ASP B 461 3.38 -6.12 2.63
C ASP B 461 4.15 -7.43 2.68
N MET B 462 3.52 -8.46 3.24
CA MET B 462 4.11 -9.79 3.32
C MET B 462 3.32 -10.83 2.50
N ASN B 463 2.88 -10.45 1.31
CA ASN B 463 2.25 -11.38 0.38
C ASN B 463 3.25 -11.78 -0.69
N PRO B 464 3.78 -13.01 -0.59
CA PRO B 464 4.84 -13.50 -1.48
C PRO B 464 4.37 -13.66 -2.92
N GLU B 465 3.05 -13.73 -3.14
CA GLU B 465 2.53 -13.89 -4.50
C GLU B 465 2.65 -12.58 -5.28
N LYS B 466 2.98 -11.49 -4.58
CA LYS B 466 3.12 -10.19 -5.24
C LYS B 466 4.56 -9.95 -5.72
N VAL B 467 5.45 -10.91 -5.45
CA VAL B 467 6.80 -10.86 -6.00
C VAL B 467 6.87 -11.72 -7.26
N ASP B 468 7.33 -11.14 -8.37
CA ASP B 468 7.47 -11.88 -9.61
C ASP B 468 8.93 -12.17 -9.84
N ALA B 469 9.36 -13.38 -9.49
CA ALA B 469 10.79 -13.70 -9.47
C ALA B 469 11.10 -15.08 -10.06
N PRO B 470 10.96 -15.22 -11.39
CA PRO B 470 11.38 -16.46 -12.04
C PRO B 470 12.85 -16.70 -11.67
N ASN B 471 13.22 -17.94 -11.32
CA ASN B 471 14.55 -18.22 -10.79
C ASN B 471 15.68 -17.70 -11.70
N LEU B 472 16.56 -16.88 -11.13
CA LEU B 472 17.59 -16.19 -11.90
C LEU B 472 18.70 -17.11 -12.41
N ASP B 473 19.17 -17.98 -11.54
CA ASP B 473 20.39 -18.75 -11.79
C ASP B 473 20.21 -20.16 -11.22
N PRO B 474 19.35 -20.96 -11.85
CA PRO B 474 18.98 -22.28 -11.33
C PRO B 474 20.18 -23.22 -11.32
N GLU B 475 21.18 -22.89 -12.13
CA GLU B 475 22.35 -23.74 -12.30
C GLU B 475 23.45 -23.37 -11.30
N GLY B 476 23.24 -22.28 -10.56
CA GLY B 476 24.13 -21.89 -9.49
C GLY B 476 25.47 -21.35 -9.95
N THR B 477 25.53 -20.91 -11.20
CA THR B 477 26.77 -20.43 -11.81
C THR B 477 27.30 -19.16 -11.15
N TYR B 478 26.38 -18.29 -10.71
CA TYR B 478 26.77 -16.97 -10.20
C TYR B 478 26.35 -16.72 -8.76
N ILE B 479 25.10 -17.06 -8.45
CA ILE B 479 24.55 -16.80 -7.11
C ILE B 479 24.73 -18.01 -6.21
N ARG B 480 25.52 -17.83 -5.15
CA ARG B 480 25.80 -18.91 -4.22
C ARG B 480 24.65 -19.15 -3.27
N SER B 481 24.12 -18.07 -2.71
CA SER B 481 23.07 -18.17 -1.71
C SER B 481 22.19 -16.92 -1.64
N THR B 482 21.00 -17.09 -1.09
CA THR B 482 20.02 -16.02 -0.97
C THR B 482 19.45 -16.06 0.45
N ARG B 483 19.37 -14.90 1.09
CA ARG B 483 19.01 -14.84 2.50
C ARG B 483 18.09 -13.65 2.74
N ILE B 484 16.99 -13.88 3.44
CA ILE B 484 16.09 -12.78 3.81
C ILE B 484 15.73 -12.87 5.29
N ARG B 485 16.01 -11.79 6.02
CA ARG B 485 15.72 -11.72 7.46
C ARG B 485 14.71 -10.61 7.73
N VAL B 486 13.78 -10.84 8.66
CA VAL B 486 12.98 -9.75 9.24
C VAL B 486 12.99 -9.79 10.76
N ALA B 487 13.04 -8.62 11.38
CA ALA B 487 12.91 -8.49 12.83
C ALA B 487 11.48 -8.12 13.14
N ARG B 488 10.91 -8.71 14.18
CA ARG B 488 9.54 -8.40 14.58
C ARG B 488 9.46 -8.38 16.10
N ASN B 489 8.54 -7.60 16.64
CA ASN B 489 8.27 -7.68 18.06
C ASN B 489 6.79 -7.95 18.29
N VAL B 490 6.49 -8.64 19.38
CA VAL B 490 5.16 -9.22 19.58
C VAL B 490 4.19 -8.21 20.19
N LYS B 491 2.99 -8.15 19.64
CA LYS B 491 1.95 -7.24 20.11
C LYS B 491 1.62 -7.47 21.59
N GLY B 492 1.42 -6.39 22.34
CA GLY B 492 0.96 -6.50 23.71
C GLY B 492 2.06 -6.52 24.75
N TYR B 493 3.30 -6.24 24.33
CA TYR B 493 4.42 -6.20 25.26
C TYR B 493 5.27 -4.95 25.05
N ALA B 494 6.25 -4.76 25.93
CA ALA B 494 7.25 -3.73 25.73
C ALA B 494 8.11 -4.15 24.55
N LEU B 495 9.08 -3.30 24.20
CA LEU B 495 10.11 -3.72 23.26
C LEU B 495 11.20 -4.37 24.09
N THR B 496 12.18 -4.97 23.43
CA THR B 496 13.22 -5.72 24.15
C THR B 496 13.94 -4.93 25.27
N PRO B 497 14.29 -3.65 25.03
CA PRO B 497 14.98 -2.98 26.14
C PRO B 497 14.09 -2.74 27.37
N GLY B 498 12.77 -2.80 27.23
CA GLY B 498 11.88 -2.49 28.34
C GLY B 498 11.11 -3.66 28.93
N LEU B 499 11.40 -4.87 28.47
CA LEU B 499 10.71 -6.07 28.95
C LEU B 499 10.92 -6.33 30.44
N THR B 500 9.86 -6.77 31.11
CA THR B 500 9.98 -7.32 32.45
C THR B 500 10.34 -8.79 32.33
N ARG B 501 10.73 -9.42 33.43
CA ARG B 501 11.10 -10.82 33.42
C ARG B 501 9.99 -11.71 32.88
N ASN B 502 8.76 -11.47 33.35
CA ASN B 502 7.66 -12.32 32.96
C ASN B 502 7.15 -12.08 31.54
N GLU B 503 7.30 -10.86 31.04
CA GLU B 503 6.98 -10.56 29.64
C GLU B 503 7.89 -11.38 28.73
N ARG B 504 9.18 -11.37 29.03
CA ARG B 504 10.16 -12.11 28.22
C ARG B 504 9.89 -13.62 28.22
N LEU B 505 9.53 -14.16 29.39
CA LEU B 505 9.19 -15.58 29.50
C LEU B 505 7.90 -15.87 28.73
N ASP B 506 6.95 -14.95 28.80
CA ASP B 506 5.66 -15.07 28.12
C ASP B 506 5.84 -15.10 26.60
N ILE B 507 6.68 -14.18 26.11
CA ILE B 507 6.98 -14.14 24.68
C ILE B 507 7.59 -15.45 24.19
N GLU B 508 8.62 -15.92 24.89
CA GLU B 508 9.27 -17.19 24.51
C GLU B 508 8.24 -18.32 24.42
N ARG B 509 7.43 -18.47 25.47
CA ARG B 509 6.43 -19.54 25.52
C ARG B 509 5.44 -19.48 24.36
N LYS B 510 4.90 -18.29 24.10
CA LYS B 510 3.90 -18.12 23.05
C LYS B 510 4.51 -18.36 21.68
N VAL B 511 5.71 -17.82 21.46
CA VAL B 511 6.36 -17.95 20.17
C VAL B 511 6.74 -19.40 19.90
N VAL B 512 7.26 -20.09 20.92
CA VAL B 512 7.62 -21.49 20.79
C VAL B 512 6.37 -22.33 20.49
N GLY B 513 5.25 -21.93 21.08
CA GLY B 513 3.98 -22.60 20.83
C GLY B 513 3.59 -22.53 19.36
N VAL B 514 3.76 -21.36 18.77
CA VAL B 514 3.51 -21.17 17.34
C VAL B 514 4.51 -21.96 16.51
N LEU B 515 5.79 -21.76 16.78
CA LEU B 515 6.87 -22.38 16.00
C LEU B 515 6.76 -23.91 15.97
N SER B 516 6.45 -24.51 17.12
CA SER B 516 6.34 -25.96 17.21
C SER B 516 5.08 -26.47 16.51
N SER B 517 4.17 -25.56 16.17
CA SER B 517 2.94 -25.94 15.47
C SER B 517 3.15 -25.93 13.96
N LEU B 518 4.28 -25.37 13.53
CA LEU B 518 4.57 -25.24 12.10
C LEU B 518 4.81 -26.60 11.44
N THR B 519 4.25 -26.78 10.25
CA THR B 519 4.33 -28.06 9.54
C THR B 519 5.04 -27.95 8.20
N GLY B 520 5.15 -29.07 7.49
CA GLY B 520 5.81 -29.11 6.20
C GLY B 520 7.27 -28.70 6.29
N ASP B 521 7.69 -27.83 5.38
CA ASP B 521 9.10 -27.42 5.32
C ASP B 521 9.50 -26.47 6.44
N LEU B 522 8.52 -26.02 7.23
CA LEU B 522 8.79 -25.14 8.36
C LEU B 522 8.94 -25.89 9.67
N ALA B 523 8.53 -27.16 9.67
CA ALA B 523 8.62 -28.00 10.87
C ALA B 523 10.07 -28.08 11.34
N GLY B 524 10.29 -27.93 12.64
CA GLY B 524 11.64 -27.94 13.17
C GLY B 524 11.74 -28.13 14.67
N GLN B 525 12.84 -27.64 15.24
CA GLN B 525 13.17 -27.92 16.64
C GLN B 525 13.58 -26.65 17.38
N TYR B 526 13.17 -26.52 18.64
CA TYR B 526 13.54 -25.37 19.45
C TYR B 526 14.66 -25.73 20.43
N TYR B 527 15.72 -24.93 20.43
CA TYR B 527 16.82 -25.11 21.37
C TYR B 527 16.95 -23.86 22.24
N PRO B 528 16.43 -23.94 23.49
CA PRO B 528 16.61 -22.80 24.40
C PRO B 528 18.07 -22.66 24.79
N LEU B 529 18.50 -21.43 25.06
CA LEU B 529 19.87 -21.17 25.51
C LEU B 529 20.05 -21.61 26.96
N THR B 530 18.97 -21.50 27.73
CA THR B 530 19.01 -21.93 29.13
C THR B 530 19.15 -23.44 29.20
N GLY B 531 20.28 -23.90 29.70
CA GLY B 531 20.51 -25.32 29.88
C GLY B 531 21.16 -26.02 28.70
N MET B 532 21.41 -25.28 27.62
CA MET B 532 22.03 -25.86 26.43
C MET B 532 23.38 -26.50 26.77
N ASP B 533 23.54 -27.77 26.42
CA ASP B 533 24.82 -28.45 26.65
C ASP B 533 25.83 -28.10 25.54
N GLU B 534 27.10 -28.41 25.81
CA GLU B 534 28.18 -28.05 24.90
C GLU B 534 28.06 -28.73 23.52
N ALA B 535 27.49 -29.93 23.50
CA ALA B 535 27.29 -30.67 22.26
C ALA B 535 26.33 -29.94 21.30
N THR B 536 25.18 -29.53 21.83
CA THR B 536 24.18 -28.78 21.06
C THR B 536 24.74 -27.45 20.59
N ARG B 537 25.38 -26.74 21.52
CA ARG B 537 26.03 -25.46 21.25
C ARG B 537 26.97 -25.60 20.05
N GLN B 538 27.84 -26.61 20.10
CA GLN B 538 28.83 -26.83 19.05
C GLN B 538 28.24 -26.99 17.65
N LYS B 539 27.22 -27.83 17.51
CA LYS B 539 26.63 -28.06 16.19
C LYS B 539 25.84 -26.86 15.68
N LEU B 540 25.35 -26.04 16.62
CA LEU B 540 24.67 -24.80 16.26
C LEU B 540 25.69 -23.80 15.74
N VAL B 541 26.89 -23.82 16.33
CA VAL B 541 28.00 -23.01 15.85
C VAL B 541 28.35 -23.39 14.42
N ASN B 542 28.55 -24.68 14.19
CA ASN B 542 28.92 -25.19 12.87
C ASN B 542 27.94 -24.77 11.77
N ASP B 543 26.66 -24.70 12.11
CA ASP B 543 25.64 -24.26 11.17
C ASP B 543 25.51 -22.74 11.15
N HIS B 544 26.31 -22.04 11.95
CA HIS B 544 26.22 -20.59 12.10
C HIS B 544 24.85 -20.16 12.62
N PHE B 545 24.26 -20.96 13.52
CA PHE B 545 22.92 -20.68 14.03
C PHE B 545 22.94 -20.06 15.42
N LEU B 546 24.06 -20.17 16.11
CA LEU B 546 24.14 -19.73 17.51
C LEU B 546 24.23 -18.21 17.65
N PHE B 547 23.56 -17.67 18.66
CA PHE B 547 23.78 -16.28 19.04
C PHE B 547 24.27 -16.20 20.49
N LYS B 548 24.93 -15.10 20.82
CA LYS B 548 25.52 -14.92 22.14
C LYS B 548 24.96 -13.70 22.84
N LYS B 549 25.40 -13.49 24.08
CA LYS B 549 25.01 -12.32 24.87
C LYS B 549 25.35 -11.06 24.08
N GLY B 550 24.46 -10.07 24.11
CA GLY B 550 24.67 -8.84 23.35
C GLY B 550 25.93 -8.09 23.72
N ASP B 551 26.47 -7.33 22.76
CA ASP B 551 27.68 -6.55 23.01
C ASP B 551 27.43 -5.40 23.98
N ARG B 552 28.42 -4.53 24.16
CA ARG B 552 28.31 -3.46 25.15
C ARG B 552 27.22 -2.44 24.80
N PHE B 553 26.91 -2.29 23.52
CA PHE B 553 25.82 -1.41 23.12
C PHE B 553 24.47 -1.95 23.61
N LEU B 554 24.26 -3.25 23.44
CA LEU B 554 23.04 -3.89 23.92
C LEU B 554 22.98 -3.93 25.44
N GLU B 555 24.13 -4.20 26.07
CA GLU B 555 24.22 -4.25 27.53
C GLU B 555 23.76 -2.95 28.17
N ALA B 556 24.27 -1.83 27.68
CA ALA B 556 23.93 -0.53 28.24
C ALA B 556 22.49 -0.14 27.86
N ALA B 557 21.93 -0.80 26.85
CA ALA B 557 20.55 -0.54 26.45
C ALA B 557 19.55 -1.30 27.33
N GLY B 558 20.04 -2.27 28.08
CA GLY B 558 19.17 -3.09 28.92
C GLY B 558 18.65 -4.34 28.22
N VAL B 559 19.30 -4.72 27.12
CA VAL B 559 18.88 -5.84 26.30
C VAL B 559 19.34 -7.19 26.88
N ASN B 560 20.40 -7.17 27.68
CA ASN B 560 20.98 -8.40 28.22
C ASN B 560 20.42 -8.87 29.56
N LYS B 561 19.37 -8.22 30.07
CA LYS B 561 18.81 -8.57 31.39
C LYS B 561 18.46 -10.05 31.55
N LEU B 562 18.91 -10.63 32.67
CA LEU B 562 18.60 -12.01 33.04
C LEU B 562 19.13 -13.07 32.05
N TRP B 563 20.15 -12.71 31.27
CA TRP B 563 20.71 -13.62 30.27
C TRP B 563 21.11 -14.94 30.89
N PRO B 564 20.78 -16.07 30.24
CA PRO B 564 20.12 -16.25 28.94
C PRO B 564 18.65 -16.64 29.06
N GLU B 565 17.99 -16.23 30.13
CA GLU B 565 16.60 -16.64 30.34
C GLU B 565 15.65 -16.12 29.23
N GLY B 566 14.86 -17.02 28.66
CA GLY B 566 13.88 -16.64 27.66
C GLY B 566 14.44 -16.54 26.24
N ARG B 567 15.74 -16.84 26.10
CA ARG B 567 16.40 -16.79 24.81
C ARG B 567 16.51 -18.19 24.23
N GLY B 568 16.38 -18.30 22.90
CA GLY B 568 16.43 -19.61 22.27
C GLY B 568 16.53 -19.54 20.76
N ILE B 569 16.75 -20.71 20.15
CA ILE B 569 16.93 -20.81 18.70
C ILE B 569 16.02 -21.90 18.12
N PHE B 570 15.30 -21.56 17.07
CA PHE B 570 14.51 -22.52 16.31
C PHE B 570 15.05 -22.61 14.90
N HIS B 571 15.17 -23.83 14.38
CA HIS B 571 15.43 -23.99 12.95
C HIS B 571 14.67 -25.19 12.39
N ASN B 572 14.37 -25.14 11.10
CA ASN B 572 13.69 -26.27 10.45
C ASN B 572 14.66 -27.39 10.08
N ASN B 573 14.12 -28.55 9.74
CA ASN B 573 14.96 -29.70 9.40
C ASN B 573 15.88 -29.44 8.21
N ASP B 574 15.36 -28.74 7.20
CA ASP B 574 16.12 -28.41 6.00
C ASP B 574 17.24 -27.40 6.24
N LYS B 575 17.19 -26.72 7.38
CA LYS B 575 18.12 -25.63 7.70
C LYS B 575 18.00 -24.49 6.68
N THR B 576 16.77 -24.22 6.26
CA THR B 576 16.48 -23.13 5.35
C THR B 576 15.65 -22.08 6.08
N PHE B 577 15.38 -22.34 7.35
CA PHE B 577 14.59 -21.42 8.17
C PHE B 577 15.13 -21.36 9.59
N LEU B 578 15.35 -20.15 10.09
CA LEU B 578 15.96 -19.95 11.39
C LEU B 578 15.27 -18.82 12.16
N VAL B 579 15.00 -19.07 13.43
CA VAL B 579 14.42 -18.03 14.29
C VAL B 579 15.23 -17.86 15.57
N TRP B 580 15.59 -16.61 15.87
CA TRP B 580 16.22 -16.26 17.14
C TRP B 580 15.16 -15.62 18.03
N ILE B 581 14.99 -16.16 19.24
CA ILE B 581 13.99 -15.63 20.15
C ILE B 581 14.65 -14.80 21.24
N ASN B 582 14.20 -13.55 21.35
CA ASN B 582 14.63 -12.65 22.43
C ASN B 582 16.11 -12.32 22.44
N GLU B 583 16.71 -12.29 21.25
CA GLU B 583 18.06 -11.79 21.11
C GLU B 583 17.99 -10.25 21.19
N GLU B 584 18.12 -9.57 20.05
CA GLU B 584 18.07 -8.10 20.03
C GLU B 584 16.63 -7.62 19.98
N ASP B 585 15.89 -8.13 19.01
CA ASP B 585 14.45 -7.93 19.00
C ASP B 585 13.85 -9.21 19.52
N GLN B 586 12.52 -9.25 19.65
CA GLN B 586 11.90 -10.44 20.21
C GLN B 586 11.97 -11.60 19.23
N LEU B 587 11.88 -11.26 17.94
CA LEU B 587 11.96 -12.27 16.90
C LEU B 587 12.94 -11.82 15.81
N ARG B 588 13.92 -12.66 15.51
CA ARG B 588 14.72 -12.47 14.31
C ARG B 588 14.45 -13.67 13.42
N ILE B 589 13.76 -13.43 12.31
CA ILE B 589 13.23 -14.50 11.49
C ILE B 589 13.93 -14.52 10.14
N ILE B 590 14.59 -15.64 9.85
CA ILE B 590 15.50 -15.75 8.73
C ILE B 590 15.17 -16.91 7.80
N SER B 591 15.07 -16.63 6.50
CA SER B 591 14.87 -17.65 5.48
C SER B 591 16.10 -17.62 4.57
N MET B 592 16.66 -18.78 4.26
CA MET B 592 17.87 -18.83 3.42
C MET B 592 17.97 -20.12 2.62
N GLU B 593 18.67 -20.05 1.48
CA GLU B 593 18.86 -21.20 0.60
C GLU B 593 20.21 -21.10 -0.08
N LYS B 594 20.76 -22.26 -0.46
CA LYS B 594 21.84 -22.26 -1.43
C LYS B 594 21.20 -21.86 -2.76
N GLY B 595 21.90 -21.03 -3.53
CA GLY B 595 21.41 -20.68 -4.86
C GLY B 595 20.69 -19.36 -4.96
N SER B 596 19.86 -19.23 -6.00
CA SER B 596 19.35 -17.94 -6.44
C SER B 596 17.86 -17.69 -6.21
N ASP B 597 17.13 -18.67 -5.69
CA ASP B 597 15.67 -18.56 -5.65
C ASP B 597 15.13 -17.61 -4.58
N ILE B 598 15.22 -16.30 -4.84
CA ILE B 598 14.72 -15.32 -3.89
C ILE B 598 13.22 -15.46 -3.64
N GLY B 599 12.47 -15.80 -4.69
CA GLY B 599 11.03 -16.01 -4.57
C GLY B 599 10.69 -17.11 -3.57
N SER B 600 11.41 -18.23 -3.69
CA SER B 600 11.23 -19.36 -2.80
C SER B 600 11.59 -19.00 -1.36
N VAL B 601 12.71 -18.30 -1.19
CA VAL B 601 13.15 -17.85 0.13
C VAL B 601 12.12 -16.93 0.78
N PHE B 602 11.59 -15.98 0.00
CA PHE B 602 10.62 -15.02 0.52
C PHE B 602 9.30 -15.69 0.86
N GLY B 603 8.91 -16.67 0.05
CA GLY B 603 7.66 -17.39 0.25
C GLY B 603 7.64 -18.19 1.54
N ARG B 604 8.77 -18.84 1.83
CA ARG B 604 8.90 -19.60 3.08
C ARG B 604 8.93 -18.63 4.27
N LEU B 605 9.64 -17.52 4.13
CA LEU B 605 9.65 -16.50 5.19
C LEU B 605 8.23 -15.99 5.46
N CYS B 606 7.51 -15.66 4.39
CA CYS B 606 6.15 -15.12 4.54
C CYS B 606 5.20 -16.10 5.21
N ARG B 607 5.29 -17.37 4.82
CA ARG B 607 4.41 -18.38 5.40
C ARG B 607 4.59 -18.46 6.91
N ALA B 608 5.84 -18.40 7.37
CA ALA B 608 6.11 -18.43 8.81
C ALA B 608 5.70 -17.13 9.49
N VAL B 609 6.11 -16.00 8.92
CA VAL B 609 5.83 -14.71 9.53
C VAL B 609 4.31 -14.46 9.65
N ASN B 610 3.58 -14.74 8.58
CA ASN B 610 2.15 -14.51 8.57
C ASN B 610 1.37 -15.37 9.56
N GLU B 611 1.87 -16.58 9.83
CA GLU B 611 1.23 -17.46 10.82
C GLU B 611 1.47 -16.95 12.23
N ILE B 612 2.71 -16.54 12.52
CA ILE B 612 3.04 -15.92 13.79
C ILE B 612 2.21 -14.66 13.98
N ASP B 613 2.08 -13.89 12.91
CA ASP B 613 1.30 -12.65 12.91
C ASP B 613 -0.16 -12.96 13.22
N LYS B 614 -0.67 -14.01 12.58
CA LYS B 614 -2.07 -14.42 12.77
C LYS B 614 -2.36 -14.78 14.24
N GLN B 615 -1.44 -15.48 14.88
CA GLN B 615 -1.71 -15.97 16.23
C GLN B 615 -1.37 -14.95 17.31
N LEU B 616 -0.34 -14.14 17.09
CA LEU B 616 0.15 -13.27 18.15
C LEU B 616 0.09 -11.77 17.83
N GLY B 617 0.24 -11.42 16.55
CA GLY B 617 0.27 -10.02 16.15
C GLY B 617 1.63 -9.39 16.43
N PHE B 618 1.91 -8.29 15.73
CA PHE B 618 3.20 -7.59 15.83
C PHE B 618 3.00 -6.13 16.21
N GLN B 619 4.00 -5.55 16.87
CA GLN B 619 3.98 -4.11 17.15
C GLN B 619 4.28 -3.36 15.86
N HIS B 620 3.46 -2.34 15.58
CA HIS B 620 3.43 -1.74 14.25
C HIS B 620 2.70 -0.39 14.29
N THR B 621 3.21 0.58 13.54
CA THR B 621 2.50 1.85 13.35
C THR B 621 2.50 2.25 11.88
N ASP B 622 1.64 3.20 11.54
CA ASP B 622 1.58 3.75 10.19
C ASP B 622 2.87 4.46 9.79
N ALA B 623 3.44 5.22 10.71
CA ALA B 623 4.61 6.04 10.41
C ALA B 623 5.95 5.28 10.52
N HIS B 624 6.00 4.26 11.36
CA HIS B 624 7.27 3.56 11.60
C HIS B 624 7.33 2.13 11.03
N GLY B 625 6.21 1.61 10.53
CA GLY B 625 6.17 0.22 10.14
C GLY B 625 6.31 -0.66 11.36
N TYR B 626 6.97 -1.80 11.23
CA TYR B 626 7.19 -2.67 12.38
C TYR B 626 8.15 -2.04 13.39
N LEU B 627 7.72 -2.05 14.65
CA LEU B 627 8.48 -1.40 15.71
C LEU B 627 9.61 -2.28 16.22
N SER B 628 10.75 -1.66 16.47
CA SER B 628 11.90 -2.35 17.04
C SER B 628 12.53 -1.46 18.11
N GLY B 629 13.28 -2.08 19.02
CA GLY B 629 13.99 -1.31 20.03
C GLY B 629 15.02 -0.40 19.38
N CYS B 630 15.58 -0.85 18.26
CA CYS B 630 16.55 -0.06 17.51
CA CYS B 630 16.55 -0.03 17.52
C CYS B 630 15.87 0.62 16.32
N PRO B 631 15.90 1.95 16.27
CA PRO B 631 15.26 2.72 15.20
C PRO B 631 15.84 2.40 13.81
N THR B 632 17.03 1.81 13.76
CA THR B 632 17.60 1.40 12.48
C THR B 632 16.83 0.23 11.87
N ASN B 633 16.08 -0.49 12.71
CA ASN B 633 15.35 -1.68 12.27
C ASN B 633 13.84 -1.49 12.10
N LEU B 634 13.39 -0.26 11.90
CA LEU B 634 11.96 0.02 11.71
C LEU B 634 11.51 -0.34 10.29
N GLY B 635 10.25 -0.03 9.98
CA GLY B 635 9.72 -0.25 8.64
C GLY B 635 9.55 -1.73 8.33
N THR B 636 10.33 -2.22 7.37
CA THR B 636 10.32 -3.64 7.02
C THR B 636 11.04 -4.47 8.06
N GLY B 637 12.00 -3.85 8.75
CA GLY B 637 12.88 -4.58 9.64
C GLY B 637 13.66 -5.65 8.90
N MET B 638 13.85 -5.42 7.59
CA MET B 638 14.33 -6.45 6.69
C MET B 638 15.78 -6.27 6.27
N ARG B 639 16.52 -7.37 6.21
CA ARG B 639 17.78 -7.39 5.49
C ARG B 639 17.73 -8.50 4.44
N ALA B 640 17.71 -8.11 3.18
CA ALA B 640 17.72 -9.09 2.09
C ALA B 640 19.09 -9.11 1.46
N SER B 641 19.64 -10.29 1.22
CA SER B 641 20.99 -10.37 0.68
C SER B 641 21.24 -11.61 -0.18
N VAL B 642 21.99 -11.42 -1.24
CA VAL B 642 22.44 -12.54 -2.07
C VAL B 642 23.96 -12.47 -2.17
N HIS B 643 24.60 -13.63 -2.09
CA HIS B 643 26.03 -13.70 -2.33
C HIS B 643 26.22 -14.05 -3.79
N VAL B 644 26.82 -13.13 -4.54
CA VAL B 644 26.91 -13.29 -5.99
C VAL B 644 28.32 -13.01 -6.49
N LYS B 645 28.72 -13.77 -7.51
CA LYS B 645 30.04 -13.67 -8.09
C LYS B 645 29.92 -12.98 -9.44
N ILE B 646 30.33 -11.72 -9.51
CA ILE B 646 30.17 -10.93 -10.73
C ILE B 646 31.37 -10.04 -11.11
N PRO B 647 32.55 -10.66 -11.35
CA PRO B 647 33.75 -9.91 -11.73
C PRO B 647 33.53 -8.87 -12.84
N LYS B 648 32.86 -9.27 -13.92
CA LYS B 648 32.60 -8.37 -15.04
C LYS B 648 31.75 -7.15 -14.62
N ALA B 649 30.51 -7.40 -14.21
CA ALA B 649 29.58 -6.34 -13.80
C ALA B 649 30.16 -5.42 -12.71
N SER B 650 30.90 -6.00 -11.78
CA SER B 650 31.42 -5.27 -10.62
C SER B 650 32.40 -4.13 -10.95
N ALA B 651 32.73 -3.98 -12.23
CA ALA B 651 33.58 -2.86 -12.67
C ALA B 651 33.01 -2.22 -13.94
N HIS B 652 31.89 -2.75 -14.41
CA HIS B 652 31.16 -2.14 -15.52
C HIS B 652 30.66 -0.76 -15.05
N PRO B 653 30.68 0.24 -15.94
CA PRO B 653 30.28 1.59 -15.51
C PRO B 653 28.81 1.71 -15.10
N ASP B 654 27.98 0.75 -15.49
CA ASP B 654 26.57 0.77 -15.12
C ASP B 654 26.34 0.15 -13.74
N PHE B 655 27.43 -0.22 -13.07
CA PHE B 655 27.34 -0.91 -11.79
C PHE B 655 26.68 -0.07 -10.70
N GLN B 656 27.15 1.15 -10.49
CA GLN B 656 26.61 2.03 -9.46
CA GLN B 656 26.58 1.98 -9.44
C GLN B 656 25.21 2.51 -9.82
N LYS B 657 24.97 2.69 -11.12
CA LYS B 657 23.66 3.09 -11.61
C LYS B 657 22.62 2.06 -11.15
N ILE B 658 22.96 0.79 -11.36
CA ILE B 658 22.11 -0.32 -10.97
C ILE B 658 21.87 -0.35 -9.47
N CYS B 659 22.94 -0.19 -8.69
CA CYS B 659 22.82 -0.15 -7.25
C CYS B 659 21.99 1.04 -6.76
N ASP B 660 22.23 2.20 -7.36
CA ASP B 660 21.50 3.41 -6.98
C ASP B 660 20.02 3.32 -7.36
N GLU B 661 19.72 2.82 -8.56
CA GLU B 661 18.33 2.74 -8.99
C GLU B 661 17.51 1.82 -8.10
N PHE B 662 18.11 0.69 -7.69
CA PHE B 662 17.39 -0.30 -6.90
C PHE B 662 17.66 -0.26 -5.39
N HIS B 663 18.35 0.80 -4.95
CA HIS B 663 18.62 1.04 -3.53
C HIS B 663 19.28 -0.15 -2.85
N ILE B 664 20.19 -0.80 -3.55
CA ILE B 664 20.94 -1.91 -2.98
C ILE B 664 22.41 -1.51 -2.85
N GLN B 665 23.15 -2.24 -2.01
CA GLN B 665 24.57 -1.97 -1.79
C GLN B 665 25.38 -3.25 -1.94
N ALA B 666 26.55 -3.13 -2.54
CA ALA B 666 27.41 -4.28 -2.79
C ALA B 666 28.74 -4.14 -2.05
N ARG B 667 29.05 -5.11 -1.19
CA ARG B 667 30.33 -5.12 -0.48
C ARG B 667 31.06 -6.45 -0.65
N PHE B 684 30.71 -11.00 -3.94
CA PHE B 684 29.95 -9.83 -3.51
C PHE B 684 28.76 -10.19 -2.64
N ASP B 685 28.55 -9.41 -1.58
CA ASP B 685 27.33 -9.50 -0.79
C ASP B 685 26.46 -8.29 -1.14
N ILE B 686 25.37 -8.54 -1.85
CA ILE B 686 24.45 -7.48 -2.26
C ILE B 686 23.33 -7.41 -1.24
N SER B 687 23.06 -6.21 -0.72
CA SER B 687 22.01 -6.07 0.28
C SER B 687 21.19 -4.79 0.08
N ASN B 688 19.98 -4.77 0.66
CA ASN B 688 19.10 -3.60 0.59
C ASN B 688 19.58 -2.47 1.50
N ARG B 689 19.46 -1.24 1.01
CA ARG B 689 19.91 -0.10 1.78
C ARG B 689 18.79 0.47 2.64
N ARG B 690 17.54 0.27 2.21
CA ARG B 690 16.38 0.93 2.82
C ARG B 690 15.44 0.00 3.59
N ARG B 691 14.77 0.56 4.60
CA ARG B 691 13.79 -0.20 5.39
C ARG B 691 12.48 0.53 5.57
N LEU B 692 12.52 1.87 5.54
CA LEU B 692 11.31 2.66 5.68
C LEU B 692 10.94 3.28 4.35
N GLY B 693 9.64 3.25 4.02
CA GLY B 693 9.15 3.91 2.81
C GLY B 693 9.00 2.97 1.63
N LEU B 694 9.32 1.70 1.85
CA LEU B 694 9.13 0.66 0.84
C LEU B 694 8.66 -0.59 1.58
N SER B 695 7.86 -1.41 0.93
CA SER B 695 7.34 -2.61 1.59
C SER B 695 8.31 -3.79 1.45
N GLU B 696 8.03 -4.85 2.20
CA GLU B 696 8.83 -6.06 2.10
C GLU B 696 8.78 -6.63 0.69
N VAL B 697 7.60 -6.61 0.07
CA VAL B 697 7.47 -7.05 -1.32
C VAL B 697 8.33 -6.21 -2.26
N GLN B 698 8.28 -4.88 -2.11
CA GLN B 698 9.04 -3.99 -2.96
C GLN B 698 10.56 -4.17 -2.77
N CYS B 699 10.97 -4.29 -1.53
CA CYS B 699 12.38 -4.55 -1.22
C CYS B 699 12.89 -5.83 -1.89
N VAL B 700 12.10 -6.90 -1.81
CA VAL B 700 12.49 -8.18 -2.38
C VAL B 700 12.50 -8.12 -3.91
N GLN B 701 11.53 -7.43 -4.47
CA GLN B 701 11.49 -7.28 -5.92
C GLN B 701 12.64 -6.41 -6.40
N ASP B 702 12.99 -5.38 -5.62
CA ASP B 702 14.13 -4.52 -5.95
C ASP B 702 15.41 -5.34 -6.03
N MET B 703 15.60 -6.22 -5.05
CA MET B 703 16.81 -7.04 -4.99
C MET B 703 16.84 -7.98 -6.19
N TYR B 704 15.71 -8.59 -6.50
CA TYR B 704 15.61 -9.47 -7.67
C TYR B 704 15.94 -8.71 -8.94
N ASN B 705 15.34 -7.54 -9.11
CA ASN B 705 15.50 -6.76 -10.33
C ASN B 705 16.93 -6.26 -10.52
N GLY B 706 17.53 -5.79 -9.43
CA GLY B 706 18.91 -5.31 -9.46
C GLY B 706 19.88 -6.43 -9.80
N VAL B 707 19.70 -7.59 -9.15
CA VAL B 707 20.59 -8.73 -9.37
C VAL B 707 20.43 -9.28 -10.80
N LYS B 708 19.19 -9.26 -11.29
CA LYS B 708 18.93 -9.68 -12.66
C LYS B 708 19.75 -8.83 -13.63
N LYS B 709 19.77 -7.53 -13.40
CA LYS B 709 20.53 -6.62 -14.27
C LYS B 709 22.04 -6.84 -14.19
N LEU B 710 22.52 -7.20 -13.00
CA LEU B 710 23.92 -7.52 -12.81
C LEU B 710 24.30 -8.77 -13.61
N LEU B 711 23.48 -9.81 -13.48
CA LEU B 711 23.73 -11.06 -14.20
C LEU B 711 23.69 -10.87 -15.72
N GLU B 712 22.80 -10.00 -16.19
CA GLU B 712 22.70 -9.69 -17.62
C GLU B 712 24.00 -9.10 -18.15
N ILE B 713 24.59 -8.20 -17.39
CA ILE B 713 25.90 -7.65 -17.72
C ILE B 713 26.94 -8.76 -17.69
N GLU B 714 26.95 -9.49 -16.58
CA GLU B 714 27.98 -10.49 -16.29
C GLU B 714 28.22 -11.45 -17.45
N LYS B 715 27.12 -11.88 -18.07
CA LYS B 715 27.18 -12.89 -19.12
C LYS B 715 26.93 -12.33 -20.53
N SER B 716 27.00 -11.01 -20.67
CA SER B 716 26.95 -10.38 -21.99
C SER B 716 28.27 -9.66 -22.28
#